data_7D7W
# 
_entry.id   7D7W 
# 
_audit_conform.dict_name       mmcif_pdbx.dic 
_audit_conform.dict_version    5.380 
_audit_conform.dict_location   http://mmcif.pdb.org/dictionaries/ascii/mmcif_pdbx.dic 
# 
loop_
_database_2.database_id 
_database_2.database_code 
_database_2.pdbx_database_accession 
_database_2.pdbx_DOI 
PDB   7D7W         pdb_00007d7w 10.2210/pdb7d7w/pdb 
WWPDB D_1300018908 ?            ?                   
# 
_pdbx_database_status.status_code                     REL 
_pdbx_database_status.status_code_sf                  REL 
_pdbx_database_status.status_code_mr                  ? 
_pdbx_database_status.entry_id                        7D7W 
_pdbx_database_status.recvd_initial_deposition_date   2020-10-06 
_pdbx_database_status.SG_entry                        N 
_pdbx_database_status.deposit_site                    PDBJ 
_pdbx_database_status.process_site                    PDBJ 
_pdbx_database_status.status_code_cs                  ? 
_pdbx_database_status.status_code_nmr_data            ? 
_pdbx_database_status.methods_development_category    ? 
_pdbx_database_status.pdb_format_compatible           Y 
# 
loop_
_audit_author.name 
_audit_author.pdbx_ordinal 
_audit_author.identifier_ORCID 
'Chen, H.'  1 0000-0001-7436-5895 
'Ren, A.M.' 2 0000-0002-5420-4899 
# 
_citation.abstract                  ? 
_citation.abstract_id_CAS           ? 
_citation.book_id_ISBN              ? 
_citation.book_publisher            ? 
_citation.book_publisher_city       ? 
_citation.book_title                ? 
_citation.coordinate_linkage        ? 
_citation.country                   UK 
_citation.database_id_Medline       ? 
_citation.details                   ? 
_citation.id                        primary 
_citation.journal_abbrev            'Nucleic Acids Res.' 
_citation.journal_id_ASTM           NARHAD 
_citation.journal_id_CSD            0389 
_citation.journal_id_ISSN           1362-4962 
_citation.journal_full              ? 
_citation.journal_issue             ? 
_citation.journal_volume            48 
_citation.language                  ? 
_citation.page_first                12394 
_citation.page_last                 12406 
_citation.title                     
'Structural distinctions between NAD+ riboswitch domains 1 and 2 determine differential folding and ligand binding.' 
_citation.year                      2020 
_citation.database_id_CSD           ? 
_citation.pdbx_database_id_DOI      10.1093/nar/gkaa1029 
_citation.pdbx_database_id_PubMed   33170270 
_citation.unpublished_flag          ? 
# 
loop_
_citation_author.citation_id 
_citation_author.name 
_citation_author.ordinal 
_citation_author.identifier_ORCID 
primary 'Chen, H.'         1 ? 
primary 'Egger, M.'        2 ? 
primary 'Xu, X.'           3 ? 
primary 'Flemmich, L.'     4 ? 
primary 'Krasheninina, O.' 5 ? 
primary 'Sun, A.'          6 ? 
primary 'Micura, R.'       7 ? 
primary 'Ren, A.'          8 ? 
# 
_cell.angle_alpha                  90.000 
_cell.angle_alpha_esd              ? 
_cell.angle_beta                   90.000 
_cell.angle_beta_esd               ? 
_cell.angle_gamma                  90.000 
_cell.angle_gamma_esd              ? 
_cell.entry_id                     7D7W 
_cell.details                      ? 
_cell.formula_units_Z              ? 
_cell.length_a                     55.392 
_cell.length_a_esd                 ? 
_cell.length_b                     57.442 
_cell.length_b_esd                 ? 
_cell.length_c                     196.444 
_cell.length_c_esd                 ? 
_cell.volume                       ? 
_cell.volume_esd                   ? 
_cell.Z_PDB                        8 
_cell.reciprocal_angle_alpha       ? 
_cell.reciprocal_angle_beta        ? 
_cell.reciprocal_angle_gamma       ? 
_cell.reciprocal_angle_alpha_esd   ? 
_cell.reciprocal_angle_beta_esd    ? 
_cell.reciprocal_angle_gamma_esd   ? 
_cell.reciprocal_length_a          ? 
_cell.reciprocal_length_b          ? 
_cell.reciprocal_length_c          ? 
_cell.reciprocal_length_a_esd      ? 
_cell.reciprocal_length_b_esd      ? 
_cell.reciprocal_length_c_esd      ? 
_cell.pdbx_unique_axis             ? 
# 
_symmetry.entry_id                         7D7W 
_symmetry.cell_setting                     ? 
_symmetry.Int_Tables_number                23 
_symmetry.space_group_name_Hall            ? 
_symmetry.space_group_name_H-M             'I 2 2 2' 
_symmetry.pdbx_full_space_group_name_H-M   ? 
# 
loop_
_entity.id 
_entity.type 
_entity.src_method 
_entity.pdbx_description 
_entity.formula_weight 
_entity.pdbx_number_of_molecules 
_entity.pdbx_ec 
_entity.pdbx_mutation 
_entity.pdbx_fragment 
_entity.details 
1 polymer     syn '18GAAA (52-MER)'                 16438.873 1  ? ? ? ? 
2 non-polymer syn "GUANOSINE-5'-TRIPHOSPHATE"       523.180   1  ? ? ? ? 
3 non-polymer syn NICOTINAMIDE-ADENINE-DINUCLEOTIDE 663.425   1  ? ? ? ? 
4 non-polymer syn 'MAGNESIUM ION'                   24.305    11 ? ? ? ? 
5 water       nat water                             18.015    43 ? ? ? ? 
# 
_entity_poly.entity_id                      1 
_entity_poly.type                           polyribonucleotide 
_entity_poly.nstd_linkage                   no 
_entity_poly.nstd_monomer                   no 
_entity_poly.pdbx_seq_one_letter_code       GCUUCAACAACCCCGUAGGUGGGGACGAAAGUCAGCGCACCUACUGGAGCC 
_entity_poly.pdbx_seq_one_letter_code_can   GCUUCAACAACCCCGUAGGUGGGGACGAAAGUCAGCGCACCUACUGGAGCC 
_entity_poly.pdbx_strand_id                 A 
_entity_poly.pdbx_target_identifier         ? 
# 
loop_
_entity_poly_seq.entity_id 
_entity_poly_seq.num 
_entity_poly_seq.mon_id 
_entity_poly_seq.hetero 
1 1  G n 
1 2  C n 
1 3  U n 
1 4  U n 
1 5  C n 
1 6  A n 
1 7  A n 
1 8  C n 
1 9  A n 
1 10 A n 
1 11 C n 
1 12 C n 
1 13 C n 
1 14 C n 
1 15 G n 
1 16 U n 
1 17 A n 
1 18 G n 
1 19 G n 
1 20 U n 
1 21 G n 
1 22 G n 
1 23 G n 
1 24 G n 
1 25 A n 
1 26 C n 
1 27 G n 
1 28 A n 
1 29 A n 
1 30 A n 
1 31 G n 
1 32 U n 
1 33 C n 
1 34 A n 
1 35 G n 
1 36 C n 
1 37 G n 
1 38 C n 
1 39 A n 
1 40 C n 
1 41 C n 
1 42 U n 
1 43 A n 
1 44 C n 
1 45 U n 
1 46 G n 
1 47 G n 
1 48 A n 
1 49 G n 
1 50 C n 
1 51 C n 
# 
_pdbx_entity_src_syn.entity_id              1 
_pdbx_entity_src_syn.pdbx_src_id            1 
_pdbx_entity_src_syn.pdbx_alt_source_flag   sample 
_pdbx_entity_src_syn.pdbx_beg_seq_num       1 
_pdbx_entity_src_syn.pdbx_end_seq_num       51 
_pdbx_entity_src_syn.organism_scientific    'synthetic construct' 
_pdbx_entity_src_syn.organism_common_name   ? 
_pdbx_entity_src_syn.ncbi_taxonomy_id       32630 
_pdbx_entity_src_syn.details                ? 
# 
_struct_ref.id                         1 
_struct_ref.db_name                    PDB 
_struct_ref.db_code                    7D7W 
_struct_ref.pdbx_db_accession          7D7W 
_struct_ref.pdbx_db_isoform            ? 
_struct_ref.entity_id                  1 
_struct_ref.pdbx_seq_one_letter_code   ? 
_struct_ref.pdbx_align_begin           1 
# 
_struct_ref_seq.align_id                      1 
_struct_ref_seq.ref_id                        1 
_struct_ref_seq.pdbx_PDB_id_code              7D7W 
_struct_ref_seq.pdbx_strand_id                A 
_struct_ref_seq.seq_align_beg                 1 
_struct_ref_seq.pdbx_seq_align_beg_ins_code   ? 
_struct_ref_seq.seq_align_end                 51 
_struct_ref_seq.pdbx_seq_align_end_ins_code   ? 
_struct_ref_seq.pdbx_db_accession             7D7W 
_struct_ref_seq.db_align_beg                  2 
_struct_ref_seq.pdbx_db_align_beg_ins_code    ? 
_struct_ref_seq.db_align_end                  52 
_struct_ref_seq.pdbx_db_align_end_ins_code    ? 
_struct_ref_seq.pdbx_auth_seq_align_beg       2 
_struct_ref_seq.pdbx_auth_seq_align_end       52 
# 
loop_
_chem_comp.id 
_chem_comp.type 
_chem_comp.mon_nstd_flag 
_chem_comp.name 
_chem_comp.pdbx_synonyms 
_chem_comp.formula 
_chem_comp.formula_weight 
A   'RNA linking' y "ADENOSINE-5'-MONOPHOSPHATE"      ? 'C10 H14 N5 O7 P'   347.221 
C   'RNA linking' y "CYTIDINE-5'-MONOPHOSPHATE"       ? 'C9 H14 N3 O8 P'    323.197 
G   'RNA linking' y "GUANOSINE-5'-MONOPHOSPHATE"      ? 'C10 H14 N5 O8 P'   363.221 
GTP non-polymer   n "GUANOSINE-5'-TRIPHOSPHATE"       ? 'C10 H16 N5 O14 P3' 523.180 
HOH non-polymer   . WATER                             ? 'H2 O'              18.015  
MG  non-polymer   . 'MAGNESIUM ION'                   ? 'Mg 2'              24.305  
NAD non-polymer   . NICOTINAMIDE-ADENINE-DINUCLEOTIDE ? 'C21 H27 N7 O14 P2' 663.425 
U   'RNA linking' y "URIDINE-5'-MONOPHOSPHATE"        ? 'C9 H13 N2 O9 P'    324.181 
# 
_exptl.absorpt_coefficient_mu     ? 
_exptl.absorpt_correction_T_max   ? 
_exptl.absorpt_correction_T_min   ? 
_exptl.absorpt_correction_type    ? 
_exptl.absorpt_process_details    ? 
_exptl.entry_id                   7D7W 
_exptl.crystals_number            1 
_exptl.details                    ? 
_exptl.method                     'X-RAY DIFFRACTION' 
_exptl.method_details             ? 
# 
_exptl_crystal.colour                      ? 
_exptl_crystal.density_diffrn              ? 
_exptl_crystal.density_Matthews            4.75 
_exptl_crystal.density_method              ? 
_exptl_crystal.density_percent_sol         74.12 
_exptl_crystal.description                 ? 
_exptl_crystal.F_000                       ? 
_exptl_crystal.id                          1 
_exptl_crystal.preparation                 ? 
_exptl_crystal.size_max                    ? 
_exptl_crystal.size_mid                    ? 
_exptl_crystal.size_min                    ? 
_exptl_crystal.size_rad                    ? 
_exptl_crystal.colour_lustre               ? 
_exptl_crystal.colour_modifier             ? 
_exptl_crystal.colour_primary              ? 
_exptl_crystal.density_meas                ? 
_exptl_crystal.density_meas_esd            ? 
_exptl_crystal.density_meas_gt             ? 
_exptl_crystal.density_meas_lt             ? 
_exptl_crystal.density_meas_temp           ? 
_exptl_crystal.density_meas_temp_esd       ? 
_exptl_crystal.density_meas_temp_gt        ? 
_exptl_crystal.density_meas_temp_lt        ? 
_exptl_crystal.pdbx_crystal_image_url      ? 
_exptl_crystal.pdbx_crystal_image_format   ? 
_exptl_crystal.pdbx_mosaicity              ? 
_exptl_crystal.pdbx_mosaicity_esd          ? 
# 
_exptl_crystal_grow.apparatus       ? 
_exptl_crystal_grow.atmosphere      ? 
_exptl_crystal_grow.crystal_id      1 
_exptl_crystal_grow.details         ? 
_exptl_crystal_grow.method          'VAPOR DIFFUSION, SITTING DROP' 
_exptl_crystal_grow.method_ref      ? 
_exptl_crystal_grow.pH              ? 
_exptl_crystal_grow.pressure        ? 
_exptl_crystal_grow.pressure_esd    ? 
_exptl_crystal_grow.seeding         ? 
_exptl_crystal_grow.seeding_ref     ? 
_exptl_crystal_grow.temp            289 
_exptl_crystal_grow.temp_details    ? 
_exptl_crystal_grow.temp_esd        ? 
_exptl_crystal_grow.time            ? 
_exptl_crystal_grow.pdbx_details    '0.1 M MES pH 6.5, 1.6 M MgSO4' 
_exptl_crystal_grow.pdbx_pH_range   ? 
# 
_diffrn.ambient_environment              ? 
_diffrn.ambient_temp                     100 
_diffrn.ambient_temp_details             ? 
_diffrn.ambient_temp_esd                 ? 
_diffrn.crystal_id                       1 
_diffrn.crystal_support                  ? 
_diffrn.crystal_treatment                ? 
_diffrn.details                          ? 
_diffrn.id                               1 
_diffrn.ambient_pressure                 ? 
_diffrn.ambient_pressure_esd             ? 
_diffrn.ambient_pressure_gt              ? 
_diffrn.ambient_pressure_lt              ? 
_diffrn.ambient_temp_gt                  ? 
_diffrn.ambient_temp_lt                  ? 
_diffrn.pdbx_serial_crystal_experiment   N 
# 
_diffrn_detector.details                      ? 
_diffrn_detector.detector                     PIXEL 
_diffrn_detector.diffrn_id                    1 
_diffrn_detector.type                         'DECTRIS PILATUS3 6M' 
_diffrn_detector.area_resol_mean              ? 
_diffrn_detector.dtime                        ? 
_diffrn_detector.pdbx_frames_total            ? 
_diffrn_detector.pdbx_collection_time_total   ? 
_diffrn_detector.pdbx_collection_date         2019-12-28 
_diffrn_detector.pdbx_frequency               ? 
# 
_diffrn_radiation.collimation                      ? 
_diffrn_radiation.diffrn_id                        1 
_diffrn_radiation.filter_edge                      ? 
_diffrn_radiation.inhomogeneity                    ? 
_diffrn_radiation.monochromator                    ? 
_diffrn_radiation.polarisn_norm                    ? 
_diffrn_radiation.polarisn_ratio                   ? 
_diffrn_radiation.probe                            ? 
_diffrn_radiation.type                             ? 
_diffrn_radiation.xray_symbol                      ? 
_diffrn_radiation.wavelength_id                    1 
_diffrn_radiation.pdbx_monochromatic_or_laue_m_l   M 
_diffrn_radiation.pdbx_wavelength_list             ? 
_diffrn_radiation.pdbx_wavelength                  ? 
_diffrn_radiation.pdbx_diffrn_protocol             'SINGLE WAVELENGTH' 
_diffrn_radiation.pdbx_analyzer                    ? 
_diffrn_radiation.pdbx_scattering_type             x-ray 
# 
_diffrn_radiation_wavelength.id           1 
_diffrn_radiation_wavelength.wavelength   0.97930 
_diffrn_radiation_wavelength.wt           1.0 
# 
_diffrn_source.current                     ? 
_diffrn_source.details                     ? 
_diffrn_source.diffrn_id                   1 
_diffrn_source.power                       ? 
_diffrn_source.size                        ? 
_diffrn_source.source                      SYNCHROTRON 
_diffrn_source.target                      ? 
_diffrn_source.type                        'SSRF BEAMLINE BL18U1' 
_diffrn_source.voltage                     ? 
_diffrn_source.take-off_angle              ? 
_diffrn_source.pdbx_wavelength_list        0.97930 
_diffrn_source.pdbx_wavelength             ? 
_diffrn_source.pdbx_synchrotron_beamline   BL18U1 
_diffrn_source.pdbx_synchrotron_site       SSRF 
# 
_reflns.B_iso_Wilson_estimate            ? 
_reflns.entry_id                         7D7W 
_reflns.data_reduction_details           ? 
_reflns.data_reduction_method            ? 
_reflns.d_resolution_high                2.3910 
_reflns.d_resolution_low                 50.000 
_reflns.details                          ? 
_reflns.limit_h_max                      ? 
_reflns.limit_h_min                      ? 
_reflns.limit_k_max                      ? 
_reflns.limit_k_min                      ? 
_reflns.limit_l_max                      ? 
_reflns.limit_l_min                      ? 
_reflns.number_all                       ? 
_reflns.number_obs                       12783 
_reflns.observed_criterion               ? 
_reflns.observed_criterion_F_max         ? 
_reflns.observed_criterion_F_min         ? 
_reflns.observed_criterion_I_max         ? 
_reflns.observed_criterion_I_min         ? 
_reflns.observed_criterion_sigma_F       ? 
_reflns.observed_criterion_sigma_I       ? 
_reflns.percent_possible_obs             99.700 
_reflns.R_free_details                   ? 
_reflns.Rmerge_F_all                     ? 
_reflns.Rmerge_F_obs                     ? 
_reflns.Friedel_coverage                 ? 
_reflns.number_gt                        ? 
_reflns.threshold_expression             ? 
_reflns.pdbx_redundancy                  12.800 
_reflns.pdbx_Rmerge_I_obs                0.082 
_reflns.pdbx_Rmerge_I_all                ? 
_reflns.pdbx_Rsym_value                  ? 
_reflns.pdbx_netI_over_av_sigmaI         ? 
_reflns.pdbx_netI_over_sigmaI            5.000 
_reflns.pdbx_res_netI_over_av_sigmaI_2   ? 
_reflns.pdbx_res_netI_over_sigmaI_2      ? 
_reflns.pdbx_chi_squared                 0.898 
_reflns.pdbx_scaling_rejects             ? 
_reflns.pdbx_d_res_high_opt              ? 
_reflns.pdbx_d_res_low_opt               ? 
_reflns.pdbx_d_res_opt_method            ? 
_reflns.phase_calculation_details        ? 
_reflns.pdbx_Rrim_I_all                  0.085 
_reflns.pdbx_Rpim_I_all                  0.024 
_reflns.pdbx_d_opt                       ? 
_reflns.pdbx_number_measured_all         ? 
_reflns.pdbx_diffrn_id                   1 
_reflns.pdbx_ordinal                     1 
_reflns.pdbx_CC_half                     ? 
_reflns.pdbx_CC_star                     ? 
_reflns.pdbx_R_split                     ? 
# 
loop_
_reflns_shell.d_res_high 
_reflns_shell.d_res_low 
_reflns_shell.meanI_over_sigI_all 
_reflns_shell.meanI_over_sigI_obs 
_reflns_shell.number_measured_all 
_reflns_shell.number_measured_obs 
_reflns_shell.number_possible 
_reflns_shell.number_unique_all 
_reflns_shell.number_unique_obs 
_reflns_shell.percent_possible_all 
_reflns_shell.percent_possible_obs 
_reflns_shell.Rmerge_F_all 
_reflns_shell.Rmerge_F_obs 
_reflns_shell.Rmerge_I_all 
_reflns_shell.Rmerge_I_obs 
_reflns_shell.meanI_over_sigI_gt 
_reflns_shell.meanI_over_uI_all 
_reflns_shell.meanI_over_uI_gt 
_reflns_shell.number_measured_gt 
_reflns_shell.number_unique_gt 
_reflns_shell.percent_possible_gt 
_reflns_shell.Rmerge_F_gt 
_reflns_shell.Rmerge_I_gt 
_reflns_shell.pdbx_redundancy 
_reflns_shell.pdbx_Rsym_value 
_reflns_shell.pdbx_chi_squared 
_reflns_shell.pdbx_netI_over_sigmaI_all 
_reflns_shell.pdbx_netI_over_sigmaI_obs 
_reflns_shell.pdbx_Rrim_I_all 
_reflns_shell.pdbx_Rpim_I_all 
_reflns_shell.pdbx_rejects 
_reflns_shell.pdbx_ordinal 
_reflns_shell.pdbx_diffrn_id 
_reflns_shell.pdbx_CC_half 
_reflns_shell.pdbx_CC_star 
_reflns_shell.pdbx_R_split 
2.400 2.440  ? ? ? ? ? ? 615 100.000 ? ? ? ? 1.429 ? ? ? ? ? ? ? ? 12.100 ? 0.415 ? ? 1.492 0.425 ? 1  1 0.928 ? ? 
2.440 2.490  ? ? ? ? ? ? 620 100.000 ? ? ? ? 1.159 ? ? ? ? ? ? ? ? 11.800 ? 0.434 ? ? 1.212 0.348 ? 2  1 0.900 ? ? 
2.490 2.530  ? ? ? ? ? ? 629 98.900  ? ? ? ? 1.028 ? ? ? ? ? ? ? ? 12.200 ? 0.425 ? ? 1.072 0.302 ? 3  1 0.936 ? ? 
2.530 2.590  ? ? ? ? ? ? 634 100.000 ? ? ? ? 0.936 ? ? ? ? ? ? ? ? 13.300 ? 0.432 ? ? 0.973 0.263 ? 4  1 0.948 ? ? 
2.590 2.640  ? ? ? ? ? ? 618 99.000  ? ? ? ? 0.710 ? ? ? ? ? ? ? ? 13.600 ? 0.448 ? ? 0.737 0.197 ? 5  1 0.966 ? ? 
2.640 2.700  ? ? ? ? ? ? 623 100.000 ? ? ? ? 0.663 ? ? ? ? ? ? ? ? 13.400 ? 0.812 ? ? 0.689 0.186 ? 6  1 0.963 ? ? 
2.700 2.770  ? ? ? ? ? ? 635 99.200  ? ? ? ? 0.396 ? ? ? ? ? ? ? ? 13.500 ? 0.491 ? ? 0.412 0.111 ? 7  1 0.995 ? ? 
2.770 2.850  ? ? ? ? ? ? 641 100.000 ? ? ? ? 0.265 ? ? ? ? ? ? ? ? 13.300 ? 0.493 ? ? 0.275 0.075 ? 8  1 0.993 ? ? 
2.850 2.930  ? ? ? ? ? ? 625 99.500  ? ? ? ? 0.174 ? ? ? ? ? ? ? ? 13.400 ? 0.518 ? ? 0.181 0.049 ? 9  1 0.998 ? ? 
2.930 3.020  ? ? ? ? ? ? 626 100.000 ? ? ? ? 0.128 ? ? ? ? ? ? ? ? 13.100 ? 0.576 ? ? 0.133 0.036 ? 10 1 0.999 ? ? 
3.020 3.130  ? ? ? ? ? ? 636 99.700  ? ? ? ? 0.095 ? ? ? ? ? ? ? ? 12.800 ? 0.687 ? ? 0.100 0.028 ? 11 1 0.999 ? ? 
3.130 3.260  ? ? ? ? ? ? 624 99.700  ? ? ? ? 0.085 ? ? ? ? ? ? ? ? 12.000 ? 0.802 ? ? 0.089 0.027 ? 12 1 0.998 ? ? 
3.260 3.410  ? ? ? ? ? ? 638 99.800  ? ? ? ? 0.077 ? ? ? ? ? ? ? ? 12.900 ? 0.899 ? ? 0.081 0.023 ? 13 1 0.999 ? ? 
3.410 3.580  ? ? ? ? ? ? 646 100.000 ? ? ? ? 0.078 ? ? ? ? ? ? ? ? 13.600 ? 1.310 ? ? 0.081 0.022 ? 14 1 0.999 ? ? 
3.580 3.810  ? ? ? ? ? ? 639 99.800  ? ? ? ? 0.074 ? ? ? ? ? ? ? ? 13.300 ? 1.384 ? ? 0.077 0.021 ? 15 1 0.999 ? ? 
3.810 4.100  ? ? ? ? ? ? 651 100.000 ? ? ? ? 0.071 ? ? ? ? ? ? ? ? 13.100 ? 1.576 ? ? 0.074 0.020 ? 16 1 0.999 ? ? 
4.100 4.520  ? ? ? ? ? ? 646 99.800  ? ? ? ? 0.065 ? ? ? ? ? ? ? ? 12.600 ? 1.418 ? ? 0.068 0.019 ? 17 1 0.998 ? ? 
4.520 5.170  ? ? ? ? ? ? 654 100.000 ? ? ? ? 0.062 ? ? ? ? ? ? ? ? 12.000 ? 1.593 ? ? 0.065 0.019 ? 18 1 0.998 ? ? 
5.170 6.510  ? ? ? ? ? ? 665 100.000 ? ? ? ? 0.063 ? ? ? ? ? ? ? ? 13.000 ? 1.483 ? ? 0.066 0.018 ? 19 1 0.998 ? ? 
6.510 50.000 ? ? ? ? ? ? 718 99.300  ? ? ? ? 0.063 ? ? ? ? ? ? ? ? 11.100 ? 1.664 ? ? 0.065 0.019 ? 20 1 0.998 ? ? 
# 
_refine.aniso_B[1][1]                            ? 
_refine.aniso_B[1][2]                            ? 
_refine.aniso_B[1][3]                            ? 
_refine.aniso_B[2][2]                            ? 
_refine.aniso_B[2][3]                            ? 
_refine.aniso_B[3][3]                            ? 
_refine.B_iso_max                                133.190 
_refine.B_iso_mean                               84.9277 
_refine.B_iso_min                                61.810 
_refine.correlation_coeff_Fo_to_Fc               ? 
_refine.correlation_coeff_Fo_to_Fc_free          ? 
_refine.details                                  ? 
_refine.diff_density_max                         ? 
_refine.diff_density_max_esd                     ? 
_refine.diff_density_min                         ? 
_refine.diff_density_min_esd                     ? 
_refine.diff_density_rms                         ? 
_refine.diff_density_rms_esd                     ? 
_refine.entry_id                                 7D7W 
_refine.pdbx_refine_id                           'X-RAY DIFFRACTION' 
_refine.ls_abs_structure_details                 ? 
_refine.ls_abs_structure_Flack                   ? 
_refine.ls_abs_structure_Flack_esd               ? 
_refine.ls_abs_structure_Rogers                  ? 
_refine.ls_abs_structure_Rogers_esd              ? 
_refine.ls_d_res_high                            2.3910 
_refine.ls_d_res_low                             25.0340 
_refine.ls_extinction_coef                       ? 
_refine.ls_extinction_coef_esd                   ? 
_refine.ls_extinction_expression                 ? 
_refine.ls_extinction_method                     ? 
_refine.ls_goodness_of_fit_all                   ? 
_refine.ls_goodness_of_fit_all_esd               ? 
_refine.ls_goodness_of_fit_obs                   ? 
_refine.ls_goodness_of_fit_obs_esd               ? 
_refine.ls_hydrogen_treatment                    ? 
_refine.ls_matrix_type                           ? 
_refine.ls_number_constraints                    ? 
_refine.ls_number_parameters                     ? 
_refine.ls_number_reflns_all                     ? 
_refine.ls_number_reflns_obs                     12594 
_refine.ls_number_reflns_R_free                  655 
_refine.ls_number_reflns_R_work                  11939 
_refine.ls_number_restraints                     ? 
_refine.ls_percent_reflns_obs                    98.1500 
_refine.ls_percent_reflns_R_free                 5.2000 
_refine.ls_R_factor_all                          ? 
_refine.ls_R_factor_obs                          0.2175 
_refine.ls_R_factor_R_free                       0.2355 
_refine.ls_R_factor_R_free_error                 ? 
_refine.ls_R_factor_R_free_error_details         ? 
_refine.ls_R_factor_R_work                       0.2165 
_refine.ls_R_Fsqd_factor_obs                     ? 
_refine.ls_R_I_factor_obs                        ? 
_refine.ls_redundancy_reflns_all                 ? 
_refine.ls_redundancy_reflns_obs                 ? 
_refine.ls_restrained_S_all                      ? 
_refine.ls_restrained_S_obs                      ? 
_refine.ls_shift_over_esd_max                    ? 
_refine.ls_shift_over_esd_mean                   ? 
_refine.ls_structure_factor_coef                 ? 
_refine.ls_weighting_details                     ? 
_refine.ls_weighting_scheme                      ? 
_refine.ls_wR_factor_all                         ? 
_refine.ls_wR_factor_obs                         ? 
_refine.ls_wR_factor_R_free                      ? 
_refine.ls_wR_factor_R_work                      ? 
_refine.occupancy_max                            ? 
_refine.occupancy_min                            ? 
_refine.solvent_model_details                    'FLAT BULK SOLVENT MODEL' 
_refine.solvent_model_param_bsol                 ? 
_refine.solvent_model_param_ksol                 ? 
_refine.pdbx_R_complete                          ? 
_refine.ls_R_factor_gt                           ? 
_refine.ls_goodness_of_fit_gt                    ? 
_refine.ls_goodness_of_fit_ref                   ? 
_refine.ls_shift_over_su_max                     ? 
_refine.ls_shift_over_su_max_lt                  ? 
_refine.ls_shift_over_su_mean                    ? 
_refine.ls_shift_over_su_mean_lt                 ? 
_refine.pdbx_ls_sigma_I                          ? 
_refine.pdbx_ls_sigma_F                          1.340 
_refine.pdbx_ls_sigma_Fsqd                       ? 
_refine.pdbx_data_cutoff_high_absF               ? 
_refine.pdbx_data_cutoff_high_rms_absF           ? 
_refine.pdbx_data_cutoff_low_absF                ? 
_refine.pdbx_isotropic_thermal_model             ? 
_refine.pdbx_ls_cross_valid_method               THROUGHOUT 
_refine.pdbx_method_to_determine_struct          'MOLECULAR REPLACEMENT' 
_refine.pdbx_starting_model                      7D7V 
_refine.pdbx_stereochemistry_target_values       ML 
_refine.pdbx_R_Free_selection_details            ? 
_refine.pdbx_stereochem_target_val_spec_case     ? 
_refine.pdbx_overall_ESU_R                       ? 
_refine.pdbx_overall_ESU_R_Free                  ? 
_refine.pdbx_solvent_vdw_probe_radii             1.1100 
_refine.pdbx_solvent_ion_probe_radii             ? 
_refine.pdbx_solvent_shrinkage_radii             0.9000 
_refine.pdbx_real_space_R                        ? 
_refine.pdbx_density_correlation                 ? 
_refine.pdbx_pd_number_of_powder_patterns        ? 
_refine.pdbx_pd_number_of_points                 ? 
_refine.pdbx_pd_meas_number_of_points            ? 
_refine.pdbx_pd_proc_ls_prof_R_factor            ? 
_refine.pdbx_pd_proc_ls_prof_wR_factor           ? 
_refine.pdbx_pd_Marquardt_correlation_coeff      ? 
_refine.pdbx_pd_Fsqrd_R_factor                   ? 
_refine.pdbx_pd_ls_matrix_band_width             ? 
_refine.pdbx_overall_phase_error                 37.6900 
_refine.pdbx_overall_SU_R_free_Cruickshank_DPI   ? 
_refine.pdbx_overall_SU_R_free_Blow_DPI          ? 
_refine.pdbx_overall_SU_R_Blow_DPI               ? 
_refine.pdbx_TLS_residual_ADP_flag               ? 
_refine.pdbx_diffrn_id                           1 
_refine.overall_SU_B                             ? 
_refine.overall_SU_ML                            0.3600 
_refine.overall_SU_R_Cruickshank_DPI             ? 
_refine.overall_SU_R_free                        ? 
_refine.overall_FOM_free_R_set                   ? 
_refine.overall_FOM_work_R_set                   ? 
_refine.pdbx_average_fsc_overall                 ? 
_refine.pdbx_average_fsc_work                    ? 
_refine.pdbx_average_fsc_free                    ? 
# 
_refine_hist.pdbx_refine_id                   'X-RAY DIFFRACTION' 
_refine_hist.cycle_id                         final 
_refine_hist.details                          ? 
_refine_hist.d_res_high                       2.3910 
_refine_hist.d_res_low                        25.0340 
_refine_hist.number_atoms_solvent             43 
_refine_hist.number_atoms_total               1217 
_refine_hist.number_reflns_all                ? 
_refine_hist.number_reflns_obs                ? 
_refine_hist.number_reflns_R_free             ? 
_refine_hist.number_reflns_R_work             ? 
_refine_hist.R_factor_all                     ? 
_refine_hist.R_factor_obs                     ? 
_refine_hist.R_factor_R_free                  ? 
_refine_hist.R_factor_R_work                  ? 
_refine_hist.pdbx_number_residues_total       52 
_refine_hist.pdbx_B_iso_mean_ligand           98.19 
_refine_hist.pdbx_B_iso_mean_solvent          77.55 
_refine_hist.pdbx_number_atoms_protein        0 
_refine_hist.pdbx_number_atoms_nucleic_acid   1119 
_refine_hist.pdbx_number_atoms_ligand         55 
_refine_hist.pdbx_number_atoms_lipid          ? 
_refine_hist.pdbx_number_atoms_carb           ? 
_refine_hist.pdbx_pseudo_atom_details         ? 
# 
loop_
_refine_ls_shell.pdbx_refine_id 
_refine_ls_shell.d_res_high 
_refine_ls_shell.d_res_low 
_refine_ls_shell.number_reflns_all 
_refine_ls_shell.number_reflns_obs 
_refine_ls_shell.number_reflns_R_free 
_refine_ls_shell.number_reflns_R_work 
_refine_ls_shell.percent_reflns_obs 
_refine_ls_shell.percent_reflns_R_free 
_refine_ls_shell.R_factor_all 
_refine_ls_shell.R_factor_obs 
_refine_ls_shell.R_factor_R_free 
_refine_ls_shell.R_factor_R_free_error 
_refine_ls_shell.R_factor_R_work 
_refine_ls_shell.redundancy_reflns_all 
_refine_ls_shell.redundancy_reflns_obs 
_refine_ls_shell.wR_factor_all 
_refine_ls_shell.wR_factor_obs 
_refine_ls_shell.wR_factor_R_free 
_refine_ls_shell.wR_factor_R_work 
_refine_ls_shell.pdbx_R_complete 
_refine_ls_shell.pdbx_total_number_of_bins_used 
_refine_ls_shell.pdbx_phase_error 
_refine_ls_shell.pdbx_fsc_work 
_refine_ls_shell.pdbx_fsc_free 
'X-RAY DIFFRACTION' 2.3911 2.5755  . . 135 2325 98.0000 . . . 0.4725 0.0000 0.4253 . . . . . . . . . . . 
'X-RAY DIFFRACTION' 2.5755 2.8344  . . 121 2369 99.0000 . . . 0.4209 0.0000 0.3632 . . . . . . . . . . . 
'X-RAY DIFFRACTION' 2.8344 3.2438  . . 126 2337 97.0000 . . . 0.2578 0.0000 0.2567 . . . . . . . . . . . 
'X-RAY DIFFRACTION' 3.2438 4.0839  . . 134 2391 98.0000 . . . 0.2252 0.0000 0.2037 . . . . . . . . . . . 
'X-RAY DIFFRACTION' 4.0839 25.0340 . . 139 2517 99.0000 . . . 0.1916 0.0000 0.1765 . . . . . . . . . . . 
# 
_struct.entry_id                     7D7W 
_struct.title                        
'Crystal Structure of the Domain1 of NAD+ Riboswitch with nicotinamide adenine dinucleotide (NAD+)' 
_struct.pdbx_model_details           ? 
_struct.pdbx_formula_weight          ? 
_struct.pdbx_formula_weight_method   ? 
_struct.pdbx_model_type_details      ? 
_struct.pdbx_CASP_flag               N 
# 
_struct_keywords.entry_id        7D7W 
_struct_keywords.text            'riboswitch, RNA structure, RNA folding, RNA-ligand interactions, RNA crystallography, RNA' 
_struct_keywords.pdbx_keywords   RNA 
# 
loop_
_struct_asym.id 
_struct_asym.pdbx_blank_PDB_chainid_flag 
_struct_asym.pdbx_modified 
_struct_asym.entity_id 
_struct_asym.details 
A N N 1 ? 
B N N 2 ? 
C N N 3 ? 
D N N 4 ? 
E N N 4 ? 
F N N 4 ? 
G N N 4 ? 
H N N 4 ? 
I N N 4 ? 
J N N 4 ? 
K N N 4 ? 
L N N 4 ? 
M N N 4 ? 
N N N 4 ? 
O N N 5 ? 
# 
loop_
_struct_conn.id 
_struct_conn.conn_type_id 
_struct_conn.pdbx_leaving_atom_flag 
_struct_conn.pdbx_PDB_id 
_struct_conn.ptnr1_label_asym_id 
_struct_conn.ptnr1_label_comp_id 
_struct_conn.ptnr1_label_seq_id 
_struct_conn.ptnr1_label_atom_id 
_struct_conn.pdbx_ptnr1_label_alt_id 
_struct_conn.pdbx_ptnr1_PDB_ins_code 
_struct_conn.pdbx_ptnr1_standard_comp_id 
_struct_conn.ptnr1_symmetry 
_struct_conn.ptnr2_label_asym_id 
_struct_conn.ptnr2_label_comp_id 
_struct_conn.ptnr2_label_seq_id 
_struct_conn.ptnr2_label_atom_id 
_struct_conn.pdbx_ptnr2_label_alt_id 
_struct_conn.pdbx_ptnr2_PDB_ins_code 
_struct_conn.ptnr1_auth_asym_id 
_struct_conn.ptnr1_auth_comp_id 
_struct_conn.ptnr1_auth_seq_id 
_struct_conn.ptnr2_auth_asym_id 
_struct_conn.ptnr2_auth_comp_id 
_struct_conn.ptnr2_auth_seq_id 
_struct_conn.ptnr2_symmetry 
_struct_conn.pdbx_ptnr3_label_atom_id 
_struct_conn.pdbx_ptnr3_label_seq_id 
_struct_conn.pdbx_ptnr3_label_comp_id 
_struct_conn.pdbx_ptnr3_label_asym_id 
_struct_conn.pdbx_ptnr3_label_alt_id 
_struct_conn.pdbx_ptnr3_PDB_ins_code 
_struct_conn.details 
_struct_conn.pdbx_dist_value 
_struct_conn.pdbx_value_order 
_struct_conn.pdbx_role 
metalc1  metalc ? ? A A   6  OP2 ? ? ? 1_555 J MG  .  MG ? ? A A   7   A MG  109 1_555 ? ? ? ? ? ? ?            2.596 ? ? 
metalc2  metalc ? ? A A   7  OP2 ? ? ? 1_555 D MG  .  MG ? ? A A   8   A MG  103 1_555 ? ? ? ? ? ? ?            1.874 ? ? 
metalc3  metalc ? ? A A   7  OP1 ? ? ? 1_555 E MG  .  MG ? ? A A   8   A MG  104 1_555 ? ? ? ? ? ? ?            2.165 ? ? 
metalc4  metalc ? ? A C   8  OP2 ? ? ? 1_555 D MG  .  MG ? ? A C   9   A MG  103 1_555 ? ? ? ? ? ? ?            1.972 ? ? 
metalc5  metalc ? ? A A   10 OP2 ? ? ? 1_555 F MG  .  MG ? ? A A   11  A MG  105 2_455 ? ? ? ? ? ? ?            2.195 ? ? 
metalc6  metalc ? ? A U   16 OP1 ? ? ? 1_555 F MG  .  MG ? ? A U   17  A MG  105 1_555 ? ? ? ? ? ? ?            2.076 ? ? 
metalc7  metalc ? ? A A   34 OP2 ? ? ? 1_555 N MG  .  MG ? ? A A   35  A MG  113 1_555 ? ? ? ? ? ? ?            2.010 ? ? 
metalc8  metalc ? ? A G   46 O6  ? ? ? 1_555 I MG  .  MG ? ? A G   47  A MG  108 1_555 ? ? ? ? ? ? ?            2.337 ? ? 
metalc9  metalc ? ? B GTP .  O2B ? ? ? 1_555 M MG  .  MG ? ? A GTP 101 A MG  112 1_555 ? ? ? ? ? ? ?            2.698 ? ? 
metalc10 metalc ? ? B GTP .  O2A ? ? ? 1_555 M MG  .  MG ? ? A GTP 101 A MG  112 1_555 ? ? ? ? ? ? ?            2.488 ? ? 
metalc11 metalc ? ? C NAD .  O2A ? ? ? 1_555 E MG  .  MG ? ? A NAD 102 A MG  104 1_555 ? ? ? ? ? ? ?            2.163 ? ? 
metalc12 metalc ? ? C NAD .  O3  ? ? ? 1_555 E MG  .  MG ? ? A NAD 102 A MG  104 1_555 ? ? ? ? ? ? ?            2.915 ? ? 
metalc13 metalc ? ? C NAD .  O1N ? ? ? 1_555 E MG  .  MG ? ? A NAD 102 A MG  104 1_555 ? ? ? ? ? ? ?            2.713 ? ? 
metalc14 metalc ? ? D MG  .  MG  ? ? ? 1_555 O HOH .  O  ? ? A MG  103 A HOH 203 1_555 ? ? ? ? ? ? ?            2.273 ? ? 
metalc15 metalc ? ? D MG  .  MG  ? ? ? 1_555 O HOH .  O  ? ? A MG  103 A HOH 211 1_555 ? ? ? ? ? ? ?            2.044 ? ? 
metalc16 metalc ? ? D MG  .  MG  ? ? ? 1_555 O HOH .  O  ? ? A MG  103 A HOH 213 1_555 ? ? ? ? ? ? ?            2.197 ? ? 
metalc17 metalc ? ? E MG  .  MG  ? ? ? 1_555 O HOH .  O  ? ? A MG  104 A HOH 205 1_555 ? ? ? ? ? ? ?            2.398 ? ? 
metalc18 metalc ? ? E MG  .  MG  ? ? ? 1_555 O HOH .  O  ? ? A MG  104 A HOH 206 1_555 ? ? ? ? ? ? ?            2.388 ? ? 
metalc19 metalc ? ? E MG  .  MG  ? ? ? 1_555 O HOH .  O  ? ? A MG  104 A HOH 221 1_555 ? ? ? ? ? ? ?            2.019 ? ? 
metalc20 metalc ? ? F MG  .  MG  ? ? ? 1_555 O HOH .  O  ? ? A MG  105 A HOH 204 2_455 ? ? ? ? ? ? ?            1.973 ? ? 
metalc21 metalc ? ? F MG  .  MG  ? ? ? 1_555 O HOH .  O  ? ? A MG  105 A HOH 209 2_455 ? ? ? ? ? ? ?            2.246 ? ? 
metalc22 metalc ? ? F MG  .  MG  ? ? ? 1_555 O HOH .  O  ? ? A MG  105 A HOH 218 2_455 ? ? ? ? ? ? ?            2.468 ? ? 
metalc23 metalc ? ? F MG  .  MG  ? ? ? 1_555 O HOH .  O  ? ? A MG  105 A HOH 225 2_455 ? ? ? ? ? ? ?            2.187 ? ? 
metalc24 metalc ? ? G MG  .  MG  ? ? ? 1_555 O HOH .  O  ? ? A MG  106 A HOH 210 1_555 ? ? ? ? ? ? ?            2.300 ? ? 
metalc25 metalc ? ? G MG  .  MG  ? ? ? 1_555 O HOH .  O  ? ? A MG  106 A HOH 216 1_555 ? ? ? ? ? ? ?            2.567 ? ? 
metalc26 metalc ? ? G MG  .  MG  ? ? ? 1_555 O HOH .  O  ? ? A MG  106 A HOH 223 1_555 ? ? ? ? ? ? ?            2.751 ? ? 
metalc27 metalc ? ? G MG  .  MG  ? ? ? 1_555 O HOH .  O  ? ? A MG  106 A HOH 229 1_555 ? ? ? ? ? ? ?            2.541 ? ? 
metalc28 metalc ? ? G MG  .  MG  ? ? ? 1_555 O HOH .  O  ? ? A MG  106 A HOH 234 1_555 ? ? ? ? ? ? ?            2.291 ? ? 
metalc29 metalc ? ? G MG  .  MG  ? ? ? 1_555 O HOH .  O  ? ? A MG  106 A HOH 242 8_444 ? ? ? ? ? ? ?            2.138 ? ? 
metalc30 metalc ? ? H MG  .  MG  ? ? ? 1_555 O HOH .  O  ? ? A MG  107 A HOH 208 1_555 ? ? ? ? ? ? ?            2.671 ? ? 
metalc31 metalc ? ? H MG  .  MG  ? ? ? 1_555 O HOH .  O  ? ? A MG  107 A HOH 231 1_555 ? ? ? ? ? ? ?            1.991 ? ? 
metalc32 metalc ? ? H MG  .  MG  ? ? ? 1_555 O HOH .  O  ? ? A MG  107 A HOH 238 8_444 ? ? ? ? ? ? ?            2.347 ? ? 
metalc33 metalc ? ? H MG  .  MG  ? ? ? 1_555 O HOH .  O  ? ? A MG  107 A HOH 239 1_555 ? ? ? ? ? ? ?            2.314 ? ? 
metalc34 metalc ? ? H MG  .  MG  ? ? ? 1_555 O HOH .  O  ? ? A MG  107 A HOH 241 8_444 ? ? ? ? ? ? ?            2.155 ? ? 
metalc35 metalc ? ? H MG  .  MG  ? ? ? 1_555 O HOH .  O  ? ? A MG  107 A HOH 243 1_555 ? ? ? ? ? ? ?            2.502 ? ? 
metalc36 metalc ? ? I MG  .  MG  ? ? ? 1_555 O HOH .  O  ? ? A MG  108 A HOH 201 1_555 ? ? ? ? ? ? ?            2.689 ? ? 
metalc37 metalc ? ? I MG  .  MG  ? ? ? 1_555 O HOH .  O  ? ? A MG  108 A HOH 207 1_555 ? ? ? ? ? ? ?            2.294 ? ? 
metalc38 metalc ? ? I MG  .  MG  ? ? ? 1_555 O HOH .  O  ? ? A MG  108 A HOH 212 1_555 ? ? ? ? ? ? ?            2.375 ? ? 
metalc39 metalc ? ? I MG  .  MG  ? ? ? 1_555 O HOH .  O  ? ? A MG  108 A HOH 230 1_555 ? ? ? ? ? ? ?            2.705 ? ? 
metalc40 metalc ? ? I MG  .  MG  ? ? ? 1_555 O HOH .  O  ? ? A MG  108 A HOH 233 1_555 ? ? ? ? ? ? ?            2.036 ? ? 
metalc41 metalc ? ? J MG  .  MG  ? ? ? 1_555 O HOH .  O  ? ? A MG  109 A HOH 202 1_555 ? ? ? ? ? ? ?            2.302 ? ? 
metalc42 metalc ? ? J MG  .  MG  ? ? ? 1_555 O HOH .  O  ? ? A MG  109 A HOH 214 1_555 ? ? ? ? ? ? ?            2.364 ? ? 
metalc43 metalc ? ? J MG  .  MG  ? ? ? 1_555 O HOH .  O  ? ? A MG  109 A HOH 219 1_555 ? ? ? ? ? ? ?            2.339 ? ? 
metalc44 metalc ? ? J MG  .  MG  ? ? ? 1_555 O HOH .  O  ? ? A MG  109 A HOH 222 1_555 ? ? ? ? ? ? ?            2.470 ? ? 
metalc45 metalc ? ? J MG  .  MG  ? ? ? 1_555 O HOH .  O  ? ? A MG  109 A HOH 226 1_555 ? ? ? ? ? ? ?            2.065 ? ? 
metalc46 metalc ? ? K MG  .  MG  ? ? ? 1_555 O HOH .  O  ? ? A MG  110 A HOH 220 1_555 ? ? ? ? ? ? ?            2.570 ? ? 
metalc47 metalc ? ? K MG  .  MG  ? ? ? 1_555 O HOH .  O  ? ? A MG  110 A HOH 227 1_555 ? ? ? ? ? ? ?            2.231 ? ? 
metalc48 metalc ? ? K MG  .  MG  ? ? ? 1_555 O HOH .  O  ? ? A MG  110 A HOH 232 2_455 ? ? ? ? ? ? ?            2.524 ? ? 
metalc49 metalc ? ? K MG  .  MG  ? ? ? 1_555 O HOH .  O  ? ? A MG  110 A HOH 235 1_555 ? ? ? ? ? ? ?            2.225 ? ? 
metalc50 metalc ? ? K MG  .  MG  ? ? ? 1_555 O HOH .  O  ? ? A MG  110 A HOH 240 1_555 ? ? ? ? ? ? ?            2.308 ? ? 
metalc51 metalc ? ? L MG  .  MG  ? ? ? 1_555 O HOH .  O  ? ? A MG  111 A HOH 215 1_555 ? ? ? ? ? ? ?            2.320 ? ? 
metalc52 metalc ? ? L MG  .  MG  ? ? ? 1_555 O HOH .  O  ? ? A MG  111 A HOH 224 1_555 ? ? ? ? ? ? ?            2.508 ? ? 
metalc53 metalc ? ? L MG  .  MG  ? ? ? 1_555 O HOH .  O  ? ? A MG  111 A HOH 228 1_555 ? ? ? ? ? ? ?            2.371 ? ? 
metalc54 metalc ? ? L MG  .  MG  ? ? ? 1_555 O HOH .  O  ? ? A MG  111 A HOH 236 1_555 ? ? ? ? ? ? ?            2.396 ? ? 
hydrog1  hydrog ? ? A G   1  N1  ? ? ? 1_555 A C   50 N3 ? ? A G   2   A C   51  1_555 ? ? ? ? ? ? WATSON-CRICK ?     ? ? 
hydrog2  hydrog ? ? A G   1  N2  ? ? ? 1_555 A C   50 O2 ? ? A G   2   A C   51  1_555 ? ? ? ? ? ? WATSON-CRICK ?     ? ? 
hydrog3  hydrog ? ? A G   1  O6  ? ? ? 1_555 A C   50 N4 ? ? A G   2   A C   51  1_555 ? ? ? ? ? ? WATSON-CRICK ?     ? ? 
hydrog4  hydrog ? ? A C   2  N3  ? ? ? 1_555 A G   49 N1 ? ? A C   3   A G   50  1_555 ? ? ? ? ? ? WATSON-CRICK ?     ? ? 
hydrog5  hydrog ? ? A C   2  N4  ? ? ? 1_555 A G   49 O6 ? ? A C   3   A G   50  1_555 ? ? ? ? ? ? WATSON-CRICK ?     ? ? 
hydrog6  hydrog ? ? A C   2  O2  ? ? ? 1_555 A G   49 N2 ? ? A C   3   A G   50  1_555 ? ? ? ? ? ? WATSON-CRICK ?     ? ? 
hydrog7  hydrog ? ? A U   3  N3  ? ? ? 1_555 A A   48 N1 ? ? A U   4   A A   49  1_555 ? ? ? ? ? ? WATSON-CRICK ?     ? ? 
hydrog8  hydrog ? ? A U   3  O4  ? ? ? 1_555 A A   48 N6 ? ? A U   4   A A   49  1_555 ? ? ? ? ? ? WATSON-CRICK ?     ? ? 
hydrog9  hydrog ? ? A U   4  N3  ? ? ? 1_555 A G   47 O6 ? ? A U   5   A G   48  1_555 ? ? ? ? ? ? TYPE_28_PAIR ?     ? ? 
hydrog10 hydrog ? ? A U   4  O2  ? ? ? 1_555 A G   47 N1 ? ? A U   5   A G   48  1_555 ? ? ? ? ? ? TYPE_28_PAIR ?     ? ? 
hydrog11 hydrog ? ? A C   5  N3  ? ? ? 1_555 A G   46 N1 ? ? A C   6   A G   47  1_555 ? ? ? ? ? ? WATSON-CRICK ?     ? ? 
hydrog12 hydrog ? ? A C   5  N4  ? ? ? 1_555 A G   46 O6 ? ? A C   6   A G   47  1_555 ? ? ? ? ? ? WATSON-CRICK ?     ? ? 
hydrog13 hydrog ? ? A C   5  O2  ? ? ? 1_555 A G   46 N2 ? ? A C   6   A G   47  1_555 ? ? ? ? ? ? WATSON-CRICK ?     ? ? 
hydrog14 hydrog ? ? A A   6  N1  ? ? ? 1_555 A U   45 N3 ? ? A A   7   A U   46  1_555 ? ? ? ? ? ? WATSON-CRICK ?     ? ? 
hydrog15 hydrog ? ? A A   6  N6  ? ? ? 1_555 A U   45 O4 ? ? A A   7   A U   46  1_555 ? ? ? ? ? ? WATSON-CRICK ?     ? ? 
hydrog16 hydrog ? ? A C   12 N3  ? ? ? 1_555 A G   37 N1 ? ? A C   13  A G   38  1_555 ? ? ? ? ? ? WATSON-CRICK ?     ? ? 
hydrog17 hydrog ? ? A C   12 N4  ? ? ? 1_555 A G   37 O6 ? ? A C   13  A G   38  1_555 ? ? ? ? ? ? WATSON-CRICK ?     ? ? 
hydrog18 hydrog ? ? A C   12 O2  ? ? ? 1_555 A G   37 N2 ? ? A C   13  A G   38  1_555 ? ? ? ? ? ? WATSON-CRICK ?     ? ? 
hydrog19 hydrog ? ? A C   13 N3  ? ? ? 1_555 A G   35 N1 ? ? A C   14  A G   36  1_555 ? ? ? ? ? ? WATSON-CRICK ?     ? ? 
hydrog20 hydrog ? ? A C   13 N4  ? ? ? 1_555 A G   35 O6 ? ? A C   14  A G   36  1_555 ? ? ? ? ? ? WATSON-CRICK ?     ? ? 
hydrog21 hydrog ? ? A C   13 O2  ? ? ? 1_555 A G   35 N2 ? ? A C   14  A G   36  1_555 ? ? ? ? ? ? WATSON-CRICK ?     ? ? 
hydrog22 hydrog ? ? A G   15 N1  ? ? ? 1_555 A C   44 N3 ? ? A G   16  A C   45  1_555 ? ? ? ? ? ? WATSON-CRICK ?     ? ? 
hydrog23 hydrog ? ? A G   15 N2  ? ? ? 1_555 A C   44 O2 ? ? A G   16  A C   45  1_555 ? ? ? ? ? ? WATSON-CRICK ?     ? ? 
hydrog24 hydrog ? ? A G   15 O6  ? ? ? 1_555 A C   44 N4 ? ? A G   16  A C   45  1_555 ? ? ? ? ? ? WATSON-CRICK ?     ? ? 
hydrog25 hydrog ? ? A U   16 N3  ? ? ? 1_555 A A   43 N1 ? ? A U   17  A A   44  1_555 ? ? ? ? ? ? WATSON-CRICK ?     ? ? 
hydrog26 hydrog ? ? A U   16 O4  ? ? ? 1_555 A A   43 N6 ? ? A U   17  A A   44  1_555 ? ? ? ? ? ? WATSON-CRICK ?     ? ? 
hydrog27 hydrog ? ? A A   17 N1  ? ? ? 1_555 A U   42 N3 ? ? A A   18  A U   43  1_555 ? ? ? ? ? ? WATSON-CRICK ?     ? ? 
hydrog28 hydrog ? ? A A   17 N6  ? ? ? 1_555 A U   42 O4 ? ? A A   18  A U   43  1_555 ? ? ? ? ? ? WATSON-CRICK ?     ? ? 
hydrog29 hydrog ? ? A G   18 N1  ? ? ? 1_555 A C   41 N3 ? ? A G   19  A C   42  1_555 ? ? ? ? ? ? WATSON-CRICK ?     ? ? 
hydrog30 hydrog ? ? A G   18 N2  ? ? ? 1_555 A C   41 O2 ? ? A G   19  A C   42  1_555 ? ? ? ? ? ? WATSON-CRICK ?     ? ? 
hydrog31 hydrog ? ? A G   18 O6  ? ? ? 1_555 A C   41 N4 ? ? A G   19  A C   42  1_555 ? ? ? ? ? ? WATSON-CRICK ?     ? ? 
hydrog32 hydrog ? ? A G   19 N1  ? ? ? 1_555 A C   40 N3 ? ? A G   20  A C   41  1_555 ? ? ? ? ? ? WATSON-CRICK ?     ? ? 
hydrog33 hydrog ? ? A G   19 N2  ? ? ? 1_555 A C   40 O2 ? ? A G   20  A C   41  1_555 ? ? ? ? ? ? WATSON-CRICK ?     ? ? 
hydrog34 hydrog ? ? A G   19 O6  ? ? ? 1_555 A C   40 N4 ? ? A G   20  A C   41  1_555 ? ? ? ? ? ? WATSON-CRICK ?     ? ? 
hydrog35 hydrog ? ? A U   20 N3  ? ? ? 1_555 A A   39 N1 ? ? A U   21  A A   40  1_555 ? ? ? ? ? ? WATSON-CRICK ?     ? ? 
hydrog36 hydrog ? ? A U   20 O4  ? ? ? 1_555 A A   39 N6 ? ? A U   21  A A   40  1_555 ? ? ? ? ? ? WATSON-CRICK ?     ? ? 
hydrog37 hydrog ? ? A G   21 N1  ? ? ? 1_555 A C   38 N3 ? ? A G   22  A C   39  1_555 ? ? ? ? ? ? WATSON-CRICK ?     ? ? 
hydrog38 hydrog ? ? A G   21 N2  ? ? ? 1_555 A C   38 O2 ? ? A G   22  A C   39  1_555 ? ? ? ? ? ? WATSON-CRICK ?     ? ? 
hydrog39 hydrog ? ? A G   21 O6  ? ? ? 1_555 A C   38 N4 ? ? A G   22  A C   39  1_555 ? ? ? ? ? ? WATSON-CRICK ?     ? ? 
hydrog40 hydrog ? ? A G   22 N1  ? ? ? 1_555 A C   36 N3 ? ? A G   23  A C   37  1_555 ? ? ? ? ? ? WATSON-CRICK ?     ? ? 
hydrog41 hydrog ? ? A G   22 N2  ? ? ? 1_555 A C   36 O2 ? ? A G   23  A C   37  1_555 ? ? ? ? ? ? WATSON-CRICK ?     ? ? 
hydrog42 hydrog ? ? A G   22 O6  ? ? ? 1_555 A C   36 N4 ? ? A G   23  A C   37  1_555 ? ? ? ? ? ? WATSON-CRICK ?     ? ? 
hydrog43 hydrog ? ? A G   23 N1  ? ? ? 1_555 A A   34 N1 ? ? A G   24  A A   35  1_555 ? ? ? ? ? ? TYPE_8_PAIR  ?     ? ? 
hydrog44 hydrog ? ? A G   23 O6  ? ? ? 1_555 A A   34 N6 ? ? A G   24  A A   35  1_555 ? ? ? ? ? ? TYPE_8_PAIR  ?     ? ? 
hydrog45 hydrog ? ? A G   24 N1  ? ? ? 1_555 A C   33 N3 ? ? A G   25  A C   34  1_555 ? ? ? ? ? ? WATSON-CRICK ?     ? ? 
hydrog46 hydrog ? ? A G   24 N2  ? ? ? 1_555 A C   33 O2 ? ? A G   25  A C   34  1_555 ? ? ? ? ? ? WATSON-CRICK ?     ? ? 
hydrog47 hydrog ? ? A G   24 O6  ? ? ? 1_555 A C   33 N4 ? ? A G   25  A C   34  1_555 ? ? ? ? ? ? WATSON-CRICK ?     ? ? 
hydrog48 hydrog ? ? A A   25 N1  ? ? ? 1_555 A U   32 N3 ? ? A A   26  A U   33  1_555 ? ? ? ? ? ? WATSON-CRICK ?     ? ? 
hydrog49 hydrog ? ? A A   25 N6  ? ? ? 1_555 A U   32 O4 ? ? A A   26  A U   33  1_555 ? ? ? ? ? ? WATSON-CRICK ?     ? ? 
hydrog50 hydrog ? ? A C   26 N3  ? ? ? 1_555 A G   31 N1 ? ? A C   27  A G   32  1_555 ? ? ? ? ? ? WATSON-CRICK ?     ? ? 
hydrog51 hydrog ? ? A C   26 N4  ? ? ? 1_555 A G   31 O6 ? ? A C   27  A G   32  1_555 ? ? ? ? ? ? WATSON-CRICK ?     ? ? 
hydrog52 hydrog ? ? A C   26 O2  ? ? ? 1_555 A G   31 N2 ? ? A C   27  A G   32  1_555 ? ? ? ? ? ? WATSON-CRICK ?     ? ? 
hydrog53 hydrog ? ? A G   27 N2  ? ? ? 1_555 A A   30 N7 ? ? A G   28  A A   31  1_555 ? ? ? ? ? ? TYPE_11_PAIR ?     ? ? 
hydrog54 hydrog ? ? A G   27 N3  ? ? ? 1_555 A A   30 N6 ? ? A G   28  A A   31  1_555 ? ? ? ? ? ? TYPE_11_PAIR ?     ? ? 
# 
loop_
_struct_conn_type.id 
_struct_conn_type.criteria 
_struct_conn_type.reference 
metalc ? ? 
hydrog ? ? 
# 
_atom_sites.entry_id                    7D7W 
_atom_sites.Cartn_transf_matrix[1][1]   ? 
_atom_sites.Cartn_transf_matrix[1][2]   ? 
_atom_sites.Cartn_transf_matrix[1][3]   ? 
_atom_sites.Cartn_transf_matrix[2][1]   ? 
_atom_sites.Cartn_transf_matrix[2][2]   ? 
_atom_sites.Cartn_transf_matrix[2][3]   ? 
_atom_sites.Cartn_transf_matrix[3][1]   ? 
_atom_sites.Cartn_transf_matrix[3][2]   ? 
_atom_sites.Cartn_transf_matrix[3][3]   ? 
_atom_sites.Cartn_transf_vector[1]      ? 
_atom_sites.Cartn_transf_vector[2]      ? 
_atom_sites.Cartn_transf_vector[3]      ? 
_atom_sites.fract_transf_matrix[1][1]   0.00042227 
_atom_sites.fract_transf_matrix[1][2]   0.00285324 
_atom_sites.fract_transf_matrix[1][3]   -0.01782110 
_atom_sites.fract_transf_matrix[2][1]   0.01644954 
_atom_sites.fract_transf_matrix[2][2]   0.00555428 
_atom_sites.fract_transf_matrix[2][3]   0.00127904 
_atom_sites.fract_transf_matrix[3][1]   0.00166252 
_atom_sites.fract_transf_matrix[3][2]   -0.00475738 
_atom_sites.fract_transf_matrix[3][3]   -0.00072229 
_atom_sites.fract_transf_vector[1]      -0.479389 
_atom_sites.fract_transf_vector[2]      -0.261092 
_atom_sites.fract_transf_vector[3]      -0.146779 
_atom_sites.solution_primary            ? 
_atom_sites.solution_secondary          ? 
_atom_sites.solution_hydrogens          ? 
_atom_sites.special_details             ? 
# 
loop_
_atom_type.symbol 
C  
MG 
N  
O  
P  
# 
loop_
_atom_site.group_PDB 
_atom_site.id 
_atom_site.type_symbol 
_atom_site.label_atom_id 
_atom_site.label_alt_id 
_atom_site.label_comp_id 
_atom_site.label_asym_id 
_atom_site.label_entity_id 
_atom_site.label_seq_id 
_atom_site.pdbx_PDB_ins_code 
_atom_site.Cartn_x 
_atom_site.Cartn_y 
_atom_site.Cartn_z 
_atom_site.occupancy 
_atom_site.B_iso_or_equiv 
_atom_site.pdbx_formal_charge 
_atom_site.auth_seq_id 
_atom_site.auth_comp_id 
_atom_site.auth_asym_id 
_atom_site.auth_atom_id 
_atom_site.pdbx_PDB_model_num 
ATOM   1    P  P     . G   A 1 1  ? 1.960   -22.189 -7.174  1.00 108.01 ? 2   G   A P     1 
ATOM   2    O  OP1   . G   A 1 1  ? 1.481   -22.695 -8.490  1.00 102.86 ? 2   G   A OP1   1 
ATOM   3    O  OP2   . G   A 1 1  ? 3.413   -22.143 -6.864  1.00 107.57 ? 2   G   A OP2   1 
ATOM   4    O  "O5'" . G   A 1 1  ? 1.223   -23.064 -6.068  1.00 95.78  ? 2   G   A "O5'" 1 
ATOM   5    C  "C5'" . G   A 1 1  ? -0.100  -23.519 -6.288  1.00 96.66  ? 2   G   A "C5'" 1 
ATOM   6    C  "C4'" . G   A 1 1  ? -0.655  -24.198 -5.064  1.00 97.77  ? 2   G   A "C4'" 1 
ATOM   7    O  "O4'" . G   A 1 1  ? 0.357   -25.063 -4.502  1.00 99.45  ? 2   G   A "O4'" 1 
ATOM   8    C  "C3'" . G   A 1 1  ? -1.044  -23.292 -3.909  1.00 96.75  ? 2   G   A "C3'" 1 
ATOM   9    O  "O3'" . G   A 1 1  ? -2.327  -22.713 -4.086  1.00 104.16 ? 2   G   A "O3'" 1 
ATOM   10   C  "C2'" . G   A 1 1  ? -0.955  -24.227 -2.706  1.00 95.53  ? 2   G   A "C2'" 1 
ATOM   11   O  "O2'" . G   A 1 1  ? -2.109  -25.045 -2.606  1.00 94.75  ? 2   G   A "O2'" 1 
ATOM   12   C  "C1'" . G   A 1 1  ? 0.211   -25.128 -3.102  1.00 92.75  ? 2   G   A "C1'" 1 
ATOM   13   N  N9    . G   A 1 1  ? 1.482   -24.744 -2.468  1.00 90.41  ? 2   G   A N9    1 
ATOM   14   C  C8    . G   A 1 1  ? 2.622   -24.300 -3.094  1.00 90.40  ? 2   G   A C8    1 
ATOM   15   N  N7    . G   A 1 1  ? 3.594   -24.066 -2.251  1.00 89.78  ? 2   G   A N7    1 
ATOM   16   C  C5    . G   A 1 1  ? 3.062   -24.389 -1.003  1.00 90.38  ? 2   G   A C5    1 
ATOM   17   C  C6    . G   A 1 1  ? 3.644   -24.339 0.296   1.00 92.63  ? 2   G   A C6    1 
ATOM   18   O  O6    . G   A 1 1  ? 4.792   -23.990 0.622   1.00 92.39  ? 2   G   A O6    1 
ATOM   19   N  N1    . G   A 1 1  ? 2.738   -24.751 1.273   1.00 89.60  ? 2   G   A N1    1 
ATOM   20   C  C2    . G   A 1 1  ? 1.448   -25.157 1.043   1.00 87.86  ? 2   G   A C2    1 
ATOM   21   N  N2    . G   A 1 1  ? 0.747   -25.511 2.127   1.00 89.71  ? 2   G   A N2    1 
ATOM   22   N  N3    . G   A 1 1  ? 0.894   -25.213 -0.159  1.00 89.06  ? 2   G   A N3    1 
ATOM   23   C  C4    . G   A 1 1  ? 1.755   -24.817 -1.124  1.00 89.56  ? 2   G   A C4    1 
ATOM   24   P  P     . C   A 1 2  ? -2.601  -21.158 -3.761  1.00 105.76 ? 3   C   A P     1 
ATOM   25   O  OP1   . C   A 1 2  ? -3.878  -20.822 -4.439  1.00 106.35 ? 3   C   A OP1   1 
ATOM   26   O  OP2   . C   A 1 2  ? -1.400  -20.328 -4.035  1.00 102.24 ? 3   C   A OP2   1 
ATOM   27   O  "O5'" . C   A 1 2  ? -2.873  -21.151 -2.196  1.00 96.68  ? 3   C   A "O5'" 1 
ATOM   28   C  "C5'" . C   A 1 2  ? -3.880  -21.988 -1.665  1.00 93.57  ? 3   C   A "C5'" 1 
ATOM   29   C  "C4'" . C   A 1 2  ? -3.681  -22.227 -0.198  1.00 91.71  ? 3   C   A "C4'" 1 
ATOM   30   O  "O4'" . C   A 1 2  ? -2.464  -22.975 0.028   1.00 95.72  ? 3   C   A "O4'" 1 
ATOM   31   C  "C3'" . C   A 1 2  ? -3.499  -20.997 0.666   1.00 93.45  ? 3   C   A "C3'" 1 
ATOM   32   O  "O3'" . C   A 1 2  ? -4.714  -20.317 0.916   1.00 94.51  ? 3   C   A "O3'" 1 
ATOM   33   C  "C2'" . C   A 1 2  ? -2.856  -21.585 1.915   1.00 94.27  ? 3   C   A "C2'" 1 
ATOM   34   O  "O2'" . C   A 1 2  ? -3.827  -22.239 2.718   1.00 92.65  ? 3   C   A "O2'" 1 
ATOM   35   C  "C1'" . C   A 1 2  ? -1.957  -22.664 1.309   1.00 94.00  ? 3   C   A "C1'" 1 
ATOM   36   N  N1    . C   A 1 2  ? -0.544  -22.243 1.194   1.00 91.55  ? 3   C   A N1    1 
ATOM   37   C  C2    . C   A 1 2  ? 0.212   -22.172 2.375   1.00 91.73  ? 3   C   A C2    1 
ATOM   38   O  O2    . C   A 1 2  ? -0.332  -22.438 3.461   1.00 91.03  ? 3   C   A O2    1 
ATOM   39   N  N3    . C   A 1 2  ? 1.518   -21.810 2.314   1.00 92.43  ? 3   C   A N3    1 
ATOM   40   C  C4    . C   A 1 2  ? 2.072   -21.527 1.131   1.00 92.69  ? 3   C   A C4    1 
ATOM   41   N  N4    . C   A 1 2  ? 3.364   -21.178 1.131   1.00 87.49  ? 3   C   A N4    1 
ATOM   42   C  C5    . C   A 1 2  ? 1.321   -21.595 -0.090  1.00 91.46  ? 3   C   A C5    1 
ATOM   43   C  C6    . C   A 1 2  ? 0.030   -21.960 -0.018  1.00 90.32  ? 3   C   A C6    1 
ATOM   44   P  P     . U   A 1 3  ? -4.718  -18.734 1.202   1.00 99.30  ? 4   U   A P     1 
ATOM   45   O  OP1   . U   A 1 3  ? -6.144  -18.309 1.264   1.00 99.31  ? 4   U   A OP1   1 
ATOM   46   O  OP2   . U   A 1 3  ? -3.811  -18.050 0.245   1.00 95.32  ? 4   U   A OP2   1 
ATOM   47   O  "O5'" . U   A 1 3  ? -4.111  -18.610 2.669   1.00 94.91  ? 4   U   A "O5'" 1 
ATOM   48   C  "C5'" . U   A 1 3  ? -4.774  -19.204 3.773   1.00 92.11  ? 4   U   A "C5'" 1 
ATOM   49   C  "C4'" . U   A 1 3  ? -3.918  -19.176 5.010   1.00 91.41  ? 4   U   A "C4'" 1 
ATOM   50   O  "O4'" . U   A 1 3  ? -2.701  -19.925 4.783   1.00 95.95  ? 4   U   A "O4'" 1 
ATOM   51   C  "C3'" . U   A 1 3  ? -3.419  -17.813 5.446   1.00 92.73  ? 4   U   A "C3'" 1 
ATOM   52   O  "O3'" . U   A 1 3  ? -4.391  -17.051 6.137   1.00 97.35  ? 4   U   A "O3'" 1 
ATOM   53   C  "C2'" . U   A 1 3  ? -2.205  -18.165 6.294   1.00 93.48  ? 4   U   A "C2'" 1 
ATOM   54   O  "O2'" . U   A 1 3  ? -2.610  -18.637 7.572   1.00 94.10  ? 4   U   A "O2'" 1 
ATOM   55   C  "C1'" . U   A 1 3  ? -1.640  -19.350 5.522   1.00 90.64  ? 4   U   A "C1'" 1 
ATOM   56   N  N1    . U   A 1 3  ? -0.539  -18.990 4.597   1.00 88.19  ? 4   U   A N1    1 
ATOM   57   C  C2    . U   A 1 3  ? 0.709   -18.761 5.146   1.00 87.45  ? 4   U   A C2    1 
ATOM   58   O  O2    . U   A 1 3  ? 0.913   -18.797 6.350   1.00 87.24  ? 4   U   A O2    1 
ATOM   59   N  N3    . U   A 1 3  ? 1.704   -18.476 4.235   1.00 86.82  ? 4   U   A N3    1 
ATOM   60   C  C4    . U   A 1 3  ? 1.583   -18.400 2.856   1.00 87.01  ? 4   U   A C4    1 
ATOM   61   O  O4    . U   A 1 3  ? 2.571   -18.131 2.157   1.00 82.47  ? 4   U   A O4    1 
ATOM   62   C  C5    . U   A 1 3  ? 0.258   -18.655 2.372   1.00 87.44  ? 4   U   A C5    1 
ATOM   63   C  C6    . U   A 1 3  ? -0.727  -18.942 3.233   1.00 88.29  ? 4   U   A C6    1 
ATOM   64   P  P     . U   A 1 4  ? -4.377  -15.452 6.001   1.00 98.16  ? 5   U   A P     1 
ATOM   65   O  OP1   . U   A 1 4  ? -5.555  -14.870 6.712   1.00 93.12  ? 5   U   A OP1   1 
ATOM   66   O  OP2   . U   A 1 4  ? -4.185  -15.163 4.552   1.00 94.23  ? 5   U   A OP2   1 
ATOM   67   O  "O5'" . U   A 1 4  ? -3.058  -15.033 6.786   1.00 92.37  ? 5   U   A "O5'" 1 
ATOM   68   C  "C5'" . U   A 1 4  ? -2.926  -15.276 8.179   1.00 90.32  ? 5   U   A "C5'" 1 
ATOM   69   C  "C4'" . U   A 1 4  ? -1.508  -15.038 8.628   1.00 90.72  ? 5   U   A "C4'" 1 
ATOM   70   O  "O4'" . U   A 1 4  ? -0.620  -15.909 7.887   1.00 82.04  ? 5   U   A "O4'" 1 
ATOM   71   C  "C3'" . U   A 1 4  ? -0.954  -13.646 8.366   1.00 87.82  ? 5   U   A "C3'" 1 
ATOM   72   O  "O3'" . U   A 1 4  ? -1.336  -12.711 9.353   1.00 89.76  ? 5   U   A "O3'" 1 
ATOM   73   C  "C2'" . U   A 1 4  ? 0.549   -13.890 8.308   1.00 84.37  ? 5   U   A "C2'" 1 
ATOM   74   O  "O2'" . U   A 1 4  ? 1.081   -14.033 9.616   1.00 83.82  ? 5   U   A "O2'" 1 
ATOM   75   C  "C1'" . U   A 1 4  ? 0.603   -15.252 7.633   1.00 81.85  ? 5   U   A "C1'" 1 
ATOM   76   N  N1    . U   A 1 4  ? 0.813   -15.186 6.169   1.00 80.54  ? 5   U   A N1    1 
ATOM   77   C  C2    . U   A 1 4  ? 2.123   -15.123 5.741   1.00 80.24  ? 5   U   A C2    1 
ATOM   78   O  O2    . U   A 1 4  ? 3.061   -15.068 6.520   1.00 81.17  ? 5   U   A O2    1 
ATOM   79   N  N3    . U   A 1 4  ? 2.300   -15.112 4.378   1.00 77.63  ? 5   U   A N3    1 
ATOM   80   C  C4    . U   A 1 4  ? 1.312   -15.158 3.417   1.00 80.37  ? 5   U   A C4    1 
ATOM   81   O  O4    . U   A 1 4  ? 1.640   -15.143 2.226   1.00 75.89  ? 5   U   A O4    1 
ATOM   82   C  C5    . U   A 1 4  ? -0.025  -15.225 3.937   1.00 80.87  ? 5   U   A C5    1 
ATOM   83   C  C6    . U   A 1 4  ? -0.223  -15.247 5.262   1.00 81.20  ? 5   U   A C6    1 
ATOM   84   P  P     . C   A 1 5  ? -1.297  -11.135 9.035   1.00 97.97  ? 6   C   A P     1 
ATOM   85   O  OP1   . C   A 1 5  ? -1.428  -10.429 10.340  1.00 91.34  ? 6   C   A OP1   1 
ATOM   86   O  OP2   . C   A 1 5  ? -2.238  -10.838 7.924   1.00 95.85  ? 6   C   A OP2   1 
ATOM   87   O  "O5'" . C   A 1 5  ? 0.172   -10.897 8.472   1.00 88.15  ? 6   C   A "O5'" 1 
ATOM   88   C  "C5'" . C   A 1 5  ? 1.001   -9.878  9.000   1.00 85.02  ? 6   C   A "C5'" 1 
ATOM   89   C  "C4'" . C   A 1 5  ? 2.443   -10.300 9.011   1.00 83.06  ? 6   C   A "C4'" 1 
ATOM   90   O  "O4'" . C   A 1 5  ? 2.629   -11.433 8.132   1.00 81.09  ? 6   C   A "O4'" 1 
ATOM   91   C  "C3'" . C   A 1 5  ? 3.437   -9.273  8.501   1.00 80.10  ? 6   C   A "C3'" 1 
ATOM   92   O  "O3'" . C   A 1 5  ? 3.741   -8.301  9.485   1.00 78.62  ? 6   C   A "O3'" 1 
ATOM   93   C  "C2'" . C   A 1 5  ? 4.626   -10.138 8.077   1.00 78.57  ? 6   C   A "C2'" 1 
ATOM   94   O  "O2'" . C   A 1 5  ? 5.399   -10.520 9.208   1.00 76.41  ? 6   C   A "O2'" 1 
ATOM   95   C  "C1'" . C   A 1 5  ? 3.920   -11.400 7.573   1.00 75.43  ? 6   C   A "C1'" 1 
ATOM   96   N  N1    . C   A 1 5  ? 3.803   -11.540 6.101   1.00 77.34  ? 6   C   A N1    1 
ATOM   97   C  C2    . C   A 1 5  ? 4.942   -11.709 5.303   1.00 75.75  ? 6   C   A C2    1 
ATOM   98   O  O2    . C   A 1 5  ? 6.064   -11.646 5.834   1.00 71.63  ? 6   C   A O2    1 
ATOM   99   N  N3    . C   A 1 5  ? 4.797   -11.901 3.964   1.00 72.97  ? 6   C   A N3    1 
ATOM   100  C  C4    . C   A 1 5  ? 3.579   -11.964 3.414   1.00 72.57  ? 6   C   A C4    1 
ATOM   101  N  N4    . C   A 1 5  ? 3.489   -12.158 2.087   1.00 61.81  ? 6   C   A N4    1 
ATOM   102  C  C5    . C   A 1 5  ? 2.401   -11.826 4.214   1.00 76.19  ? 6   C   A C5    1 
ATOM   103  C  C6    . C   A 1 5  ? 2.556   -11.633 5.534   1.00 74.54  ? 6   C   A C6    1 
ATOM   104  P  P     . A   A 1 6  ? 3.853   -6.749  9.089   1.00 79.96  ? 7   A   A P     1 
ATOM   105  O  OP1   . A   A 1 6  ? 4.068   -5.976  10.343  1.00 75.79  ? 7   A   A OP1   1 
ATOM   106  O  OP2   . A   A 1 6  ? 2.770   -6.377  8.135   1.00 77.48  ? 7   A   A OP2   1 
ATOM   107  O  "O5'" . A   A 1 6  ? 5.224   -6.695  8.305   1.00 75.37  ? 7   A   A "O5'" 1 
ATOM   108  C  "C5'" . A   A 1 6  ? 6.441   -6.973  8.982   1.00 78.45  ? 7   A   A "C5'" 1 
ATOM   109  C  "C4'" . A   A 1 6  ? 7.610   -6.533  8.153   1.00 76.62  ? 7   A   A "C4'" 1 
ATOM   110  O  "O4'" . A   A 1 6  ? 7.652   -7.372  6.971   1.00 75.50  ? 7   A   A "O4'" 1 
ATOM   111  C  "C3'" . A   A 1 6  ? 7.511   -5.092  7.664   1.00 73.00  ? 7   A   A "C3'" 1 
ATOM   112  O  "O3'" . A   A 1 6  ? 8.788   -4.470  7.688   1.00 76.09  ? 7   A   A "O3'" 1 
ATOM   113  C  "C2'" . A   A 1 6  ? 6.996   -5.235  6.233   1.00 73.64  ? 7   A   A "C2'" 1 
ATOM   114  O  "O2'" . A   A 1 6  ? 7.405   -4.215  5.352   1.00 75.73  ? 7   A   A "O2'" 1 
ATOM   115  C  "C1'" . A   A 1 6  ? 7.555   -6.587  5.805   1.00 73.06  ? 7   A   A "C1'" 1 
ATOM   116  N  N9    . A   A 1 6  ? 6.667   -7.283  4.874   1.00 68.29  ? 7   A   A N9    1 
ATOM   117  C  C8    . A   A 1 6  ? 5.381   -7.689  5.107   1.00 73.86  ? 7   A   A C8    1 
ATOM   118  N  N7    . A   A 1 6  ? 4.819   -8.287  4.082   1.00 72.71  ? 7   A   A N7    1 
ATOM   119  C  C5    . A   A 1 6  ? 5.799   -8.263  3.103   1.00 71.98  ? 7   A   A C5    1 
ATOM   120  C  C6    . A   A 1 6  ? 5.836   -8.734  1.774   1.00 72.92  ? 7   A   A C6    1 
ATOM   121  N  N6    . A   A 1 6  ? 4.819   -9.345  1.167   1.00 73.10  ? 7   A   A N6    1 
ATOM   122  N  N1    . A   A 1 6  ? 6.974   -8.564  1.070   1.00 70.76  ? 7   A   A N1    1 
ATOM   123  C  C2    . A   A 1 6  ? 7.997   -7.957  1.674   1.00 70.07  ? 7   A   A C2    1 
ATOM   124  N  N3    . A   A 1 6  ? 8.088   -7.470  2.909   1.00 71.73  ? 7   A   A N3    1 
ATOM   125  C  C4    . A   A 1 6  ? 6.941   -7.650  3.582   1.00 72.61  ? 7   A   A C4    1 
ATOM   126  P  P     . A   A 1 7  ? 9.426   -4.018  9.098   1.00 78.54  ? 8   A   A P     1 
ATOM   127  O  OP1   . A   A 1 7  ? 8.406   -4.164  10.178  1.00 74.81  ? 8   A   A OP1   1 
ATOM   128  O  OP2   . A   A 1 7  ? 10.083  -2.707  8.914   1.00 70.25  ? 8   A   A OP2   1 
ATOM   129  O  "O5'" . A   A 1 7  ? 10.554  -5.129  9.298   1.00 80.07  ? 8   A   A "O5'" 1 
ATOM   130  C  "C5'" . A   A 1 7  ? 11.331  -5.215  10.478  1.00 79.50  ? 8   A   A "C5'" 1 
ATOM   131  C  "C4'" . A   A 1 7  ? 12.686  -5.780  10.153  1.00 77.47  ? 8   A   A "C4'" 1 
ATOM   132  O  "O4'" . A   A 1 7  ? 12.531  -7.024  9.420   1.00 75.43  ? 8   A   A "O4'" 1 
ATOM   133  C  "C3'" . A   A 1 7  ? 13.528  -4.904  9.248   1.00 72.12  ? 8   A   A "C3'" 1 
ATOM   134  O  "O3'" . A   A 1 7  ? 14.251  -3.953  9.999   1.00 78.14  ? 8   A   A "O3'" 1 
ATOM   135  C  "C2'" . A   A 1 7  ? 14.424  -5.906  8.541   1.00 73.44  ? 8   A   A "C2'" 1 
ATOM   136  O  "O2'" . A   A 1 7  ? 15.482  -6.279  9.404   1.00 72.61  ? 8   A   A "O2'" 1 
ATOM   137  C  "C1'" . A   A 1 7  ? 13.488  -7.102  8.389   1.00 71.71  ? 8   A   A "C1'" 1 
ATOM   138  N  N9    . A   A 1 7  ? 12.751  -7.082  7.118   1.00 69.97  ? 8   A   A N9    1 
ATOM   139  C  C8    . A   A 1 7  ? 11.388  -7.033  7.006   1.00 73.66  ? 8   A   A C8    1 
ATOM   140  N  N7    . A   A 1 7  ? 10.950  -7.022  5.770   1.00 74.94  ? 8   A   A N7    1 
ATOM   141  C  C5    . A   A 1 7  ? 12.108  -7.056  5.012   1.00 73.33  ? 8   A   A C5    1 
ATOM   142  C  C6    . A   A 1 7  ? 12.312  -7.059  3.619   1.00 73.69  ? 8   A   A C6    1 
ATOM   143  N  N6    . A   A 1 7  ? 11.323  -7.026  2.723   1.00 71.48  ? 8   A   A N6    1 
ATOM   144  N  N1    . A   A 1 7  ? 13.589  -7.111  3.178   1.00 74.54  ? 8   A   A N1    1 
ATOM   145  C  C2    . A   A 1 7  ? 14.563  -7.148  4.096   1.00 75.32  ? 8   A   A C2    1 
ATOM   146  N  N3    . A   A 1 7  ? 14.497  -7.137  5.430   1.00 75.24  ? 8   A   A N3    1 
ATOM   147  C  C4    . A   A 1 7  ? 13.225  -7.095  5.832   1.00 72.00  ? 8   A   A C4    1 
ATOM   148  P  P     . C   A 1 8  ? 14.265  -2.406  9.583   1.00 75.61  ? 9   C   A P     1 
ATOM   149  O  OP1   . C   A 1 8  ? 15.152  -1.688  10.537  1.00 77.30  ? 9   C   A OP1   1 
ATOM   150  O  OP2   . C   A 1 8  ? 12.852  -1.976  9.425   1.00 74.63  ? 9   C   A OP2   1 
ATOM   151  O  "O5'" . C   A 1 8  ? 14.993  -2.415  8.165   1.00 76.45  ? 9   C   A "O5'" 1 
ATOM   152  C  "C5'" . C   A 1 8  ? 16.322  -2.908  8.032   1.00 76.93  ? 9   C   A "C5'" 1 
ATOM   153  C  "C4'" . C   A 1 8  ? 16.710  -3.040  6.582   1.00 72.85  ? 9   C   A "C4'" 1 
ATOM   154  O  "O4'" . C   A 1 8  ? 15.868  -4.039  5.973   1.00 72.41  ? 9   C   A "O4'" 1 
ATOM   155  C  "C3'" . C   A 1 8  ? 16.502  -1.783  5.741   1.00 74.68  ? 9   C   A "C3'" 1 
ATOM   156  O  "O3'" . C   A 1 8  ? 17.653  -0.951  5.741   1.00 71.41  ? 9   C   A "O3'" 1 
ATOM   157  C  "C2'" . C   A 1 8  ? 16.174  -2.319  4.354   1.00 77.74  ? 9   C   A "C2'" 1 
ATOM   158  O  "O2'" . C   A 1 8  ? 17.361  -2.574  3.616   1.00 81.46  ? 9   C   A "O2'" 1 
ATOM   159  C  "C1'" . C   A 1 8  ? 15.507  -3.659  4.671   1.00 76.71  ? 9   C   A "C1'" 1 
ATOM   160  N  N1    . C   A 1 8  ? 14.034  -3.628  4.594   1.00 76.89  ? 9   C   A N1    1 
ATOM   161  C  C2    . C   A 1 8  ? 13.469  -3.841  3.346   1.00 75.19  ? 9   C   A C2    1 
ATOM   162  O  O2    . C   A 1 8  ? 14.237  -3.987  2.385   1.00 76.31  ? 9   C   A O2    1 
ATOM   163  N  N3    . C   A 1 8  ? 12.122  -3.865  3.232   1.00 73.19  ? 9   C   A N3    1 
ATOM   164  C  C4    . C   A 1 8  ? 11.366  -3.699  4.315   1.00 72.84  ? 9   C   A C4    1 
ATOM   165  N  N4    . C   A 1 8  ? 10.044  -3.739  4.144   1.00 74.19  ? 9   C   A N4    1 
ATOM   166  C  C5    . C   A 1 8  ? 11.920  -3.487  5.612   1.00 72.30  ? 9   C   A C5    1 
ATOM   167  C  C6    . C   A 1 8  ? 13.253  -3.466  5.707   1.00 74.25  ? 9   C   A C6    1 
ATOM   168  P  P     . A   A 1 9  ? 17.710  0.382   6.633   1.00 77.11  ? 10  A   A P     1 
ATOM   169  O  OP1   . A   A 1 9  ? 18.943  1.128   6.271   1.00 78.93  ? 10  A   A OP1   1 
ATOM   170  O  OP2   . A   A 1 9  ? 17.434  0.031   8.051   1.00 76.99  ? 10  A   A OP2   1 
ATOM   171  O  "O5'" . A   A 1 9  ? 16.476  1.225   6.113   1.00 71.70  ? 10  A   A "O5'" 1 
ATOM   172  C  "C5'" . A   A 1 9  ? 16.325  1.571   4.744   1.00 65.56  ? 10  A   A "C5'" 1 
ATOM   173  C  "C4'" . A   A 1 9  ? 15.244  2.605   4.612   1.00 73.28  ? 10  A   A "C4'" 1 
ATOM   174  O  "O4'" . A   A 1 9  ? 13.939  1.959   4.683   1.00 66.31  ? 10  A   A "O4'" 1 
ATOM   175  C  "C3'" . A   A 1 9  ? 15.258  3.647   5.732   1.00 71.38  ? 10  A   A "C3'" 1 
ATOM   176  O  "O3'" . A   A 1 9  ? 14.803  4.888   5.214   1.00 71.08  ? 10  A   A "O3'" 1 
ATOM   177  C  "C2'" . A   A 1 9  ? 14.224  3.098   6.708   1.00 71.38  ? 10  A   A "C2'" 1 
ATOM   178  O  "O2'" . A   A 1 9  ? 13.691  4.052   7.602   1.00 69.65  ? 10  A   A "O2'" 1 
ATOM   179  C  "C1'" . A   A 1 9  ? 13.188  2.537   5.739   1.00 71.44  ? 10  A   A "C1'" 1 
ATOM   180  N  N9    . A   A 1 9  ? 12.288  1.518   6.285   1.00 72.95  ? 10  A   A N9    1 
ATOM   181  C  C8    . A   A 1 9  ? 12.393  0.733   7.409   1.00 71.91  ? 10  A   A C8    1 
ATOM   182  N  N7    . A   A 1 9  ? 11.366  -0.077  7.582   1.00 74.75  ? 10  A   A N7    1 
ATOM   183  C  C5    . A   A 1 9  ? 10.528  0.198   6.498   1.00 73.01  ? 10  A   A C5    1 
ATOM   184  C  C6    . A   A 1 9  ? 9.274   -0.310  6.083   1.00 74.88  ? 10  A   A C6    1 
ATOM   185  N  N6    . A   A 1 9  ? 8.589   -1.278  6.720   1.00 73.69  ? 10  A   A N6    1 
ATOM   186  N  N1    . A   A 1 9  ? 8.740   0.205   4.948   1.00 73.25  ? 10  A   A N1    1 
ATOM   187  C  C2    . A   A 1 9  ? 9.405   1.155   4.278   1.00 71.87  ? 10  A   A C2    1 
ATOM   188  N  N3    . A   A 1 9  ? 10.580  1.710   4.563   1.00 76.18  ? 10  A   A N3    1 
ATOM   189  C  C4    . A   A 1 9  ? 11.094  1.177   5.693   1.00 76.02  ? 10  A   A C4    1 
ATOM   190  P  P     . A   A 1 10 ? 15.833  6.104   5.009   1.00 76.07  ? 11  A   A P     1 
ATOM   191  O  OP1   . A   A 1 10 ? 15.535  6.731   3.694   1.00 79.43  ? 11  A   A OP1   1 
ATOM   192  O  OP2   . A   A 1 10 ? 17.218  5.645   5.295   1.00 76.03  ? 11  A   A OP2   1 
ATOM   193  O  "O5'" . A   A 1 10 ? 15.403  7.141   6.128   1.00 78.24  ? 11  A   A "O5'" 1 
ATOM   194  C  "C5'" . A   A 1 10 ? 15.553  6.861   7.515   1.00 77.39  ? 11  A   A "C5'" 1 
ATOM   195  C  "C4'" . A   A 1 10 ? 15.753  8.137   8.291   1.00 80.64  ? 11  A   A "C4'" 1 
ATOM   196  O  "O4'" . A   A 1 10 ? 16.976  8.767   7.823   1.00 80.24  ? 11  A   A "O4'" 1 
ATOM   197  C  "C3'" . A   A 1 10 ? 14.648  9.165   8.092   1.00 79.53  ? 11  A   A "C3'" 1 
ATOM   198  O  "O3'" . A   A 1 10 ? 14.543  9.979   9.255   1.00 82.88  ? 11  A   A "O3'" 1 
ATOM   199  C  "C2'" . A   A 1 10 ? 15.173  9.991   6.920   1.00 79.86  ? 11  A   A "C2'" 1 
ATOM   200  O  "O2'" . A   A 1 10 ? 14.646  11.294  6.807   1.00 79.24  ? 11  A   A "O2'" 1 
ATOM   201  C  "C1'" . A   A 1 10 ? 16.675  10.001  7.192   1.00 81.25  ? 11  A   A "C1'" 1 
ATOM   202  N  N9    . A   A 1 10 ? 17.477  10.085  5.969   1.00 81.04  ? 11  A   A N9    1 
ATOM   203  C  C8    . A   A 1 10 ? 17.111  9.703   4.696   1.00 79.00  ? 11  A   A C8    1 
ATOM   204  N  N7    . A   A 1 10 ? 18.041  9.911   3.795   1.00 78.86  ? 11  A   A N7    1 
ATOM   205  C  C5    . A   A 1 10 ? 19.086  10.464  4.536   1.00 78.80  ? 11  A   A C5    1 
ATOM   206  C  C6    . A   A 1 10 ? 20.373  10.901  4.185   1.00 77.76  ? 11  A   A C6    1 
ATOM   207  N  N6    . A   A 1 10 ? 20.862  10.859  2.940   1.00 75.63  ? 11  A   A N6    1 
ATOM   208  N  N1    . A   A 1 10 ? 21.158  11.389  5.170   1.00 76.79  ? 11  A   A N1    1 
ATOM   209  C  C2    . A   A 1 10 ? 20.694  11.423  6.421   1.00 73.30  ? 11  A   A C2    1 
ATOM   210  N  N3    . A   A 1 10 ? 19.507  11.053  6.878   1.00 75.51  ? 11  A   A N3    1 
ATOM   211  C  C4    . A   A 1 10 ? 18.753  10.571  5.874   1.00 78.88  ? 11  A   A C4    1 
ATOM   212  P  P     . C   A 1 11 ? 13.099  10.328  9.865   1.00 81.05  ? 12  C   A P     1 
ATOM   213  O  OP1   . C   A 1 11 ? 12.048  10.041  8.852   1.00 80.00  ? 12  C   A OP1   1 
ATOM   214  O  OP2   . C   A 1 11 ? 13.169  11.698  10.432  1.00 81.90  ? 12  C   A OP2   1 
ATOM   215  O  "O5'" . C   A 1 11 ? 12.936  9.255   11.026  1.00 82.33  ? 12  C   A "O5'" 1 
ATOM   216  C  "C5'" . C   A 1 11 ? 13.981  9.009   11.954  1.00 80.71  ? 12  C   A "C5'" 1 
ATOM   217  C  "C4'" . C   A 1 11 ? 13.418  8.774   13.330  1.00 84.63  ? 12  C   A "C4'" 1 
ATOM   218  O  "O4'" . C   A 1 11 ? 12.685  9.952   13.766  1.00 84.31  ? 12  C   A "O4'" 1 
ATOM   219  C  "C3'" . C   A 1 11 ? 12.401  7.651   13.429  1.00 83.54  ? 12  C   A "C3'" 1 
ATOM   220  O  "O3'" . C   A 1 11 ? 13.012  6.388   13.558  1.00 86.01  ? 12  C   A "O3'" 1 
ATOM   221  C  "C2'" . C   A 1 11 ? 11.585  8.038   14.650  1.00 86.09  ? 12  C   A "C2'" 1 
ATOM   222  O  "O2'" . C   A 1 11 ? 12.279  7.674   15.834  1.00 88.47  ? 12  C   A "O2'" 1 
ATOM   223  C  "C1'" . C   A 1 11 ? 11.569  9.567   14.540  1.00 81.24  ? 12  C   A "C1'" 1 
ATOM   224  N  N1    . C   A 1 11 ? 10.345  10.074  13.881  1.00 82.66  ? 12  C   A N1    1 
ATOM   225  C  C2    . C   A 1 11 ? 9.095   9.913   14.499  1.00 81.56  ? 12  C   A C2    1 
ATOM   226  O  O2    . C   A 1 11 ? 9.020   9.333   15.593  1.00 83.44  ? 12  C   A O2    1 
ATOM   227  N  N3    . C   A 1 11 ? 7.984   10.385  13.884  1.00 77.54  ? 12  C   A N3    1 
ATOM   228  C  C4    . C   A 1 11 ? 8.076   11.003  12.708  1.00 76.49  ? 12  C   A C4    1 
ATOM   229  N  N4    . C   A 1 11 ? 6.946   11.444  12.150  1.00 78.61  ? 12  C   A N4    1 
ATOM   230  C  C5    . C   A 1 11 ? 9.331   11.194  12.058  1.00 79.68  ? 12  C   A C5    1 
ATOM   231  C  C6    . C   A 1 11 ? 10.427  10.720  12.674  1.00 81.98  ? 12  C   A C6    1 
ATOM   232  P  P     . C   A 1 12 ? 12.438  5.129   12.749  1.00 83.36  ? 13  C   A P     1 
ATOM   233  O  OP1   . C   A 1 12 ? 13.251  3.952   13.139  1.00 87.97  ? 13  C   A OP1   1 
ATOM   234  O  OP2   . C   A 1 12 ? 12.303  5.533   11.329  1.00 85.04  ? 13  C   A OP2   1 
ATOM   235  O  "O5'" . C   A 1 12 ? 10.962  4.939   13.307  1.00 85.74  ? 13  C   A "O5'" 1 
ATOM   236  C  "C5'" . C   A 1 12 ? 10.726  4.555   14.651  1.00 88.11  ? 13  C   A "C5'" 1 
ATOM   237  C  "C4'" . C   A 1 12 ? 9.251   4.548   14.948  1.00 87.31  ? 13  C   A "C4'" 1 
ATOM   238  O  "O4'" . C   A 1 12 ? 8.732   5.903   14.885  1.00 85.35  ? 13  C   A "O4'" 1 
ATOM   239  C  "C3'" . C   A 1 12 ? 8.394   3.781   13.959  1.00 84.74  ? 13  C   A "C3'" 1 
ATOM   240  O  "O3'" . C   A 1 12 ? 8.388   2.387   14.208  1.00 82.10  ? 13  C   A "O3'" 1 
ATOM   241  C  "C2'" . C   A 1 12 ? 7.030   4.438   14.118  1.00 84.41  ? 13  C   A "C2'" 1 
ATOM   242  O  "O2'" . C   A 1 12 ? 6.382   3.960   15.282  1.00 93.55  ? 13  C   A "O2'" 1 
ATOM   243  C  "C1'" . C   A 1 12 ? 7.418   5.893   14.367  1.00 81.54  ? 13  C   A "C1'" 1 
ATOM   244  N  N1    . C   A 1 12 ? 7.383   6.715   13.135  1.00 80.39  ? 13  C   A N1    1 
ATOM   245  C  C2    . C   A 1 12 ? 6.162   6.981   12.509  1.00 80.97  ? 13  C   A C2    1 
ATOM   246  O  O2    . C   A 1 12 ? 5.114   6.508   12.979  1.00 82.75  ? 13  C   A O2    1 
ATOM   247  N  N3    . C   A 1 12 ? 6.146   7.748   11.389  1.00 82.10  ? 13  C   A N3    1 
ATOM   248  C  C4    . C   A 1 12 ? 7.284   8.246   10.896  1.00 79.36  ? 13  C   A C4    1 
ATOM   249  N  N4    . C   A 1 12 ? 7.216   8.990   9.789   1.00 76.75  ? 13  C   A N4    1 
ATOM   250  C  C5    . C   A 1 12 ? 8.539   7.996   11.514  1.00 77.54  ? 13  C   A C5    1 
ATOM   251  C  C6    . C   A 1 12 ? 8.539   7.240   12.621  1.00 82.55  ? 13  C   A C6    1 
ATOM   252  P  P     . C   A 1 13 ? 8.297   1.347   12.987  1.00 78.50  ? 14  C   A P     1 
ATOM   253  O  OP1   . C   A 1 13 ? 8.077   -0.018  13.541  1.00 85.26  ? 14  C   A OP1   1 
ATOM   254  O  OP2   . C   A 1 13 ? 9.446   1.571   12.081  1.00 77.18  ? 14  C   A OP2   1 
ATOM   255  O  "O5'" . C   A 1 13 ? 6.982   1.784   12.214  1.00 71.96  ? 14  C   A "O5'" 1 
ATOM   256  C  "C5'" . C   A 1 13 ? 5.697   1.445   12.705  1.00 74.57  ? 14  C   A "C5'" 1 
ATOM   257  C  "C4'" . C   A 1 13 ? 4.636   1.872   11.728  1.00 78.22  ? 14  C   A "C4'" 1 
ATOM   258  O  "O4'" . C   A 1 13 ? 4.617   3.322   11.625  1.00 76.20  ? 14  C   A "O4'" 1 
ATOM   259  C  "C3'" . C   A 1 13 ? 4.867   1.413   10.304  1.00 75.39  ? 14  C   A "C3'" 1 
ATOM   260  O  "O3'" . C   A 1 13 ? 4.456   0.087   10.084  1.00 78.25  ? 14  C   A "O3'" 1 
ATOM   261  C  "C2'" . C   A 1 13 ? 4.085   2.430   9.494   1.00 73.49  ? 14  C   A "C2'" 1 
ATOM   262  O  "O2'" . C   A 1 13 ? 2.705   2.132   9.541   1.00 74.81  ? 14  C   A "O2'" 1 
ATOM   263  C  "C1'" . C   A 1 13 ? 4.334   3.703   10.295  1.00 74.95  ? 14  C   A "C1'" 1 
ATOM   264  N  N1    . C   A 1 13 ? 5.482   4.464   9.754   1.00 77.09  ? 14  C   A N1    1 
ATOM   265  C  C2    . C   A 1 13 ? 5.251   5.265   8.637   1.00 76.82  ? 14  C   A C2    1 
ATOM   266  O  O2    . C   A 1 13 ? 4.101   5.301   8.167   1.00 76.39  ? 14  C   A O2    1 
ATOM   267  N  N3    . C   A 1 13 ? 6.276   5.978   8.107   1.00 76.03  ? 14  C   A N3    1 
ATOM   268  C  C4    . C   A 1 13 ? 7.492   5.904   8.649   1.00 72.96  ? 14  C   A C4    1 
ATOM   269  N  N4    . C   A 1 13 ? 8.469   6.617   8.093   1.00 70.21  ? 14  C   A N4    1 
ATOM   270  C  C5    . C   A 1 13 ? 7.760   5.094   9.787   1.00 76.38  ? 14  C   A C5    1 
ATOM   271  C  C6    . C   A 1 13 ? 6.736   4.394   10.300  1.00 80.49  ? 14  C   A C6    1 
ATOM   272  P  P     . C   A 1 14 ? 5.305   -0.836  9.099   1.00 72.39  ? 15  C   A P     1 
ATOM   273  O  OP1   . C   A 1 14 ? 4.643   -2.160  9.010   1.00 78.78  ? 15  C   A OP1   1 
ATOM   274  O  OP2   . C   A 1 14 ? 6.697   -0.769  9.602   1.00 74.13  ? 15  C   A OP2   1 
ATOM   275  O  "O5'" . C   A 1 14 ? 5.204   -0.088  7.692   1.00 70.60  ? 15  C   A "O5'" 1 
ATOM   276  C  "C5'" . C   A 1 14 ? 4.001   -0.108  6.933   1.00 69.77  ? 15  C   A "C5'" 1 
ATOM   277  C  "C4'" . C   A 1 14 ? 4.073   0.829   5.750   1.00 70.62  ? 15  C   A "C4'" 1 
ATOM   278  O  "O4'" . C   A 1 14 ? 4.480   2.142   6.204   1.00 72.26  ? 15  C   A "O4'" 1 
ATOM   279  C  "C3'" . C   A 1 14 ? 5.090   0.468   4.676   1.00 76.16  ? 15  C   A "C3'" 1 
ATOM   280  O  "O3'" . C   A 1 14 ? 4.579   -0.469  3.733   1.00 76.36  ? 15  C   A "O3'" 1 
ATOM   281  C  "C2'" . C   A 1 14 ? 5.420   1.818   4.044   1.00 71.30  ? 15  C   A "C2'" 1 
ATOM   282  O  "O2'" . C   A 1 14 ? 4.458   2.160   3.060   1.00 67.13  ? 15  C   A "O2'" 1 
ATOM   283  C  "C1'" . C   A 1 14 ? 5.275   2.774   5.226   1.00 72.09  ? 15  C   A "C1'" 1 
ATOM   284  N  N1    . C   A 1 14 ? 6.582   3.102   5.829   1.00 73.53  ? 15  C   A N1    1 
ATOM   285  C  C2    . C   A 1 14 ? 7.382   4.085   5.250   1.00 71.48  ? 15  C   A C2    1 
ATOM   286  O  O2    . C   A 1 14 ? 6.965   4.669   4.245   1.00 73.03  ? 15  C   A O2    1 
ATOM   287  N  N3    . C   A 1 14 ? 8.581   4.378   5.804   1.00 71.50  ? 15  C   A N3    1 
ATOM   288  C  C4    . C   A 1 14 ? 8.977   3.706   6.886   1.00 71.26  ? 15  C   A C4    1 
ATOM   289  N  N4    . C   A 1 14 ? 10.164  3.992   7.419   1.00 70.91  ? 15  C   A N4    1 
ATOM   290  C  C5    . C   A 1 14 ? 8.178   2.696   7.488   1.00 74.23  ? 15  C   A C5    1 
ATOM   291  C  C6    . C   A 1 14 ? 7.000   2.422   6.932   1.00 75.17  ? 15  C   A C6    1 
ATOM   292  P  P     . G   A 1 15 ? 4.959   -2.030  3.814   1.00 75.51  ? 16  G   A P     1 
ATOM   293  O  OP1   . G   A 1 15 ? 3.754   -2.803  3.420   1.00 76.49  ? 16  G   A OP1   1 
ATOM   294  O  OP2   . G   A 1 15 ? 5.643   -2.294  5.111   1.00 73.88  ? 16  G   A OP2   1 
ATOM   295  O  "O5'" . G   A 1 15 ? 6.013   -2.231  2.638   1.00 76.76  ? 16  G   A "O5'" 1 
ATOM   296  C  "C5'" . G   A 1 15 ? 7.383   -1.898  2.813   1.00 77.00  ? 16  G   A "C5'" 1 
ATOM   297  C  "C4'" . G   A 1 15 ? 8.195   -2.408  1.656   1.00 69.51  ? 16  G   A "C4'" 1 
ATOM   298  O  "O4'" . G   A 1 15 ? 8.165   -3.857  1.672   1.00 77.61  ? 16  G   A "O4'" 1 
ATOM   299  C  "C3'" . G   A 1 15 ? 7.661   -2.030  0.281   1.00 69.42  ? 16  G   A "C3'" 1 
ATOM   300  O  "O3'" . G   A 1 15 ? 8.118   -0.758  -0.136  1.00 70.90  ? 16  G   A "O3'" 1 
ATOM   301  C  "C2'" . G   A 1 15 ? 8.138   -3.174  -0.595  1.00 73.13  ? 16  G   A "C2'" 1 
ATOM   302  O  "O2'" . G   A 1 15 ? 9.511   -3.021  -0.927  1.00 73.87  ? 16  G   A "O2'" 1 
ATOM   303  C  "C1'" . G   A 1 15 ? 8.021   -4.357  0.364   1.00 76.40  ? 16  G   A "C1'" 1 
ATOM   304  N  N9    . G   A 1 15 ? 6.707   -5.027  0.277   1.00 74.96  ? 16  G   A N9    1 
ATOM   305  C  C8    . G   A 1 15 ? 5.757   -5.126  1.269   1.00 71.13  ? 16  G   A C8    1 
ATOM   306  N  N7    . G   A 1 15 ? 4.693   -5.778  0.897   1.00 68.99  ? 16  G   A N7    1 
ATOM   307  C  C5    . G   A 1 15 ? 4.955   -6.134  -0.418  1.00 73.71  ? 16  G   A C5    1 
ATOM   308  C  C6    . G   A 1 15 ? 4.173   -6.861  -1.351  1.00 75.56  ? 16  G   A C6    1 
ATOM   309  O  O6    . G   A 1 15 ? 3.045   -7.359  -1.209  1.00 75.34  ? 16  G   A O6    1 
ATOM   310  N  N1    . G   A 1 15 ? 4.827   -6.988  -2.569  1.00 77.29  ? 16  G   A N1    1 
ATOM   311  C  C2    . G   A 1 15 ? 6.069   -6.493  -2.865  1.00 75.53  ? 16  G   A C2    1 
ATOM   312  N  N2    . G   A 1 15 ? 6.522   -6.731  -4.105  1.00 76.47  ? 16  G   A N2    1 
ATOM   313  N  N3    . G   A 1 15 ? 6.810   -5.816  -2.006  1.00 74.55  ? 16  G   A N3    1 
ATOM   314  C  C4    . G   A 1 15 ? 6.194   -5.679  -0.814  1.00 74.55  ? 16  G   A C4    1 
ATOM   315  P  P     . U   A 1 16 ? 7.254   0.143   -1.146  1.00 71.31  ? 17  U   A P     1 
ATOM   316  O  OP1   . U   A 1 16 ? 8.040   1.375   -1.402  1.00 67.96  ? 17  U   A OP1   1 
ATOM   317  O  OP2   . U   A 1 16 ? 5.843   0.225   -0.680  1.00 72.86  ? 17  U   A OP2   1 
ATOM   318  O  "O5'" . U   A 1 16 ? 7.248   -0.696  -2.496  1.00 71.60  ? 17  U   A "O5'" 1 
ATOM   319  C  "C5'" . U   A 1 16 ? 8.388   -0.706  -3.329  1.00 68.03  ? 17  U   A "C5'" 1 
ATOM   320  C  "C4'" . U   A 1 16 ? 8.085   -1.367  -4.642  1.00 74.53  ? 17  U   A "C4'" 1 
ATOM   321  O  "O4'" . U   A 1 16 ? 7.731   -2.759  -4.426  1.00 72.63  ? 17  U   A "O4'" 1 
ATOM   322  C  "C3'" . U   A 1 16 ? 6.910   -0.810  -5.418  1.00 71.75  ? 17  U   A "C3'" 1 
ATOM   323  O  "O3'" . U   A 1 16 ? 7.226   0.377   -6.115  1.00 72.32  ? 17  U   A "O3'" 1 
ATOM   324  C  "C2'" . U   A 1 16 ? 6.554   -1.977  -6.328  1.00 75.97  ? 17  U   A "C2'" 1 
ATOM   325  O  "O2'" . U   A 1 16 ? 7.482   -2.072  -7.398  1.00 73.08  ? 17  U   A "O2'" 1 
ATOM   326  C  "C1'" . U   A 1 16 ? 6.789   -3.162  -5.394  1.00 72.51  ? 17  U   A "C1'" 1 
ATOM   327  N  N1    . U   A 1 16 ? 5.544   -3.566  -4.706  1.00 78.64  ? 17  U   A N1    1 
ATOM   328  C  C2    . U   A 1 16 ? 4.671   -4.341  -5.448  1.00 80.58  ? 17  U   A C2    1 
ATOM   329  O  O2    . U   A 1 16 ? 4.911   -4.683  -6.595  1.00 77.70  ? 17  U   A O2    1 
ATOM   330  N  N3    . U   A 1 16 ? 3.516   -4.702  -4.800  1.00 79.32  ? 17  U   A N3    1 
ATOM   331  C  C4    . U   A 1 16 ? 3.162   -4.368  -3.511  1.00 76.99  ? 17  U   A C4    1 
ATOM   332  O  O4    . U   A 1 16 ? 2.083   -4.767  -3.071  1.00 80.33  ? 17  U   A O4    1 
ATOM   333  C  C5    . U   A 1 16 ? 4.118   -3.560  -2.811  1.00 69.89  ? 17  U   A C5    1 
ATOM   334  C  C6    . U   A 1 16 ? 5.250   -3.187  -3.416  1.00 72.19  ? 17  U   A C6    1 
ATOM   335  P  P     . A   A 1 17 ? 6.084   1.463   -6.436  1.00 79.46  ? 18  A   A P     1 
ATOM   336  O  OP1   . A   A 1 17 ? 6.763   2.582   -7.121  1.00 79.18  ? 18  A   A OP1   1 
ATOM   337  O  OP2   . A   A 1 17 ? 5.271   1.699   -5.221  1.00 74.62  ? 18  A   A OP2   1 
ATOM   338  O  "O5'" . A   A 1 17 ? 5.137   0.739   -7.491  1.00 82.66  ? 18  A   A "O5'" 1 
ATOM   339  C  "C5'" . A   A 1 17 ? 5.658   0.297   -8.732  1.00 82.48  ? 18  A   A "C5'" 1 
ATOM   340  C  "C4'" . A   A 1 17 ? 4.643   -0.480  -9.532  1.00 85.07  ? 18  A   A "C4'" 1 
ATOM   341  O  "O4'" . A   A 1 17 ? 4.401   -1.787  -8.944  1.00 84.10  ? 18  A   A "O4'" 1 
ATOM   342  C  "C3'" . A   A 1 17 ? 3.255   0.122   -9.639  1.00 85.11  ? 18  A   A "C3'" 1 
ATOM   343  O  "O3'" . A   A 1 17 ? 3.194   1.207   -10.546 1.00 89.23  ? 18  A   A "O3'" 1 
ATOM   344  C  "C2'" . A   A 1 17 ? 2.431   -1.087  -10.054 1.00 89.12  ? 18  A   A "C2'" 1 
ATOM   345  O  "O2'" . A   A 1 17 ? 2.694   -1.419  -11.407 1.00 88.17  ? 18  A   A "O2'" 1 
ATOM   346  C  "C1'" . A   A 1 17 ? 3.061   -2.172  -9.185  1.00 82.54  ? 18  A   A "C1'" 1 
ATOM   347  N  N9    . A   A 1 17 ? 2.372   -2.295  -7.888  1.00 83.51  ? 18  A   A N9    1 
ATOM   348  C  C8    . A   A 1 17 ? 2.658   -1.630  -6.719  1.00 83.00  ? 18  A   A C8    1 
ATOM   349  N  N7    . A   A 1 17 ? 1.870   -1.935  -5.717  1.00 79.09  ? 18  A   A N7    1 
ATOM   350  C  C5    . A   A 1 17 ? 1.008   -2.869  -6.269  1.00 84.24  ? 18  A   A C5    1 
ATOM   351  C  C6    . A   A 1 17 ? -0.062  -3.591  -5.719  1.00 85.83  ? 18  A   A C6    1 
ATOM   352  N  N6    . A   A 1 17 ? -0.445  -3.469  -4.446  1.00 83.55  ? 18  A   A N6    1 
ATOM   353  N  N1    . A   A 1 17 ? -0.728  -4.449  -6.529  1.00 87.37  ? 18  A   A N1    1 
ATOM   354  C  C2    . A   A 1 17 ? -0.334  -4.558  -7.807  1.00 88.04  ? 18  A   A C2    1 
ATOM   355  N  N3    . A   A 1 17 ? 0.668   -3.940  -8.437  1.00 88.69  ? 18  A   A N3    1 
ATOM   356  C  C4    . A   A 1 17 ? 1.301   -3.097  -7.602  1.00 85.95  ? 18  A   A C4    1 
ATOM   357  P  P     . G   A 1 18 ? 1.896   2.153   -10.608 1.00 102.88 ? 19  G   A P     1 
ATOM   358  O  OP1   . G   A 1 18 ? 2.224   3.359   -11.414 1.00 93.66  ? 19  G   A OP1   1 
ATOM   359  O  OP2   . G   A 1 18 ? 1.337   2.407   -9.252  1.00 92.54  ? 19  G   A OP2   1 
ATOM   360  O  "O5'" . G   A 1 18 ? 0.881   1.251   -11.430 1.00 92.69  ? 19  G   A "O5'" 1 
ATOM   361  C  "C5'" . G   A 1 18 ? -0.506  1.339   -11.199 1.00 92.71  ? 19  G   A "C5'" 1 
ATOM   362  C  "C4'" . G   A 1 18 ? -1.206  0.083   -11.625 1.00 94.03  ? 19  G   A "C4'" 1 
ATOM   363  O  "O4'" . G   A 1 18 ? -0.705  -1.045  -10.857 1.00 94.18  ? 19  G   A "O4'" 1 
ATOM   364  C  "C3'" . G   A 1 18 ? -2.694  0.094   -11.351 1.00 93.68  ? 19  G   A "C3'" 1 
ATOM   365  O  "O3'" . G   A 1 18 ? -3.425  0.762   -12.355 1.00 99.13  ? 19  G   A "O3'" 1 
ATOM   366  C  "C2'" . G   A 1 18 ? -3.023  -1.380  -11.179 1.00 94.13  ? 19  G   A "C2'" 1 
ATOM   367  O  "O2'" . G   A 1 18 ? -3.077  -2.037  -12.435 1.00 100.96 ? 19  G   A "O2'" 1 
ATOM   368  C  "C1'" . G   A 1 18 ? -1.781  -1.852  -10.431 1.00 93.37  ? 19  G   A "C1'" 1 
ATOM   369  N  N9    . G   A 1 18 ? -1.929  -1.637  -8.982  1.00 89.72  ? 19  G   A N9    1 
ATOM   370  C  C8    . G   A 1 18 ? -1.195  -0.760  -8.220  1.00 89.40  ? 19  G   A C8    1 
ATOM   371  N  N7    . G   A 1 18 ? -1.540  -0.758  -6.964  1.00 88.86  ? 19  G   A N7    1 
ATOM   372  C  C5    . G   A 1 18 ? -2.567  -1.688  -6.894  1.00 86.69  ? 19  G   A C5    1 
ATOM   373  C  C6    . G   A 1 18 ? -3.336  -2.115  -5.781  1.00 85.98  ? 19  G   A C6    1 
ATOM   374  O  O6    . G   A 1 18 ? -3.262  -1.749  -4.600  1.00 85.65  ? 19  G   A O6    1 
ATOM   375  N  N1    . G   A 1 18 ? -4.271  -3.070  -6.158  1.00 86.22  ? 19  G   A N1    1 
ATOM   376  C  C2    . G   A 1 18 ? -4.447  -3.547  -7.434  1.00 87.81  ? 19  G   A C2    1 
ATOM   377  N  N2    . G   A 1 18 ? -5.409  -4.468  -7.583  1.00 91.57  ? 19  G   A N2    1 
ATOM   378  N  N3    . G   A 1 18 ? -3.740  -3.159  -8.482  1.00 86.28  ? 19  G   A N3    1 
ATOM   379  C  C4    . G   A 1 18 ? -2.824  -2.236  -8.135  1.00 87.74  ? 19  G   A C4    1 
ATOM   380  P  P     . G   A 1 19 ? -4.334  2.015   -11.932 1.00 102.28 ? 20  G   A P     1 
ATOM   381  O  OP1   . G   A 1 19 ? -4.563  2.861   -13.137 1.00 99.34  ? 20  G   A OP1   1 
ATOM   382  O  OP2   . G   A 1 19 ? -3.700  2.636   -10.737 1.00 95.89  ? 20  G   A OP2   1 
ATOM   383  O  "O5'" . G   A 1 19 ? -5.695  1.316   -11.479 1.00 94.59  ? 20  G   A "O5'" 1 
ATOM   384  C  "C5'" . G   A 1 19 ? -6.228  0.258   -12.258 1.00 95.90  ? 20  G   A "C5'" 1 
ATOM   385  C  "C4'" . G   A 1 19 ? -7.042  -0.715  -11.441 1.00 97.59  ? 20  G   A "C4'" 1 
ATOM   386  O  "O4'" . G   A 1 19 ? -6.236  -1.328  -10.401 1.00 96.67  ? 20  G   A "O4'" 1 
ATOM   387  C  "C3'" . G   A 1 19 ? -8.217  -0.148  -10.674 1.00 95.92  ? 20  G   A "C3'" 1 
ATOM   388  O  "O3'" . G   A 1 19 ? -9.315  0.187   -11.496 1.00 94.87  ? 20  G   A "O3'" 1 
ATOM   389  C  "C2'" . G   A 1 19 ? -8.494  -1.255  -9.666  1.00 94.97  ? 20  G   A "C2'" 1 
ATOM   390  O  "O2'" . G   A 1 19 ? -9.111  -2.373  -10.288 1.00 93.72  ? 20  G   A "O2'" 1 
ATOM   391  C  "C1'" . G   A 1 19 ? -7.070  -1.666  -9.304  1.00 93.70  ? 20  G   A "C1'" 1 
ATOM   392  N  N9    . G   A 1 19 ? -6.595  -0.988  -8.081  1.00 90.77  ? 20  G   A N9    1 
ATOM   393  C  C8    . G   A 1 19 ? -5.595  -0.052  -7.940  1.00 87.47  ? 20  G   A C8    1 
ATOM   394  N  N7    . G   A 1 19 ? -5.433  0.321   -6.696  1.00 85.19  ? 20  G   A N7    1 
ATOM   395  C  C5    . G   A 1 19 ? -6.382  -0.409  -5.981  1.00 84.74  ? 20  G   A C5    1 
ATOM   396  C  C6    . G   A 1 19 ? -6.690  -0.438  -4.595  1.00 84.53  ? 20  G   A C6    1 
ATOM   397  O  O6    . G   A 1 19 ? -6.170  0.199   -3.676  1.00 87.37  ? 20  G   A O6    1 
ATOM   398  N  N1    . G   A 1 19 ? -7.724  -1.316  -4.304  1.00 85.86  ? 20  G   A N1    1 
ATOM   399  C  C2    . G   A 1 19 ? -8.385  -2.090  -5.226  1.00 86.86  ? 20  G   A C2    1 
ATOM   400  N  N2    . G   A 1 19 ? -9.356  -2.887  -4.747  1.00 85.19  ? 20  G   A N2    1 
ATOM   401  N  N3    . G   A 1 19 ? -8.109  -2.078  -6.521  1.00 86.91  ? 20  G   A N3    1 
ATOM   402  C  C4    . G   A 1 19 ? -7.107  -1.220  -6.823  1.00 87.48  ? 20  G   A C4    1 
ATOM   403  P  P     . U   A 1 20 ? -10.062 1.586   -11.263 1.00 101.81 ? 21  U   A P     1 
ATOM   404  O  OP1   . U   A 1 20 ? -10.780 1.939   -12.511 1.00 102.88 ? 21  U   A OP1   1 
ATOM   405  O  OP2   . U   A 1 20 ? -9.093  2.550   -10.690 1.00 100.32 ? 21  U   A OP2   1 
ATOM   406  O  "O5'" . U   A 1 20 ? -11.113 1.250   -10.116 1.00 98.13  ? 21  U   A "O5'" 1 
ATOM   407  C  "C5'" . U   A 1 20 ? -11.915 0.087   -10.202 1.00 89.38  ? 21  U   A "C5'" 1 
ATOM   408  C  "C4'" . U   A 1 20 ? -12.503 -0.285  -8.865  1.00 91.97  ? 21  U   A "C4'" 1 
ATOM   409  O  "O4'" . U   A 1 20 ? -11.461 -0.767  -7.977  1.00 86.31  ? 21  U   A "O4'" 1 
ATOM   410  C  "C3'" . U   A 1 20 ? -13.167 0.829   -8.065  1.00 90.78  ? 21  U   A "C3'" 1 
ATOM   411  O  "O3'" . U   A 1 20 ? -14.457 1.181   -8.540  1.00 93.28  ? 21  U   A "O3'" 1 
ATOM   412  C  "C2'" . U   A 1 20 ? -13.164 0.243   -6.659  1.00 91.15  ? 21  U   A "C2'" 1 
ATOM   413  O  "O2'" . U   A 1 20 ? -14.175 -0.748  -6.524  1.00 91.65  ? 21  U   A "O2'" 1 
ATOM   414  C  "C1'" . U   A 1 20 ? -11.803 -0.463  -6.639  1.00 88.83  ? 21  U   A "C1'" 1 
ATOM   415  N  N1    . U   A 1 20 ? -10.756 0.408   -6.067  1.00 88.19  ? 21  U   A N1    1 
ATOM   416  C  C2    . U   A 1 20 ? -10.654 0.439   -4.691  1.00 88.05  ? 21  U   A C2    1 
ATOM   417  O  O2    . U   A 1 20 ? -11.371 -0.232  -3.971  1.00 89.38  ? 21  U   A O2    1 
ATOM   418  N  N3    . U   A 1 20 ? -9.686  1.277   -4.195  1.00 88.05  ? 21  U   A N3    1 
ATOM   419  C  C4    . U   A 1 20 ? -8.831  2.073   -4.934  1.00 86.65  ? 21  U   A C4    1 
ATOM   420  O  O4    . U   A 1 20 ? -7.998  2.769   -4.355  1.00 82.96  ? 21  U   A O4    1 
ATOM   421  C  C5    . U   A 1 20 ? -9.005  1.992   -6.354  1.00 88.07  ? 21  U   A C5    1 
ATOM   422  C  C6    . U   A 1 20 ? -9.941  1.183   -6.859  1.00 90.28  ? 21  U   A C6    1 
ATOM   423  P  P     . G   A 1 21 ? -14.934 2.722   -8.597  1.00 96.29  ? 22  G   A P     1 
ATOM   424  O  OP1   . G   A 1 21 ? -16.113 2.763   -9.500  1.00 95.13  ? 22  G   A OP1   1 
ATOM   425  O  OP2   . G   A 1 21 ? -13.786 3.635   -8.848  1.00 93.91  ? 22  G   A OP2   1 
ATOM   426  O  "O5'" . G   A 1 21 ? -15.474 3.005   -7.130  1.00 90.33  ? 22  G   A "O5'" 1 
ATOM   427  C  "C5'" . G   A 1 21 ? -16.488 2.179   -6.588  1.00 91.89  ? 22  G   A "C5'" 1 
ATOM   428  C  "C4'" . G   A 1 21 ? -16.576 2.315   -5.094  1.00 92.15  ? 22  G   A "C4'" 1 
ATOM   429  O  "O4'" . G   A 1 21 ? -15.443 1.661   -4.465  1.00 92.60  ? 22  G   A "O4'" 1 
ATOM   430  C  "C3'" . G   A 1 21 ? -16.525 3.726   -4.545  1.00 88.12  ? 22  G   A "C3'" 1 
ATOM   431  O  "O3'" . G   A 1 21 ? -17.741 4.434   -4.686  1.00 93.31  ? 22  G   A "O3'" 1 
ATOM   432  C  "C2'" . G   A 1 21 ? -16.102 3.488   -3.103  1.00 89.14  ? 22  G   A "C2'" 1 
ATOM   433  O  "O2'" . G   A 1 21 ? -17.187 3.020   -2.317  1.00 87.54  ? 22  G   A "O2'" 1 
ATOM   434  C  "C1'" . G   A 1 21 ? -15.096 2.353   -3.281  1.00 89.54  ? 22  G   A "C1'" 1 
ATOM   435  N  N9    . G   A 1 21 ? -13.746 2.912   -3.429  1.00 85.85  ? 22  G   A N9    1 
ATOM   436  C  C8    . G   A 1 21 ? -13.041 3.209   -4.569  1.00 86.44  ? 22  G   A C8    1 
ATOM   437  N  N7    . G   A 1 21 ? -11.877 3.742   -4.304  1.00 87.87  ? 22  G   A N7    1 
ATOM   438  C  C5    . G   A 1 21 ? -11.834 3.817   -2.915  1.00 87.57  ? 22  G   A C5    1 
ATOM   439  C  C6    . G   A 1 21 ? -10.835 4.304   -2.032  1.00 85.71  ? 22  G   A C6    1 
ATOM   440  O  O6    . G   A 1 21 ? -9.734  4.788   -2.310  1.00 86.31  ? 22  G   A O6    1 
ATOM   441  N  N1    . G   A 1 21 ? -11.223 4.175   -0.700  1.00 86.96  ? 22  G   A N1    1 
ATOM   442  C  C2    . G   A 1 21 ? -12.421 3.649   -0.268  1.00 84.96  ? 22  G   A C2    1 
ATOM   443  N  N2    . G   A 1 21 ? -12.619 3.603   1.055   1.00 84.13  ? 22  G   A N2    1 
ATOM   444  N  N3    . G   A 1 21 ? -13.358 3.191   -1.074  1.00 82.36  ? 22  G   A N3    1 
ATOM   445  C  C4    . G   A 1 21 ? -12.991 3.310   -2.367  1.00 85.85  ? 22  G   A C4    1 
ATOM   446  P  P     . G   A 1 22 ? -17.732 6.011   -5.024  1.00 94.41  ? 23  G   A P     1 
ATOM   447  O  OP1   . G   A 1 22 ? -19.149 6.400   -5.257  1.00 96.67  ? 23  G   A OP1   1 
ATOM   448  O  OP2   . G   A 1 22 ? -16.734 6.282   -6.092  1.00 91.41  ? 23  G   A OP2   1 
ATOM   449  O  "O5'" . G   A 1 22 ? -17.245 6.693   -3.664  1.00 85.88  ? 23  G   A "O5'" 1 
ATOM   450  C  "C5'" . G   A 1 22 ? -17.921 6.415   -2.445  1.00 87.08  ? 23  G   A "C5'" 1 
ATOM   451  C  "C4'" . G   A 1 22 ? -17.102 6.781   -1.233  1.00 87.42  ? 23  G   A "C4'" 1 
ATOM   452  O  "O4'" . G   A 1 22 ? -15.930 5.925   -1.119  1.00 88.27  ? 23  G   A "O4'" 1 
ATOM   453  C  "C3'" . G   A 1 22 ? -16.524 8.180   -1.220  1.00 84.38  ? 23  G   A "C3'" 1 
ATOM   454  O  "O3'" . G   A 1 22 ? -17.481 9.172   -0.909  1.00 92.84  ? 23  G   A "O3'" 1 
ATOM   455  C  "C2'" . G   A 1 22 ? -15.390 8.045   -0.212  1.00 85.94  ? 23  G   A "C2'" 1 
ATOM   456  O  "O2'" . G   A 1 22 ? -15.883 7.999   1.118   1.00 87.17  ? 23  G   A "O2'" 1 
ATOM   457  C  "C1'" . G   A 1 22 ? -14.848 6.664   -0.588  1.00 88.64  ? 23  G   A "C1'" 1 
ATOM   458  N  N9    . G   A 1 22 ? -13.825 6.820   -1.638  1.00 87.90  ? 23  G   A N9    1 
ATOM   459  C  C8    . G   A 1 22 ? -13.960 6.641   -2.998  1.00 88.91  ? 23  G   A C8    1 
ATOM   460  N  N7    . G   A 1 22 ? -12.871 6.925   -3.665  1.00 87.50  ? 23  G   A N7    1 
ATOM   461  C  C5    . G   A 1 22 ? -11.983 7.335   -2.684  1.00 84.51  ? 23  G   A C5    1 
ATOM   462  C  C6    . G   A 1 22 ? -10.648 7.763   -2.797  1.00 85.76  ? 23  G   A C6    1 
ATOM   463  O  O6    . G   A 1 22 ? -9.984  7.868   -3.833  1.00 89.60  ? 23  G   A O6    1 
ATOM   464  N  N1    . G   A 1 22 ? -10.098 8.088   -1.553  1.00 85.01  ? 23  G   A N1    1 
ATOM   465  C  C2    . G   A 1 22 ? -10.754 8.010   -0.349  1.00 82.82  ? 23  G   A C2    1 
ATOM   466  N  N2    . G   A 1 22 ? -10.064 8.365   0.748   1.00 80.22  ? 23  G   A N2    1 
ATOM   467  N  N3    . G   A 1 22 ? -12.006 7.611   -0.238  1.00 86.83  ? 23  G   A N3    1 
ATOM   468  C  C4    . G   A 1 22 ? -12.551 7.289   -1.432  1.00 85.75  ? 23  G   A C4    1 
ATOM   469  P  P     . G   A 1 23 ? -17.149 10.723  -1.170  1.00 96.71  ? 24  G   A P     1 
ATOM   470  O  OP1   . G   A 1 23 ? -18.423 11.490  -1.044  1.00 98.33  ? 24  G   A OP1   1 
ATOM   471  O  OP2   . G   A 1 23 ? -16.323 10.856  -2.400  1.00 89.93  ? 24  G   A OP2   1 
ATOM   472  O  "O5'" . G   A 1 23 ? -16.227 11.089  0.069   1.00 80.81  ? 24  G   A "O5'" 1 
ATOM   473  C  "C5'" . G   A 1 23 ? -15.252 12.100  -0.022  1.00 78.32  ? 24  G   A "C5'" 1 
ATOM   474  C  "C4'" . G   A 1 23 ? -14.237 11.938  1.070   1.00 82.24  ? 24  G   A "C4'" 1 
ATOM   475  O  "O4'" . G   A 1 23 ? -13.374 10.809  0.759   1.00 88.63  ? 24  G   A "O4'" 1 
ATOM   476  C  "C3'" . G   A 1 23 ? -13.289 13.109  1.239   1.00 82.60  ? 24  G   A "C3'" 1 
ATOM   477  O  "O3'" . G   A 1 23 ? -13.841 14.135  2.046   1.00 85.89  ? 24  G   A "O3'" 1 
ATOM   478  C  "C2'" . G   A 1 23 ? -12.045 12.453  1.818   1.00 82.93  ? 24  G   A "C2'" 1 
ATOM   479  O  "O2'" . G   A 1 23 ? -12.214 12.170  3.197   1.00 84.61  ? 24  G   A "O2'" 1 
ATOM   480  C  "C1'" . G   A 1 23 ? -12.037 11.127  1.060   1.00 84.92  ? 24  G   A "C1'" 1 
ATOM   481  N  N9    . G   A 1 23 ? -11.307 11.229  -0.219  1.00 81.80  ? 24  G   A N9    1 
ATOM   482  C  C8    . G   A 1 23 ? -11.798 10.934  -1.472  1.00 78.49  ? 24  G   A C8    1 
ATOM   483  N  N7    . G   A 1 23 ? -10.925 11.130  -2.422  1.00 80.26  ? 24  G   A N7    1 
ATOM   484  C  C5    . G   A 1 23 ? -9.784  11.577  -1.752  1.00 84.50  ? 24  G   A C5    1 
ATOM   485  C  C6    . G   A 1 23 ? -8.490  11.947  -2.233  1.00 84.80  ? 24  G   A C6    1 
ATOM   486  O  O6    . G   A 1 23 ? -8.064  11.955  -3.398  1.00 85.09  ? 24  G   A O6    1 
ATOM   487  N  N1    . G   A 1 23 ? -7.637  12.344  -1.202  1.00 82.03  ? 24  G   A N1    1 
ATOM   488  C  C2    . G   A 1 23 ? -7.968  12.377  0.130   1.00 81.10  ? 24  G   A C2    1 
ATOM   489  N  N2    . G   A 1 23 ? -7.015  12.789  0.982   1.00 76.66  ? 24  G   A N2    1 
ATOM   490  N  N3    . G   A 1 23 ? -9.161  12.028  0.587   1.00 84.94  ? 24  G   A N3    1 
ATOM   491  C  C4    . G   A 1 23 ? -10.010 11.647  -0.394  1.00 82.19  ? 24  G   A C4    1 
ATOM   492  P  P     . G   A 1 24 ? -13.855 15.652  1.522   1.00 83.99  ? 25  G   A P     1 
ATOM   493  O  OP1   . G   A 1 24 ? -14.749 16.423  2.424   1.00 87.79  ? 25  G   A OP1   1 
ATOM   494  O  OP2   . G   A 1 24 ? -14.089 15.666  0.051   1.00 80.76  ? 25  G   A OP2   1 
ATOM   495  O  "O5'" . G   A 1 24 ? -12.371 16.143  1.788   1.00 78.08  ? 25  G   A "O5'" 1 
ATOM   496  C  "C5'" . G   A 1 24 ? -11.765 15.945  3.051   1.00 81.26  ? 25  G   A "C5'" 1 
ATOM   497  C  "C4'" . G   A 1 24 ? -10.301 16.281  2.987   1.00 84.81  ? 25  G   A "C4'" 1 
ATOM   498  O  "O4'" . G   A 1 24 ? -9.609  15.287  2.197   1.00 86.61  ? 25  G   A "O4'" 1 
ATOM   499  C  "C3'" . G   A 1 24 ? -9.967  17.591  2.299   1.00 82.27  ? 25  G   A "C3'" 1 
ATOM   500  O  "O3'" . G   A 1 24 ? -10.121 18.703  3.154   1.00 87.78  ? 25  G   A "O3'" 1 
ATOM   501  C  "C2'" . G   A 1 24 ? -8.537  17.370  1.834   1.00 78.63  ? 25  G   A "C2'" 1 
ATOM   502  O  "O2'" . G   A 1 24 ? -7.641  17.516  2.921   1.00 78.60  ? 25  G   A "O2'" 1 
ATOM   503  C  "C1'" . G   A 1 24 ? -8.567  15.895  1.466   1.00 80.14  ? 25  G   A "C1'" 1 
ATOM   504  N  N9    . G   A 1 24 ? -8.801  15.640  0.037   1.00 79.66  ? 25  G   A N9    1 
ATOM   505  C  C8    . G   A 1 24 ? -9.918  15.061  -0.513  1.00 81.27  ? 25  G   A C8    1 
ATOM   506  N  N7    . G   A 1 24 ? -9.831  14.903  -1.804  1.00 81.35  ? 25  G   A N7    1 
ATOM   507  C  C5    . G   A 1 24 ? -8.575  15.397  -2.117  1.00 80.09  ? 25  G   A C5    1 
ATOM   508  C  C6    . G   A 1 24 ? -7.925  15.490  -3.370  1.00 79.31  ? 25  G   A C6    1 
ATOM   509  O  O6    . G   A 1 24 ? -8.351  15.141  -4.481  1.00 78.45  ? 25  G   A O6    1 
ATOM   510  N  N1    . G   A 1 24 ? -6.657  16.059  -3.233  1.00 78.56  ? 25  G   A N1    1 
ATOM   511  C  C2    . G   A 1 24 ? -6.101  16.477  -2.043  1.00 78.09  ? 25  G   A C2    1 
ATOM   512  N  N2    . G   A 1 24 ? -4.865  16.994  -2.110  1.00 78.98  ? 25  G   A N2    1 
ATOM   513  N  N3    . G   A 1 24 ? -6.700  16.393  -0.868  1.00 76.20  ? 25  G   A N3    1 
ATOM   514  C  C4    . G   A 1 24 ? -7.922  15.848  -0.988  1.00 78.88  ? 25  G   A C4    1 
ATOM   515  P  P     . A   A 1 25 ? -10.601 20.110  2.556   1.00 85.86  ? 26  A   A P     1 
ATOM   516  O  OP1   . A   A 1 25 ? -10.790 21.065  3.685   1.00 87.19  ? 26  A   A OP1   1 
ATOM   517  O  OP2   . A   A 1 25 ? -11.698 19.832  1.597   1.00 87.01  ? 26  A   A OP2   1 
ATOM   518  O  "O5'" . A   A 1 25 ? -9.344  20.613  1.726   1.00 81.01  ? 26  A   A "O5'" 1 
ATOM   519  C  "C5'" . A   A 1 25 ? -8.240  21.209  2.379   1.00 78.24  ? 26  A   A "C5'" 1 
ATOM   520  C  "C4'" . A   A 1 25 ? -7.115  21.403  1.409   1.00 81.18  ? 26  A   A "C4'" 1 
ATOM   521  O  "O4'" . A   A 1 25 ? -6.898  20.160  0.697   1.00 81.12  ? 26  A   A "O4'" 1 
ATOM   522  C  "C3'" . A   A 1 25 ? -7.375  22.412  0.306   1.00 77.85  ? 26  A   A "C3'" 1 
ATOM   523  O  "O3'" . A   A 1 25 ? -7.137  23.738  0.717   1.00 81.75  ? 26  A   A "O3'" 1 
ATOM   524  C  "C2'" . A   A 1 25 ? -6.448  21.936  -0.800  1.00 81.76  ? 26  A   A "C2'" 1 
ATOM   525  O  "O2'" . A   A 1 25 ? -5.105  22.290  -0.503  1.00 82.88  ? 26  A   A "O2'" 1 
ATOM   526  C  "C1'" . A   A 1 25 ? -6.565  20.426  -0.645  1.00 78.43  ? 26  A   A "C1'" 1 
ATOM   527  N  N9    . A   A 1 25 ? -7.611  19.836  -1.494  1.00 75.18  ? 26  A   A N9    1 
ATOM   528  C  C8    . A   A 1 25 ? -8.885  19.493  -1.135  1.00 78.34  ? 26  A   A C8    1 
ATOM   529  N  N7    . A   A 1 25 ? -9.567  18.933  -2.109  1.00 82.02  ? 26  A   A N7    1 
ATOM   530  C  C5    . A   A 1 25 ? -8.671  18.902  -3.172  1.00 78.25  ? 26  A   A C5    1 
ATOM   531  C  C6    . A   A 1 25 ? -8.768  18.446  -4.499  1.00 76.81  ? 26  A   A C6    1 
ATOM   532  N  N6    . A   A 1 25 ? -9.864  17.896  -5.020  1.00 74.08  ? 26  A   A N6    1 
ATOM   533  N  N1    . A   A 1 25 ? -7.685  18.574  -5.300  1.00 77.53  ? 26  A   A N1    1 
ATOM   534  C  C2    . A   A 1 25 ? -6.575  19.124  -4.794  1.00 77.60  ? 26  A   A C2    1 
ATOM   535  N  N3    . A   A 1 25 ? -6.363  19.590  -3.566  1.00 80.88  ? 26  A   A N3    1 
ATOM   536  C  C4    . A   A 1 25 ? -7.462  19.454  -2.800  1.00 78.40  ? 26  A   A C4    1 
ATOM   537  P  P     . C   A 1 26 ? -8.109  24.915  0.230   1.00 85.21  ? 27  C   A P     1 
ATOM   538  O  OP1   . C   A 1 26 ? -7.688  26.163  0.919   1.00 90.07  ? 27  C   A OP1   1 
ATOM   539  O  OP2   . C   A 1 26 ? -9.517  24.453  0.368   1.00 79.81  ? 27  C   A OP2   1 
ATOM   540  O  "O5'" . C   A 1 26 ? -7.742  25.071  -1.310  1.00 84.12  ? 27  C   A "O5'" 1 
ATOM   541  C  "C5'" . C   A 1 26 ? -6.433  25.453  -1.699  1.00 78.27  ? 27  C   A "C5'" 1 
ATOM   542  C  "C4'" . C   A 1 26 ? -6.218  25.274  -3.178  1.00 81.18  ? 27  C   A "C4'" 1 
ATOM   543  O  "O4'" . C   A 1 26 ? -6.269  23.864  -3.521  1.00 79.89  ? 27  C   A "O4'" 1 
ATOM   544  C  "C3'" . C   A 1 26 ? -7.266  25.887  -4.089  1.00 80.58  ? 27  C   A "C3'" 1 
ATOM   545  O  "O3'" . C   A 1 26 ? -7.163  27.284  -4.224  1.00 79.50  ? 27  C   A "O3'" 1 
ATOM   546  C  "C2'" . C   A 1 26 ? -7.044  25.116  -5.381  1.00 83.50  ? 27  C   A "C2'" 1 
ATOM   547  O  "O2'" . C   A 1 26 ? -5.868  25.562  -6.038  1.00 80.21  ? 27  C   A "O2'" 1 
ATOM   548  C  "C1'" . C   A 1 26 ? -6.782  23.715  -4.833  1.00 80.60  ? 27  C   A "C1'" 1 
ATOM   549  N  N1    . C   A 1 26 ? -8.033  22.931  -4.779  1.00 77.76  ? 27  C   A N1    1 
ATOM   550  C  C2    . C   A 1 26 ? -8.380  22.230  -5.927  1.00 78.97  ? 27  C   A C2    1 
ATOM   551  O  O2    . C   A 1 26 ? -7.617  22.294  -6.902  1.00 80.26  ? 27  C   A O2    1 
ATOM   552  N  N3    . C   A 1 26 ? -9.519  21.504  -5.948  1.00 77.33  ? 27  C   A N3    1 
ATOM   553  C  C4    . C   A 1 26 ? -10.296 21.472  -4.867  1.00 76.68  ? 27  C   A C4    1 
ATOM   554  N  N4    . C   A 1 26 ? -11.406 20.735  -4.929  1.00 74.82  ? 27  C   A N4    1 
ATOM   555  C  C5    . C   A 1 26 ? -9.970  22.188  -3.676  1.00 79.06  ? 27  C   A C5    1 
ATOM   556  C  C6    . C   A 1 26 ? -8.840  22.906  -3.674  1.00 77.50  ? 27  C   A C6    1 
ATOM   557  P  P     . G   A 1 27 ? -8.498  28.174  -4.311  1.00 84.00  ? 28  G   A P     1 
ATOM   558  O  OP1   . G   A 1 27 ? -8.051  29.595  -4.303  1.00 91.08  ? 28  G   A OP1   1 
ATOM   559  O  OP2   . G   A 1 27 ? -9.509  27.682  -3.335  1.00 78.43  ? 28  G   A OP2   1 
ATOM   560  O  "O5'" . G   A 1 27 ? -9.093  27.836  -5.747  1.00 85.33  ? 28  G   A "O5'" 1 
ATOM   561  C  "C5'" . G   A 1 27 ? -8.304  27.964  -6.919  1.00 81.92  ? 28  G   A "C5'" 1 
ATOM   562  C  "C4'" . G   A 1 27 ? -9.036  27.423  -8.118  1.00 81.93  ? 28  G   A "C4'" 1 
ATOM   563  O  "O4'" . G   A 1 27 ? -9.047  25.969  -8.084  1.00 84.27  ? 28  G   A "O4'" 1 
ATOM   564  C  "C3'" . G   A 1 27 ? -10.506 27.784  -8.204  1.00 82.50  ? 28  G   A "C3'" 1 
ATOM   565  O  "O3'" . G   A 1 27 ? -10.752 29.113  -8.629  1.00 79.35  ? 28  G   A "O3'" 1 
ATOM   566  C  "C2'" . G   A 1 27 ? -11.050 26.710  -9.133  1.00 79.26  ? 28  G   A "C2'" 1 
ATOM   567  O  "O2'" . G   A 1 27 ? -10.742 27.003  -10.485 1.00 82.65  ? 28  G   A "O2'" 1 
ATOM   568  C  "C1'" . G   A 1 27 ? -10.238 25.490  -8.679  1.00 84.16  ? 28  G   A "C1'" 1 
ATOM   569  N  N9    . G   A 1 27 ? -11.020 24.741  -7.686  1.00 83.25  ? 28  G   A N9    1 
ATOM   570  C  C8    . G   A 1 27 ? -11.104 24.968  -6.335  1.00 83.07  ? 28  G   A C8    1 
ATOM   571  N  N7    . G   A 1 27 ? -11.955 24.175  -5.744  1.00 81.09  ? 28  G   A N7    1 
ATOM   572  C  C5    . G   A 1 27 ? -12.470 23.410  -6.775  1.00 78.85  ? 28  G   A C5    1 
ATOM   573  C  C6    . G   A 1 27 ? -13.433 22.387  -6.732  1.00 81.60  ? 28  G   A C6    1 
ATOM   574  O  O6    . G   A 1 27 ? -14.016 21.960  -5.729  1.00 83.87  ? 28  G   A O6    1 
ATOM   575  N  N1    . G   A 1 27 ? -13.674 21.861  -8.002  1.00 80.37  ? 28  G   A N1    1 
ATOM   576  C  C2    . G   A 1 27 ? -13.064 22.279  -9.163  1.00 82.36  ? 28  G   A C2    1 
ATOM   577  N  N2    . G   A 1 27 ? -13.435 21.647  -10.288 1.00 83.53  ? 28  G   A N2    1 
ATOM   578  N  N3    . G   A 1 27 ? -12.154 23.239  -9.212  1.00 81.67  ? 28  G   A N3    1 
ATOM   579  C  C4    . G   A 1 27 ? -11.917 23.751  -7.985  1.00 80.37  ? 28  G   A C4    1 
ATOM   580  P  P     . A   A 1 28 ? -11.897 29.956  -7.883  1.00 82.92  ? 29  A   A P     1 
ATOM   581  O  OP1   . A   A 1 28 ? -12.049 31.268  -8.568  1.00 89.50  ? 29  A   A OP1   1 
ATOM   582  O  OP2   . A   A 1 28 ? -11.629 29.889  -6.422  1.00 84.61  ? 29  A   A OP2   1 
ATOM   583  O  "O5'" . A   A 1 28 ? -13.209 29.099  -8.127  1.00 80.17  ? 29  A   A "O5'" 1 
ATOM   584  C  "C5'" . A   A 1 28 ? -14.423 29.404  -7.474  1.00 77.99  ? 29  A   A "C5'" 1 
ATOM   585  C  "C4'" . A   A 1 28 ? -15.571 29.234  -8.430  1.00 80.47  ? 29  A   A "C4'" 1 
ATOM   586  O  "O4'" . A   A 1 28 ? -15.381 30.141  -9.540  1.00 79.15  ? 29  A   A "O4'" 1 
ATOM   587  C  "C3'" . A   A 1 28 ? -15.675 27.863  -9.074  1.00 83.05  ? 29  A   A "C3'" 1 
ATOM   588  O  "O3'" . A   A 1 28 ? -16.403 26.959  -8.267  1.00 87.61  ? 29  A   A "O3'" 1 
ATOM   589  C  "C2'" . A   A 1 28 ? -16.353 28.155  -10.408 1.00 83.49  ? 29  A   A "C2'" 1 
ATOM   590  O  "O2'" . A   A 1 28 ? -17.758 28.269  -10.233 1.00 81.42  ? 29  A   A "O2'" 1 
ATOM   591  C  "C1'" . A   A 1 28 ? -15.811 29.542  -10.739 1.00 81.08  ? 29  A   A "C1'" 1 
ATOM   592  N  N9    . A   A 1 28 ? -14.687 29.558  -11.698 1.00 81.70  ? 29  A   A N9    1 
ATOM   593  C  C8    . A   A 1 28 ? -13.445 30.094  -11.463 1.00 81.36  ? 29  A   A C8    1 
ATOM   594  N  N7    . A   A 1 28 ? -12.624 30.041  -12.482 1.00 79.46  ? 29  A   A N7    1 
ATOM   595  C  C5    . A   A 1 28 ? -13.388 29.449  -13.473 1.00 80.60  ? 29  A   A C5    1 
ATOM   596  C  C6    . A   A 1 28 ? -13.078 29.124  -14.803 1.00 80.59  ? 29  A   A C6    1 
ATOM   597  N  N6    . A   A 1 28 ? -11.884 29.369  -15.358 1.00 77.49  ? 29  A   A N6    1 
ATOM   598  N  N1    . A   A 1 28 ? -14.053 28.537  -15.534 1.00 81.33  ? 29  A   A N1    1 
ATOM   599  C  C2    . A   A 1 28 ? -15.249 28.319  -14.956 1.00 81.62  ? 29  A   A C2    1 
ATOM   600  N  N3    . A   A 1 28 ? -15.659 28.578  -13.712 1.00 78.84  ? 29  A   A N3    1 
ATOM   601  C  C4    . A   A 1 28 ? -14.666 29.152  -13.013 1.00 79.55  ? 29  A   A C4    1 
ATOM   602  P  P     . A   A 1 29 ? -15.946 25.428  -8.150  1.00 86.83  ? 30  A   A P     1 
ATOM   603  O  OP1   . A   A 1 29 ? -16.901 24.741  -7.241  1.00 89.30  ? 30  A   A OP1   1 
ATOM   604  O  OP2   . A   A 1 29 ? -14.488 25.422  -7.868  1.00 83.51  ? 30  A   A OP2   1 
ATOM   605  O  "O5'" . A   A 1 29 ? -16.148 24.850  -9.619  1.00 87.24  ? 30  A   A "O5'" 1 
ATOM   606  C  "C5'" . A   A 1 29 ? -17.436 24.512  -10.112 1.00 84.74  ? 30  A   A "C5'" 1 
ATOM   607  C  "C4'" . A   A 1 29 ? -17.405 24.358  -11.611 1.00 85.73  ? 30  A   A "C4'" 1 
ATOM   608  O  "O4'" . A   A 1 29 ? -16.718 25.497  -12.178 1.00 84.91  ? 30  A   A "O4'" 1 
ATOM   609  C  "C3'" . A   A 1 29 ? -16.637 23.154  -12.142 1.00 85.97  ? 30  A   A "C3'" 1 
ATOM   610  O  "O3'" . A   A 1 29 ? -17.437 21.986  -12.182 1.00 91.93  ? 30  A   A "O3'" 1 
ATOM   611  C  "C2'" . A   A 1 29 ? -16.186 23.610  -13.524 1.00 84.70  ? 30  A   A "C2'" 1 
ATOM   612  O  "O2'" . A   A 1 29 ? -17.237 23.469  -14.469 1.00 88.61  ? 30  A   A "O2'" 1 
ATOM   613  C  "C1'" . A   A 1 29 ? -15.963 25.101  -13.302 1.00 85.33  ? 30  A   A "C1'" 1 
ATOM   614  N  N9    . A   A 1 29 ? -14.559 25.474  -13.081 1.00 82.87  ? 30  A   A N9    1 
ATOM   615  C  C8    . A   A 1 29 ? -13.945 25.824  -11.903 1.00 84.79  ? 30  A   A C8    1 
ATOM   616  N  N7    . A   A 1 29 ? -12.683 26.167  -12.042 1.00 81.20  ? 30  A   A N7    1 
ATOM   617  C  C5    . A   A 1 29 ? -12.471 26.047  -13.408 1.00 83.01  ? 30  A   A C5    1 
ATOM   618  C  C6    . A   A 1 29 ? -11.339 26.265  -14.208 1.00 80.80  ? 30  A   A C6    1 
ATOM   619  N  N6    . A   A 1 29 ? -10.167 26.661  -13.724 1.00 80.18  ? 30  A   A N6    1 
ATOM   620  N  N1    . A   A 1 29 ? -11.455 26.045  -15.538 1.00 81.44  ? 30  A   A N1    1 
ATOM   621  C  C2    . A   A 1 29 ? -12.641 25.641  -16.015 1.00 84.06  ? 30  A   A C2    1 
ATOM   622  N  N3    . A   A 1 29 ? -13.782 25.404  -15.369 1.00 82.49  ? 30  A   A N3    1 
ATOM   623  C  C4    . A   A 1 29 ? -13.619 25.625  -14.057 1.00 82.96  ? 30  A   A C4    1 
ATOM   624  P  P     . A   A 1 30 ? -16.788 20.534  -11.964 1.00 92.25  ? 31  A   A P     1 
ATOM   625  O  OP1   . A   A 1 30 ? -17.928 19.587  -11.864 1.00 95.36  ? 31  A   A OP1   1 
ATOM   626  O  OP2   . A   A 1 30 ? -15.786 20.617  -10.866 1.00 89.57  ? 31  A   A OP2   1 
ATOM   627  O  "O5'" . A   A 1 30 ? -15.986 20.243  -13.311 1.00 86.46  ? 31  A   A "O5'" 1 
ATOM   628  C  "C5'" . A   A 1 30 ? -16.664 19.930  -14.517 1.00 86.79  ? 31  A   A "C5'" 1 
ATOM   629  C  "C4'" . A   A 1 30 ? -15.743 20.041  -15.701 1.00 86.88  ? 31  A   A "C4'" 1 
ATOM   630  O  "O4'" . A   A 1 30 ? -15.208 21.386  -15.757 1.00 87.59  ? 31  A   A "O4'" 1 
ATOM   631  C  "C3'" . A   A 1 30 ? -14.501 19.161  -15.665 1.00 91.06  ? 31  A   A "C3'" 1 
ATOM   632  O  "O3'" . A   A 1 30 ? -14.724 17.829  -16.082 1.00 89.57  ? 31  A   A "O3'" 1 
ATOM   633  C  "C2'" . A   A 1 30 ? -13.531 19.928  -16.550 1.00 91.86  ? 31  A   A "C2'" 1 
ATOM   634  O  "O2'" . A   A 1 30 ? -13.880 19.790  -17.920 1.00 95.65  ? 31  A   A "O2'" 1 
ATOM   635  C  "C1'" . A   A 1 30 ? -13.848 21.353  -16.145 1.00 87.35  ? 31  A   A "C1'" 1 
ATOM   636  N  N9    . A   A 1 30 ? -13.044 21.798  -14.998 1.00 84.26  ? 31  A   A N9    1 
ATOM   637  C  C8    . A   A 1 30 ? -13.391 21.706  -13.673 1.00 86.96  ? 31  A   A C8    1 
ATOM   638  N  N7    . A   A 1 30 ? -12.507 22.222  -12.856 1.00 88.65  ? 31  A   A N7    1 
ATOM   639  C  C5    . A   A 1 30 ? -11.514 22.681  -13.708 1.00 86.35  ? 31  A   A C5    1 
ATOM   640  C  C6    . A   A 1 30 ? -10.299 23.324  -13.442 1.00 84.11  ? 31  A   A C6    1 
ATOM   641  N  N6    . A   A 1 30 ? -9.905  23.618  -12.196 1.00 83.08  ? 31  A   A N6    1 
ATOM   642  N  N1    . A   A 1 30 ? -9.524  23.655  -14.505 1.00 80.83  ? 31  A   A N1    1 
ATOM   643  C  C2    . A   A 1 30 ? -9.961  23.341  -15.737 1.00 82.04  ? 31  A   A C2    1 
ATOM   644  N  N3    . A   A 1 30 ? -11.092 22.738  -16.113 1.00 81.42  ? 31  A   A N3    1 
ATOM   645  C  C4    . A   A 1 30 ? -11.828 22.426  -15.034 1.00 84.33  ? 31  A   A C4    1 
ATOM   646  P  P     . G   A 1 31 ? -14.459 16.612  -15.069 1.00 91.04  ? 32  G   A P     1 
ATOM   647  O  OP1   . G   A 1 31 ? -14.673 15.369  -15.850 1.00 103.60 ? 32  G   A OP1   1 
ATOM   648  O  OP2   . G   A 1 31 ? -15.248 16.838  -13.828 1.00 93.72  ? 32  G   A OP2   1 
ATOM   649  O  "O5'" . G   A 1 31 ? -12.919 16.722  -14.676 1.00 85.38  ? 32  G   A "O5'" 1 
ATOM   650  C  "C5'" . G   A 1 31 ? -11.902 16.804  -15.660 1.00 85.54  ? 32  G   A "C5'" 1 
ATOM   651  C  "C4'" . G   A 1 31 ? -10.885 17.842  -15.262 1.00 89.19  ? 32  G   A "C4'" 1 
ATOM   652  O  "O4'" . G   A 1 31 ? -11.532 18.812  -14.407 1.00 87.17  ? 32  G   A "O4'" 1 
ATOM   653  C  "C3'" . G   A 1 31 ? -9.714  17.352  -14.429 1.00 88.17  ? 32  G   A "C3'" 1 
ATOM   654  O  "O3'" . G   A 1 31 ? -8.682  16.783  -15.206 1.00 91.81  ? 32  G   A "O3'" 1 
ATOM   655  C  "C2'" . G   A 1 31 ? -9.284  18.608  -13.683 1.00 86.90  ? 32  G   A "C2'" 1 
ATOM   656  O  "O2'" . G   A 1 31 ? -8.517  19.458  -14.524 1.00 89.15  ? 32  G   A "O2'" 1 
ATOM   657  C  "C1'" . G   A 1 31 ? -10.624 19.286  -13.440 1.00 85.56  ? 32  G   A "C1'" 1 
ATOM   658  N  N9    . G   A 1 31 ? -11.171 19.029  -12.096 1.00 82.20  ? 32  G   A N9    1 
ATOM   659  C  C8    . G   A 1 31 ? -12.248 18.253  -11.736 1.00 79.58  ? 32  G   A C8    1 
ATOM   660  N  N7    . G   A 1 31 ? -12.483 18.286  -10.447 1.00 80.22  ? 32  G   A N7    1 
ATOM   661  C  C5    . G   A 1 31 ? -11.503 19.134  -9.937  1.00 81.10  ? 32  G   A C5    1 
ATOM   662  C  C6    . G   A 1 31 ? -11.236 19.562  -8.609  1.00 78.21  ? 32  G   A C6    1 
ATOM   663  O  O6    . G   A 1 31 ? -11.838 19.260  -7.569  1.00 75.02  ? 32  G   A O6    1 
ATOM   664  N  N1    . G   A 1 31 ? -10.143 20.428  -8.561  1.00 78.14  ? 32  G   A N1    1 
ATOM   665  C  C2    . G   A 1 31 ? -9.400  20.832  -9.646  1.00 80.43  ? 32  G   A C2    1 
ATOM   666  N  N2    . G   A 1 31 ? -8.376  21.668  -9.407  1.00 78.97  ? 32  G   A N2    1 
ATOM   667  N  N3    . G   A 1 31 ? -9.638  20.440  -10.885 1.00 79.49  ? 32  G   A N3    1 
ATOM   668  C  C4    . G   A 1 31 ? -10.693 19.603  -10.948 1.00 81.21  ? 32  G   A C4    1 
ATOM   669  P  P     . U   A 1 32 ? -7.620  15.797  -14.517 1.00 94.51  ? 33  U   A P     1 
ATOM   670  O  OP1   . U   A 1 32 ? -6.708  15.317  -15.589 1.00 92.60  ? 33  U   A OP1   1 
ATOM   671  O  OP2   . U   A 1 32 ? -8.383  14.833  -13.676 1.00 82.79  ? 33  U   A OP2   1 
ATOM   672  O  "O5'" . U   A 1 32 ? -6.746  16.761  -13.599 1.00 85.79  ? 33  U   A "O5'" 1 
ATOM   673  C  "C5'" . U   A 1 32 ? -5.794  17.629  -14.187 1.00 84.78  ? 33  U   A "C5'" 1 
ATOM   674  C  "C4'" . U   A 1 32 ? -5.138  18.490  -13.146 1.00 87.19  ? 33  U   A "C4'" 1 
ATOM   675  O  "O4'" . U   A 1 32 ? -6.166  19.118  -12.349 1.00 87.43  ? 33  U   A "O4'" 1 
ATOM   676  C  "C3'" . U   A 1 32 ? -4.282  17.756  -12.129 1.00 86.53  ? 33  U   A "C3'" 1 
ATOM   677  O  "O3'" . U   A 1 32 ? -2.975  17.493  -12.602 1.00 91.55  ? 33  U   A "O3'" 1 
ATOM   678  C  "C2'" . U   A 1 32 ? -4.317  18.691  -10.931 1.00 84.51  ? 33  U   A "C2'" 1 
ATOM   679  O  "O2'" . U   A 1 32 ? -3.449  19.794  -11.134 1.00 85.43  ? 33  U   A "O2'" 1 
ATOM   680  C  "C1'" . U   A 1 32 ? -5.742  19.215  -11.008 1.00 84.28  ? 33  U   A "C1'" 1 
ATOM   681  N  N1    . U   A 1 32 ? -6.696  18.470  -10.157 1.00 84.02  ? 33  U   A N1    1 
ATOM   682  C  C2    . U   A 1 32 ? -6.700  18.787  -8.811  1.00 81.96  ? 33  U   A C2    1 
ATOM   683  O  O2    . U   A 1 32 ? -5.928  19.597  -8.322  1.00 80.54  ? 33  U   A O2    1 
ATOM   684  N  N3    . U   A 1 32 ? -7.623  18.106  -8.058  1.00 79.75  ? 33  U   A N3    1 
ATOM   685  C  C4    . U   A 1 32 ? -8.529  17.178  -8.512  1.00 76.61  ? 33  U   A C4    1 
ATOM   686  O  O4    . U   A 1 32 ? -9.294  16.668  -7.701  1.00 77.43  ? 33  U   A O4    1 
ATOM   687  C  C5    . U   A 1 32 ? -8.474  16.910  -9.920  1.00 77.67  ? 33  U   A C5    1 
ATOM   688  C  C6    . U   A 1 32 ? -7.581  17.552  -10.681 1.00 80.46  ? 33  U   A C6    1 
ATOM   689  P  P     . C   A 1 33 ? -2.136  16.258  -12.012 1.00 95.43  ? 34  C   A P     1 
ATOM   690  O  OP1   . C   A 1 33 ? -0.891  16.141  -12.814 1.00 98.59  ? 34  C   A OP1   1 
ATOM   691  O  OP2   . C   A 1 33 ? -3.041  15.075  -11.914 1.00 79.14  ? 34  C   A OP2   1 
ATOM   692  O  "O5'" . C   A 1 33 ? -1.744  16.740  -10.543 1.00 83.95  ? 34  C   A "O5'" 1 
ATOM   693  C  "C5'" . C   A 1 33 ? -0.986  17.917  -10.328 1.00 78.92  ? 34  C   A "C5'" 1 
ATOM   694  C  "C4'" . C   A 1 33 ? -0.894  18.225  -8.855  1.00 87.92  ? 34  C   A "C4'" 1 
ATOM   695  O  "O4'" . C   A 1 33 ? -2.210  18.508  -8.319  1.00 86.40  ? 34  C   A "O4'" 1 
ATOM   696  C  "C3'" . C   A 1 33 ? -0.374  17.087  -7.994  1.00 85.69  ? 34  C   A "C3'" 1 
ATOM   697  O  "O3'" . C   A 1 33 ? 1.038   17.053  -7.988  1.00 91.40  ? 34  C   A "O3'" 1 
ATOM   698  C  "C2'" . C   A 1 33 ? -0.985  17.378  -6.629  1.00 84.57  ? 34  C   A "C2'" 1 
ATOM   699  O  "O2'" . C   A 1 33 ? -0.258  18.402  -5.964  1.00 80.27  ? 34  C   A "O2'" 1 
ATOM   700  C  "C1'" . C   A 1 33 ? -2.334  17.966  -7.020  1.00 85.78  ? 34  C   A "C1'" 1 
ATOM   701  N  N1    . C   A 1 33 ? -3.451  16.986  -7.021  1.00 82.88  ? 34  C   A N1    1 
ATOM   702  C  C2    . C   A 1 33 ? -4.194  16.829  -5.843  1.00 79.18  ? 34  C   A C2    1 
ATOM   703  O  O2    . C   A 1 33 ? -3.852  17.464  -4.839  1.00 81.25  ? 34  C   A O2    1 
ATOM   704  N  N3    . C   A 1 33 ? -5.253  15.992  -5.814  1.00 77.67  ? 34  C   A N3    1 
ATOM   705  C  C4    . C   A 1 33 ? -5.597  15.325  -6.915  1.00 78.83  ? 34  C   A C4    1 
ATOM   706  N  N4    . C   A 1 33 ? -6.655  14.511  -6.833  1.00 74.86  ? 34  C   A N4    1 
ATOM   707  C  C5    . C   A 1 33 ? -4.873  15.472  -8.139  1.00 75.64  ? 34  C   A C5    1 
ATOM   708  C  C6    . C   A 1 33 ? -3.824  16.307  -8.150  1.00 77.05  ? 34  C   A C6    1 
ATOM   709  P  P     . A   A 1 34 ? 1.826   15.659  -7.889  1.00 99.14  ? 35  A   A P     1 
ATOM   710  O  OP1   . A   A 1 34 ? 3.237   15.968  -8.250  1.00 96.53  ? 35  A   A OP1   1 
ATOM   711  O  OP2   . A   A 1 34 ? 1.046   14.568  -8.549  1.00 89.09  ? 35  A   A OP2   1 
ATOM   712  O  "O5'" . A   A 1 34 ? 1.814   15.345  -6.338  1.00 89.87  ? 35  A   A "O5'" 1 
ATOM   713  C  "C5'" . A   A 1 34 ? 2.223   16.328  -5.407  1.00 89.42  ? 35  A   A "C5'" 1 
ATOM   714  C  "C4'" . A   A 1 34 ? 1.962   15.838  -4.017  1.00 90.37  ? 35  A   A "C4'" 1 
ATOM   715  O  "O4'" . A   A 1 34 ? 0.595   16.158  -3.630  1.00 94.20  ? 35  A   A "O4'" 1 
ATOM   716  C  "C3'" . A   A 1 34 ? 2.016   14.332  -3.861  1.00 94.31  ? 35  A   A "C3'" 1 
ATOM   717  O  "O3'" . A   A 1 34 ? 3.321   13.774  -3.976  1.00 97.33  ? 35  A   A "O3'" 1 
ATOM   718  C  "C2'" . A   A 1 34 ? 1.225   14.128  -2.579  1.00 94.20  ? 35  A   A "C2'" 1 
ATOM   719  O  "O2'" . A   A 1 34 ? 1.953   14.595  -1.451  1.00 96.08  ? 35  A   A "O2'" 1 
ATOM   720  C  "C1'" . A   A 1 34 ? 0.071   15.111  -2.828  1.00 88.52  ? 35  A   A "C1'" 1 
ATOM   721  N  N9    . A   A 1 34 ? -1.066  14.473  -3.546  1.00 83.50  ? 35  A   A N9    1 
ATOM   722  C  C8    . A   A 1 34 ? -1.117  14.021  -4.852  1.00 86.03  ? 35  A   A C8    1 
ATOM   723  N  N7    . A   A 1 34 ? -2.259  13.472  -5.210  1.00 78.51  ? 35  A   A N7    1 
ATOM   724  C  C5    . A   A 1 34 ? -3.032  13.555  -4.061  1.00 77.87  ? 35  A   A C5    1 
ATOM   725  C  C6    . A   A 1 34 ? -4.360  13.157  -3.782  1.00 80.19  ? 35  A   A C6    1 
ATOM   726  N  N6    . A   A 1 34 ? -5.165  12.559  -4.671  1.00 80.89  ? 35  A   A N6    1 
ATOM   727  N  N1    . A   A 1 34 ? -4.847  13.390  -2.538  1.00 77.20  ? 35  A   A N1    1 
ATOM   728  C  C2    . A   A 1 34 ? -4.038  13.980  -1.645  1.00 80.51  ? 35  A   A C2    1 
ATOM   729  N  N3    . A   A 1 34 ? -2.776  14.402  -1.788  1.00 84.84  ? 35  A   A N3    1 
ATOM   730  C  C4    . A   A 1 34 ? -2.315  14.159  -3.034  1.00 82.05  ? 35  A   A C4    1 
ATOM   731  P  P     . G   A 1 35 ? 4.179   13.167  -2.766  1.00 88.54  ? 36  G   A P     1 
ATOM   732  O  OP1   . G   A 1 35 ? 4.273   14.055  -1.577  1.00 81.19  ? 36  G   A OP1   1 
ATOM   733  O  OP2   . G   A 1 35 ? 5.413   12.709  -3.452  1.00 100.27 ? 36  G   A OP2   1 
ATOM   734  O  "O5'" . G   A 1 35 ? 3.432   11.836  -2.353  1.00 90.13  ? 36  G   A "O5'" 1 
ATOM   735  C  "C5'" . G   A 1 35 ? 4.079   10.943  -1.461  1.00 85.43  ? 36  G   A "C5'" 1 
ATOM   736  C  "C4'" . G   A 1 35 ? 3.110   10.202  -0.584  1.00 81.73  ? 36  G   A "C4'" 1 
ATOM   737  O  "O4'" . G   A 1 35 ? 3.883   9.409   0.343   1.00 81.90  ? 36  G   A "O4'" 1 
ATOM   738  C  "C3'" . G   A 1 35 ? 2.177   11.061  0.268   1.00 83.51  ? 36  G   A "C3'" 1 
ATOM   739  O  "O3'" . G   A 1 35 ? 0.943   10.358  0.431   1.00 79.78  ? 36  G   A "O3'" 1 
ATOM   740  C  "C2'" . G   A 1 35 ? 2.910   11.122  1.604   1.00 80.88  ? 36  G   A "C2'" 1 
ATOM   741  O  "O2'" . G   A 1 35 ? 2.075   11.351  2.717   1.00 81.96  ? 36  G   A "O2'" 1 
ATOM   742  C  "C1'" . G   A 1 35 ? 3.529   9.734   1.664   1.00 81.12  ? 36  G   A "C1'" 1 
ATOM   743  N  N9    . G   A 1 35 ? 4.736   9.629   2.476   1.00 80.52  ? 36  G   A N9    1 
ATOM   744  C  C8    . G   A 1 35 ? 5.945   10.251  2.317   1.00 77.73  ? 36  G   A C8    1 
ATOM   745  N  N7    . G   A 1 35 ? 6.820   9.885   3.224   1.00 78.64  ? 36  G   A N7    1 
ATOM   746  C  C5    . G   A 1 35 ? 6.133   8.973   4.017   1.00 79.19  ? 36  G   A C5    1 
ATOM   747  C  C6    . G   A 1 35 ? 6.532   8.243   5.162   1.00 73.05  ? 36  G   A C6    1 
ATOM   748  O  O6    . G   A 1 35 ? 7.616   8.259   5.746   1.00 73.66  ? 36  G   A O6    1 
ATOM   749  N  N1    . G   A 1 35 ? 5.511   7.439   5.639   1.00 73.68  ? 36  G   A N1    1 
ATOM   750  C  C2    . G   A 1 35 ? 4.258   7.344   5.090   1.00 73.98  ? 36  G   A C2    1 
ATOM   751  N  N2    . G   A 1 35 ? 3.400   6.511   5.686   1.00 76.60  ? 36  G   A N2    1 
ATOM   752  N  N3    . G   A 1 35 ? 3.869   8.010   4.027   1.00 73.10  ? 36  G   A N3    1 
ATOM   753  C  C4    . G   A 1 35 ? 4.851   8.794   3.552   1.00 79.21  ? 36  G   A C4    1 
ATOM   754  P  P     . C   A 1 36 ? -0.126  10.330  -0.772  1.00 82.07  ? 37  C   A P     1 
ATOM   755  O  OP1   . C   A 1 36 ? -0.279  8.985   -1.369  1.00 77.86  ? 37  C   A OP1   1 
ATOM   756  O  OP2   . C   A 1 36 ? 0.235   11.464  -1.656  1.00 86.92  ? 37  C   A OP2   1 
ATOM   757  O  "O5'" . C   A 1 36 ? -1.516  10.664  -0.071  1.00 84.13  ? 37  C   A "O5'" 1 
ATOM   758  C  "C5'" . C   A 1 36 ? -1.674  11.793  0.785   1.00 79.08  ? 37  C   A "C5'" 1 
ATOM   759  C  "C4'" . C   A 1 36 ? -2.886  11.618  1.663   1.00 78.34  ? 37  C   A "C4'" 1 
ATOM   760  O  "O4'" . C   A 1 36 ? -4.075  11.609  0.829   1.00 75.61  ? 37  C   A "O4'" 1 
ATOM   761  C  "C3'" . C   A 1 36 ? -2.922  10.313  2.457   1.00 77.18  ? 37  C   A "C3'" 1 
ATOM   762  O  "O3'" . C   A 1 36 ? -3.600  10.537  3.685   1.00 74.08  ? 37  C   A "O3'" 1 
ATOM   763  C  "C2'" . C   A 1 36 ? -3.775  9.410   1.580   1.00 78.03  ? 37  C   A "C2'" 1 
ATOM   764  O  "O2'" . C   A 1 36 ? -4.411  8.353   2.264   1.00 79.01  ? 37  C   A "O2'" 1 
ATOM   765  C  "C1'" . C   A 1 36 ? -4.782  10.401  1.008   1.00 74.42  ? 37  C   A "C1'" 1 
ATOM   766  N  N1    . C   A 1 36 ? -5.304  9.983   -0.295  1.00 75.19  ? 37  C   A N1    1 
ATOM   767  C  C2    . C   A 1 36 ? -6.578  9.433   -0.370  1.00 78.96  ? 37  C   A C2    1 
ATOM   768  O  O2    . C   A 1 36 ? -7.242  9.340   0.675   1.00 82.16  ? 37  C   A O2    1 
ATOM   769  N  N3    . C   A 1 36 ? -7.048  9.026   -1.574  1.00 80.66  ? 37  C   A N3    1 
ATOM   770  C  C4    . C   A 1 36 ? -6.293  9.151   -2.667  1.00 78.27  ? 37  C   A C4    1 
ATOM   771  N  N4    . C   A 1 36 ? -6.787  8.730   -3.837  1.00 73.91  ? 37  C   A N4    1 
ATOM   772  C  C5    . C   A 1 36 ? -4.989  9.712   -2.608  1.00 75.53  ? 37  C   A C5    1 
ATOM   773  C  C6    . C   A 1 36 ? -4.537  10.100  -1.412  1.00 76.42  ? 37  C   A C6    1 
ATOM   774  P  P     . G   A 1 37 ? -2.755  10.724  5.035   1.00 85.03  ? 38  G   A P     1 
ATOM   775  O  OP1   . G   A 1 37 ? -3.734  11.101  6.087   1.00 82.68  ? 38  G   A OP1   1 
ATOM   776  O  OP2   . G   A 1 37 ? -1.592  11.630  4.819   1.00 81.58  ? 38  G   A OP2   1 
ATOM   777  O  "O5'" . G   A 1 37 ? -2.168  9.264   5.300   1.00 76.08  ? 38  G   A "O5'" 1 
ATOM   778  C  "C5'" . G   A 1 37 ? -3.006  8.112   5.292   1.00 73.13  ? 38  G   A "C5'" 1 
ATOM   779  C  "C4'" . G   A 1 37 ? -2.864  7.328   6.573   1.00 75.91  ? 38  G   A "C4'" 1 
ATOM   780  O  "O4'" . G   A 1 37 ? -1.451  7.036   6.810   1.00 74.74  ? 38  G   A "O4'" 1 
ATOM   781  C  "C3'" . G   A 1 37 ? -3.363  8.057   7.818   1.00 77.39  ? 38  G   A "C3'" 1 
ATOM   782  O  "O3'" . G   A 1 37 ? -3.894  7.114   8.748   1.00 79.74  ? 38  G   A "O3'" 1 
ATOM   783  C  "C2'" . G   A 1 37 ? -2.086  8.661   8.378   1.00 75.83  ? 38  G   A "C2'" 1 
ATOM   784  O  "O2'" . G   A 1 37 ? -2.146  8.979   9.751   1.00 75.54  ? 38  G   A "O2'" 1 
ATOM   785  C  "C1'" . G   A 1 37 ? -1.057  7.565   8.057   1.00 75.80  ? 38  G   A "C1'" 1 
ATOM   786  N  N9    . G   A 1 37 ? 0.304   8.090   7.931   1.00 75.36  ? 38  G   A N9    1 
ATOM   787  C  C8    . G   A 1 37 ? 0.746   8.921   6.930   1.00 78.66  ? 38  G   A C8    1 
ATOM   788  N  N7    . G   A 1 37 ? 1.986   9.302   7.069   1.00 77.60  ? 38  G   A N7    1 
ATOM   789  C  C5    . G   A 1 37 ? 2.386   8.693   8.247   1.00 77.79  ? 38  G   A C5    1 
ATOM   790  C  C6    . G   A 1 37 ? 3.635   8.739   8.906   1.00 78.96  ? 38  G   A C6    1 
ATOM   791  O  O6    . G   A 1 37 ? 4.662   9.334   8.569   1.00 81.37  ? 38  G   A O6    1 
ATOM   792  N  N1    . G   A 1 37 ? 3.632   7.991   10.074  1.00 78.91  ? 38  G   A N1    1 
ATOM   793  C  C2    . G   A 1 37 ? 2.558   7.285   10.544  1.00 76.33  ? 38  G   A C2    1 
ATOM   794  N  N2    . G   A 1 37 ? 2.765   6.627   11.693  1.00 73.55  ? 38  G   A N2    1 
ATOM   795  N  N3    . G   A 1 37 ? 1.381   7.231   9.937   1.00 76.18  ? 38  G   A N3    1 
ATOM   796  C  C4    . G   A 1 37 ? 1.364   7.944   8.795   1.00 74.76  ? 38  G   A C4    1 
ATOM   797  P  P     . C   A 1 38 ? -5.465  7.101   9.086   1.00 85.62  ? 39  C   A P     1 
ATOM   798  O  OP1   . C   A 1 38 ? -5.798  8.416   9.687   1.00 83.83  ? 39  C   A OP1   1 
ATOM   799  O  OP2   . C   A 1 38 ? -5.751  5.845   9.825   1.00 90.53  ? 39  C   A OP2   1 
ATOM   800  O  "O5'" . C   A 1 38 ? -6.194  6.997   7.670   1.00 80.17  ? 39  C   A "O5'" 1 
ATOM   801  C  "C5'" . C   A 1 38 ? -6.285  5.761   6.978   1.00 78.49  ? 39  C   A "C5'" 1 
ATOM   802  C  "C4'" . C   A 1 38 ? -7.721  5.360   6.745   1.00 81.61  ? 39  C   A "C4'" 1 
ATOM   803  O  "O4'" . C   A 1 38 ? -8.322  6.219   5.741   1.00 78.11  ? 39  C   A "O4'" 1 
ATOM   804  C  "C3'" . C   A 1 38 ? -7.941  3.956   6.203   1.00 87.40  ? 39  C   A "C3'" 1 
ATOM   805  O  "O3'" . C   A 1 38 ? -7.874  2.958   7.203   1.00 88.36  ? 39  C   A "O3'" 1 
ATOM   806  C  "C2'" . C   A 1 38 ? -9.308  4.061   5.541   1.00 88.35  ? 39  C   A "C2'" 1 
ATOM   807  O  "O2'" . C   A 1 38 ? -10.353 3.967   6.504   1.00 89.48  ? 39  C   A "O2'" 1 
ATOM   808  C  "C1'" . C   A 1 38 ? -9.269  5.490   4.987   1.00 83.83  ? 39  C   A "C1'" 1 
ATOM   809  N  N1    . C   A 1 38 ? -8.866  5.524   3.562   1.00 85.49  ? 39  C   A N1    1 
ATOM   810  C  C2    . C   A 1 38 ? -9.736  5.016   2.580   1.00 83.41  ? 39  C   A C2    1 
ATOM   811  O  O2    . C   A 1 38 ? -10.836 4.540   2.901   1.00 82.33  ? 39  C   A O2    1 
ATOM   812  N  N3    . C   A 1 38 ? -9.353  5.056   1.286   1.00 82.24  ? 39  C   A N3    1 
ATOM   813  C  C4    . C   A 1 38 ? -8.167  5.579   0.959   1.00 80.69  ? 39  C   A C4    1 
ATOM   814  N  N4    . C   A 1 38 ? -7.844  5.605   -0.333  1.00 81.24  ? 39  C   A N4    1 
ATOM   815  C  C5    . C   A 1 38 ? -7.264  6.107   1.928   1.00 76.47  ? 39  C   A C5    1 
ATOM   816  C  C6    . C   A 1 38 ? -7.655  6.058   3.206   1.00 82.39  ? 39  C   A C6    1 
ATOM   817  P  P     . A   A 1 39 ? -7.240  1.524   6.866   1.00 91.72  ? 40  A   A P     1 
ATOM   818  O  OP1   . A   A 1 39 ? -7.113  0.820   8.166   1.00 98.77  ? 40  A   A OP1   1 
ATOM   819  O  OP2   . A   A 1 39 ? -6.038  1.703   6.009   1.00 88.53  ? 40  A   A OP2   1 
ATOM   820  O  "O5'" . A   A 1 39 ? -8.379  0.784   6.031   1.00 84.66  ? 40  A   A "O5'" 1 
ATOM   821  C  "C5'" . A   A 1 39 ? -9.594  0.422   6.660   1.00 89.91  ? 40  A   A "C5'" 1 
ATOM   822  C  "C4'" . A   A 1 39 ? -10.659 0.057   5.660   1.00 91.21  ? 40  A   A "C4'" 1 
ATOM   823  O  "O4'" . A   A 1 39 ? -10.893 1.158   4.746   1.00 86.74  ? 40  A   A "O4'" 1 
ATOM   824  C  "C3'" . A   A 1 39 ? -10.338 -1.110  4.746   1.00 90.90  ? 40  A   A "C3'" 1 
ATOM   825  O  "O3'" . A   A 1 39 ? -10.530 -2.353  5.379   1.00 93.07  ? 40  A   A "O3'" 1 
ATOM   826  C  "C2'" . A   A 1 39 ? -11.280 -0.873  3.579   1.00 91.16  ? 40  A   A "C2'" 1 
ATOM   827  O  "O2'" . A   A 1 39 ? -12.604 -1.259  3.920   1.00 91.49  ? 40  A   A "O2'" 1 
ATOM   828  C  "C1'" . A   A 1 39 ? -11.231 0.652   3.470   1.00 89.05  ? 40  A   A "C1'" 1 
ATOM   829  N  N9    . A   A 1 39 ? -10.205 1.086   2.511   1.00 87.83  ? 40  A   A N9    1 
ATOM   830  C  C8    . A   A 1 39 ? -8.967  1.613   2.774   1.00 86.30  ? 40  A   A C8    1 
ATOM   831  N  N7    . A   A 1 39 ? -8.286  1.897   1.691   1.00 85.64  ? 40  A   A N7    1 
ATOM   832  C  C5    . A   A 1 39 ? -9.129  1.528   0.656   1.00 85.54  ? 40  A   A C5    1 
ATOM   833  C  C6    . A   A 1 39 ? -8.996  1.577   -0.740  1.00 88.60  ? 40  A   A C6    1 
ATOM   834  N  N6    . A   A 1 39 ? -7.908  2.041   -1.356  1.00 86.22  ? 40  A   A N6    1 
ATOM   835  N  N1    . A   A 1 39 ? -10.031 1.131   -1.493  1.00 89.55  ? 40  A   A N1    1 
ATOM   836  C  C2    . A   A 1 39 ? -11.118 0.667   -0.868  1.00 85.99  ? 40  A   A C2    1 
ATOM   837  N  N3    . A   A 1 39 ? -11.357 0.571   0.438   1.00 85.80  ? 40  A   A N3    1 
ATOM   838  C  C4    . A   A 1 39 ? -10.314 1.024   1.149   1.00 87.11  ? 40  A   A C4    1 
ATOM   839  P  P     . C   A 1 40 ? -9.312  -3.384  5.506   1.00 94.40  ? 41  C   A P     1 
ATOM   840  O  OP1   . C   A 1 40 ? -9.675  -4.278  6.635   1.00 91.68  ? 41  C   A OP1   1 
ATOM   841  O  OP2   . C   A 1 40 ? -8.040  -2.620  5.554   1.00 95.77  ? 41  C   A OP2   1 
ATOM   842  O  "O5'" . C   A 1 40 ? -9.371  -4.197  4.134   1.00 88.79  ? 41  C   A "O5'" 1 
ATOM   843  C  "C5'" . C   A 1 40 ? -10.568 -4.861  3.768   1.00 91.40  ? 41  C   A "C5'" 1 
ATOM   844  C  "C4'" . C   A 1 40 ? -10.870 -4.749  2.294   1.00 93.18  ? 41  C   A "C4'" 1 
ATOM   845  O  "O4'" . C   A 1 40 ? -10.735 -3.383  1.831   1.00 95.04  ? 41  C   A "O4'" 1 
ATOM   846  C  "C3'" . C   A 1 40 ? -9.971  -5.515  1.353   1.00 95.30  ? 41  C   A "C3'" 1 
ATOM   847  O  "O3'" . C   A 1 40 ? -10.218 -6.901  1.351   1.00 96.19  ? 41  C   A "O3'" 1 
ATOM   848  C  "C2'" . C   A 1 40 ? -10.266 -4.847  0.019   1.00 93.36  ? 41  C   A "C2'" 1 
ATOM   849  O  "O2'" . C   A 1 40 ? -11.499 -5.309  -0.514  1.00 96.71  ? 41  C   A "O2'" 1 
ATOM   850  C  "C1'" . C   A 1 40 ? -10.435 -3.389  0.446   1.00 92.06  ? 41  C   A "C1'" 1 
ATOM   851  N  N1    . C   A 1 40 ? -9.204  -2.613  0.188   1.00 91.05  ? 41  C   A N1    1 
ATOM   852  C  C2    . C   A 1 40 ? -8.966  -2.229  -1.141  1.00 92.02  ? 41  C   A C2    1 
ATOM   853  O  O2    . C   A 1 40 ? -9.796  -2.549  -2.014  1.00 94.17  ? 41  C   A O2    1 
ATOM   854  N  N3    . C   A 1 40 ? -7.851  -1.525  -1.450  1.00 88.44  ? 41  C   A N3    1 
ATOM   855  C  C4    . C   A 1 40 ? -6.985  -1.220  -0.482  1.00 89.84  ? 41  C   A C4    1 
ATOM   856  N  N4    . C   A 1 40 ? -5.894  -0.530  -0.823  1.00 88.85  ? 41  C   A N4    1 
ATOM   857  C  C5    . C   A 1 40 ? -7.202  -1.600  0.880   1.00 90.94  ? 41  C   A C5    1 
ATOM   858  C  C6    . C   A 1 40 ? -8.314  -2.293  1.173   1.00 91.53  ? 41  C   A C6    1 
ATOM   859  P  P     . C   A 1 41 ? -9.047  -7.893  0.900   1.00 92.15  ? 42  C   A P     1 
ATOM   860  O  OP1   . C   A 1 41 ? -9.488  -9.269  1.248   1.00 90.82  ? 42  C   A OP1   1 
ATOM   861  O  OP2   . C   A 1 41 ? -7.765  -7.344  1.412   1.00 88.93  ? 42  C   A OP2   1 
ATOM   862  O  "O5'" . C   A 1 41 ? -9.023  -7.746  -0.684  1.00 88.49  ? 42  C   A "O5'" 1 
ATOM   863  C  "C5'" . C   A 1 41 ? -10.173 -8.064  -1.445  1.00 91.49  ? 42  C   A "C5'" 1 
ATOM   864  C  "C4'" . C   A 1 41 ? -9.932  -7.846  -2.911  1.00 90.02  ? 42  C   A "C4'" 1 
ATOM   865  O  "O4'" . C   A 1 41 ? -9.784  -6.433  -3.194  1.00 87.07  ? 42  C   A "O4'" 1 
ATOM   866  C  "C3'" . C   A 1 41 ? -8.661  -8.454  -3.452  1.00 87.99  ? 42  C   A "C3'" 1 
ATOM   867  O  "O3'" . C   A 1 41 ? -8.790  -9.833  -3.685  1.00 90.19  ? 42  C   A "O3'" 1 
ATOM   868  C  "C2'" . C   A 1 41 ? -8.411  -7.635  -4.706  1.00 90.69  ? 42  C   A "C2'" 1 
ATOM   869  O  "O2'" . C   A 1 41 ? -9.267  -8.051  -5.759  1.00 90.23  ? 42  C   A "O2'" 1 
ATOM   870  C  "C1'" . C   A 1 41 ? -8.859  -6.253  -4.245  1.00 84.62  ? 42  C   A "C1'" 1 
ATOM   871  N  N1    . C   A 1 41 ? -7.733  -5.439  -3.736  1.00 88.71  ? 42  C   A N1    1 
ATOM   872  C  C2    . C   A 1 41 ? -6.896  -4.805  -4.653  1.00 87.47  ? 42  C   A C2    1 
ATOM   873  O  O2    . C   A 1 41 ? -7.120  -4.961  -5.861  1.00 86.99  ? 42  C   A O2    1 
ATOM   874  N  N3    . C   A 1 41 ? -5.875  -4.037  -4.201  1.00 87.86  ? 42  C   A N3    1 
ATOM   875  C  C4    . C   A 1 41 ? -5.674  -3.888  -2.888  1.00 89.14  ? 42  C   A C4    1 
ATOM   876  N  N4    . C   A 1 41 ? -4.650  -3.124  -2.483  1.00 86.24  ? 42  C   A N4    1 
ATOM   877  C  C5    . C   A 1 41 ? -6.518  -4.523  -1.931  1.00 89.11  ? 42  C   A C5    1 
ATOM   878  C  C6    . C   A 1 41 ? -7.522  -5.280  -2.394  1.00 90.67  ? 42  C   A C6    1 
ATOM   879  P  P     . U   A 1 42 ? -7.526  -10.785 -3.474  1.00 92.33  ? 43  U   A P     1 
ATOM   880  O  OP1   . U   A 1 42 ? -8.004  -12.185 -3.302  1.00 91.36  ? 43  U   A OP1   1 
ATOM   881  O  OP2   . U   A 1 42 ? -6.697  -10.170 -2.409  1.00 92.43  ? 43  U   A OP2   1 
ATOM   882  O  "O5'" . U   A 1 42 ? -6.768  -10.669 -4.866  1.00 89.76  ? 43  U   A "O5'" 1 
ATOM   883  C  "C5'" . U   A 1 42 ? -7.494  -10.774 -6.079  1.00 88.39  ? 43  U   A "C5'" 1 
ATOM   884  C  "C4'" . U   A 1 42 ? -6.656  -10.337 -7.244  1.00 89.66  ? 43  U   A "C4'" 1 
ATOM   885  O  "O4'" . U   A 1 42 ? -6.544  -8.891  -7.258  1.00 87.79  ? 43  U   A "O4'" 1 
ATOM   886  C  "C3'" . U   A 1 42 ? -5.216  -10.814 -7.212  1.00 88.59  ? 43  U   A "C3'" 1 
ATOM   887  O  "O3'" . U   A 1 42 ? -5.073  -12.145 -7.654  1.00 90.38  ? 43  U   A "O3'" 1 
ATOM   888  C  "C2'" . U   A 1 42 ? -4.517  -9.794  -8.094  1.00 92.01  ? 43  U   A "C2'" 1 
ATOM   889  O  "O2'" . U   A 1 42 ? -4.783  -10.062 -9.462  1.00 91.18  ? 43  U   A "O2'" 1 
ATOM   890  C  "C1'" . U   A 1 42 ? -5.257  -8.515  -7.704  1.00 90.26  ? 43  U   A "C1'" 1 
ATOM   891  N  N1    . U   A 1 42 ? -4.570  -7.774  -6.614  1.00 88.09  ? 43  U   A N1    1 
ATOM   892  C  C2    . U   A 1 42 ? -3.536  -6.932  -6.969  1.00 89.34  ? 43  U   A C2    1 
ATOM   893  O  O2    . U   A 1 42 ? -3.191  -6.798  -8.129  1.00 91.50  ? 43  U   A O2    1 
ATOM   894  N  N3    . U   A 1 42 ? -2.927  -6.252  -5.932  1.00 89.49  ? 43  U   A N3    1 
ATOM   895  C  C4    . U   A 1 42 ? -3.240  -6.330  -4.587  1.00 90.20  ? 43  U   A C4    1 
ATOM   896  O  O4    . U   A 1 42 ? -2.613  -5.653  -3.758  1.00 82.82  ? 43  U   A O4    1 
ATOM   897  C  C5    . U   A 1 42 ? -4.319  -7.233  -4.300  1.00 88.20  ? 43  U   A C5    1 
ATOM   898  C  C6    . U   A 1 42 ? -4.928  -7.897  -5.290  1.00 87.09  ? 43  U   A C6    1 
ATOM   899  P  P     . A   A 1 43 ? -3.885  -13.059 -7.079  1.00 93.32  ? 44  A   A P     1 
ATOM   900  O  OP1   . A   A 1 43 ? -4.167  -14.454 -7.500  1.00 93.42  ? 44  A   A OP1   1 
ATOM   901  O  OP2   . A   A 1 43 ? -3.674  -12.771 -5.636  1.00 97.63  ? 44  A   A OP2   1 
ATOM   902  O  "O5'" . A   A 1 43 ? -2.616  -12.528 -7.872  1.00 89.58  ? 44  A   A "O5'" 1 
ATOM   903  C  "C5'" . A   A 1 43 ? -2.654  -12.417 -9.284  1.00 90.10  ? 44  A   A "C5'" 1 
ATOM   904  C  "C4'" . A   A 1 43 ? -1.441  -11.698 -9.801  1.00 90.21  ? 44  A   A "C4'" 1 
ATOM   905  O  "O4'" . A   A 1 43 ? -1.547  -10.280 -9.526  1.00 90.70  ? 44  A   A "O4'" 1 
ATOM   906  C  "C3'" . A   A 1 43 ? -0.128  -12.090 -9.155  1.00 90.09  ? 44  A   A "C3'" 1 
ATOM   907  O  "O3'" . A   A 1 43 ? 0.369   -13.320 -9.653  1.00 91.46  ? 44  A   A "O3'" 1 
ATOM   908  C  "C2'" . A   A 1 43 ? 0.741   -10.874 -9.443  1.00 88.78  ? 44  A   A "C2'" 1 
ATOM   909  O  "O2'" . A   A 1 43 ? 1.137   -10.852 -10.806 1.00 92.12  ? 44  A   A "O2'" 1 
ATOM   910  C  "C1'" . A   A 1 43 ? -0.269  -9.753  -9.238  1.00 88.14  ? 44  A   A "C1'" 1 
ATOM   911  N  N9    . A   A 1 43 ? -0.280  -9.271  -7.846  1.00 88.08  ? 44  A   A N9    1 
ATOM   912  C  C8    . A   A 1 43 ? -1.056  -9.716  -6.804  1.00 87.89  ? 44  A   A C8    1 
ATOM   913  N  N7    . A   A 1 43 ? -0.840  -9.076  -5.680  1.00 87.61  ? 44  A   A N7    1 
ATOM   914  C  C5    . A   A 1 43 ? 0.144   -8.149  -6.008  1.00 87.27  ? 44  A   A C5    1 
ATOM   915  C  C6    . A   A 1 43 ? 0.815   -7.161  -5.261  1.00 85.41  ? 44  A   A C6    1 
ATOM   916  N  N6    . A   A 1 43 ? 0.588   -6.924  -3.962  1.00 83.52  ? 44  A   A N6    1 
ATOM   917  N  N1    . A   A 1 43 ? 1.739   -6.409  -5.904  1.00 84.61  ? 44  A   A N1    1 
ATOM   918  C  C2    . A   A 1 43 ? 1.977   -6.635  -7.201  1.00 82.94  ? 44  A   A C2    1 
ATOM   919  N  N3    . A   A 1 43 ? 1.405   -7.521  -8.008  1.00 87.71  ? 44  A   A N3    1 
ATOM   920  C  C4    . A   A 1 43 ? 0.496   -8.258  -7.341  1.00 87.93  ? 44  A   A C4    1 
ATOM   921  P  P     . C   A 1 44 ? 1.662   -14.023 -9.009  1.00 91.58  ? 45  C   A P     1 
ATOM   922  O  OP1   . C   A 1 44 ? 1.883   -15.273 -9.779  1.00 94.47  ? 45  C   A OP1   1 
ATOM   923  O  OP2   . C   A 1 44 ? 1.597   -14.113 -7.521  1.00 83.05  ? 45  C   A OP2   1 
ATOM   924  O  "O5'" . C   A 1 44 ? 2.815   -13.031 -9.435  1.00 82.83  ? 45  C   A "O5'" 1 
ATOM   925  C  "C5'" . C   A 1 44 ? 4.084   -13.115 -8.845  1.00 84.14  ? 45  C   A "C5'" 1 
ATOM   926  C  "C4'" . C   A 1 44 ? 4.827   -11.839 -9.060  1.00 86.86  ? 45  C   A "C4'" 1 
ATOM   927  O  "O4'" . C   A 1 44 ? 3.955   -10.711 -8.781  1.00 90.76  ? 45  C   A "O4'" 1 
ATOM   928  C  "C3'" . C   A 1 44 ? 5.996   -11.658 -8.124  1.00 87.23  ? 45  C   A "C3'" 1 
ATOM   929  O  "O3'" . C   A 1 44 ? 7.148   -12.312 -8.616  1.00 88.41  ? 45  C   A "O3'" 1 
ATOM   930  C  "C2'" . C   A 1 44 ? 6.122   -10.152 -8.033  1.00 82.03  ? 45  C   A "C2'" 1 
ATOM   931  O  "O2'" . C   A 1 44 ? 6.732   -9.658  -9.209  1.00 90.30  ? 45  C   A "O2'" 1 
ATOM   932  C  "C1'" . C   A 1 44 ? 4.651   -9.735  -8.052  1.00 83.59  ? 45  C   A "C1'" 1 
ATOM   933  N  N1    . C   A 1 44 ? 4.059   -9.699  -6.696  1.00 82.23  ? 45  C   A N1    1 
ATOM   934  C  C2    . C   A 1 44 ? 4.407   -8.675  -5.819  1.00 79.82  ? 45  C   A C2    1 
ATOM   935  O  O2    . C   A 1 44 ? 5.208   -7.808  -6.192  1.00 82.73  ? 45  C   A O2    1 
ATOM   936  N  N3    . C   A 1 44 ? 3.865   -8.654  -4.584  1.00 78.94  ? 45  C   A N3    1 
ATOM   937  C  C4    . C   A 1 44 ? 2.996   -9.589  -4.208  1.00 82.64  ? 45  C   A C4    1 
ATOM   938  N  N4    . C   A 1 44 ? 2.485   -9.501  -2.975  1.00 77.00  ? 45  C   A N4    1 
ATOM   939  C  C5    . C   A 1 44 ? 2.618   -10.653 -5.079  1.00 81.71  ? 45  C   A C5    1 
ATOM   940  C  C6    . C   A 1 44 ? 3.165   -10.661 -6.299  1.00 82.28  ? 45  C   A C6    1 
ATOM   941  P  P     . U   A 1 45 ? 7.996   -13.259 -7.643  1.00 84.90  ? 46  U   A P     1 
ATOM   942  O  OP1   . U   A 1 45 ? 8.969   -13.979 -8.504  1.00 89.69  ? 46  U   A OP1   1 
ATOM   943  O  OP2   . U   A 1 45 ? 7.054   -14.022 -6.777  1.00 81.43  ? 46  U   A OP2   1 
ATOM   944  O  "O5'" . U   A 1 45 ? 8.822   -12.218 -6.763  1.00 82.37  ? 46  U   A "O5'" 1 
ATOM   945  C  "C5'" . U   A 1 45 ? 9.506   -11.146 -7.397  1.00 82.75  ? 46  U   A "C5'" 1 
ATOM   946  C  "C4'" . U   A 1 45 ? 10.144  -10.229 -6.393  1.00 83.53  ? 46  U   A "C4'" 1 
ATOM   947  O  "O4'" . U   A 1 45 ? 9.152   -9.320  -5.854  1.00 85.03  ? 46  U   A "O4'" 1 
ATOM   948  C  "C3'" . U   A 1 45 ? 10.724  -10.908 -5.168  1.00 80.40  ? 46  U   A "C3'" 1 
ATOM   949  O  "O3'" . U   A 1 45 ? 12.002  -11.456 -5.417  1.00 83.65  ? 46  U   A "O3'" 1 
ATOM   950  C  "C2'" . U   A 1 45 ? 10.727  -9.783  -4.142  1.00 81.60  ? 46  U   A "C2'" 1 
ATOM   951  O  "O2'" . U   A 1 45 ? 11.806  -8.892  -4.376  1.00 79.89  ? 46  U   A "O2'" 1 
ATOM   952  C  "C1'" . U   A 1 45 ? 9.436   -9.054  -4.497  1.00 80.31  ? 46  U   A "C1'" 1 
ATOM   953  N  N1    . U   A 1 45 ? 8.291   -9.509  -3.682  1.00 77.30  ? 46  U   A N1    1 
ATOM   954  C  C2    . U   A 1 45 ? 8.249   -9.095  -2.367  1.00 73.21  ? 46  U   A C2    1 
ATOM   955  O  O2    . U   A 1 45 ? 9.111   -8.405  -1.874  1.00 76.23  ? 46  U   A O2    1 
ATOM   956  N  N3    . U   A 1 45 ? 7.171   -9.524  -1.642  1.00 76.91  ? 46  U   A N3    1 
ATOM   957  C  C4    . U   A 1 45 ? 6.142   -10.315 -2.110  1.00 78.84  ? 46  U   A C4    1 
ATOM   958  O  O4    . U   A 1 45 ? 5.230   -10.617 -1.341  1.00 76.76  ? 46  U   A O4    1 
ATOM   959  C  C5    . U   A 1 45 ? 6.255   -10.709 -3.486  1.00 81.86  ? 46  U   A C5    1 
ATOM   960  C  C6    . U   A 1 45 ? 7.301   -10.302 -4.216  1.00 79.40  ? 46  U   A C6    1 
ATOM   961  P  P     . G   A 1 46 ? 12.401  -12.898 -4.835  1.00 86.30  ? 47  G   A P     1 
ATOM   962  O  OP1   . G   A 1 46 ? 13.687  -13.253 -5.490  1.00 90.40  ? 47  G   A OP1   1 
ATOM   963  O  OP2   . G   A 1 46 ? 11.254  -13.842 -4.928  1.00 84.89  ? 47  G   A OP2   1 
ATOM   964  O  "O5'" . G   A 1 46 ? 12.669  -12.621 -3.291  1.00 76.45  ? 47  G   A "O5'" 1 
ATOM   965  C  "C5'" . G   A 1 46 ? 13.563  -11.603 -2.885  1.00 73.49  ? 47  G   A "C5'" 1 
ATOM   966  C  "C4'" . G   A 1 46 ? 13.328  -11.234 -1.449  1.00 78.22  ? 47  G   A "C4'" 1 
ATOM   967  O  "O4'" . G   A 1 46 ? 12.069  -10.520 -1.318  1.00 80.03  ? 47  G   A "O4'" 1 
ATOM   968  C  "C3'" . G   A 1 46 ? 13.175  -12.395 -0.486  1.00 77.15  ? 47  G   A "C3'" 1 
ATOM   969  O  "O3'" . G   A 1 46 ? 14.413  -12.990 -0.133  1.00 79.64  ? 47  G   A "O3'" 1 
ATOM   970  C  "C2'" . G   A 1 46 ? 12.445  -11.746 0.678   1.00 74.95  ? 47  G   A "C2'" 1 
ATOM   971  O  "O2'" . G   A 1 46 ? 13.347  -10.949 1.430   1.00 75.03  ? 47  G   A "O2'" 1 
ATOM   972  C  "C1'" . G   A 1 46 ? 11.488  -10.810 -0.063  1.00 76.99  ? 47  G   A "C1'" 1 
ATOM   973  N  N9    . G   A 1 46 ? 10.160  -11.423 -0.266  1.00 76.60  ? 47  G   A N9    1 
ATOM   974  C  C8    . G   A 1 46 ? 9.632   -12.009 -1.395  1.00 71.91  ? 47  G   A C8    1 
ATOM   975  N  N7    . G   A 1 46 ? 8.410   -12.458 -1.220  1.00 70.83  ? 47  G   A N7    1 
ATOM   976  C  C5    . G   A 1 46 ? 8.115   -12.151 0.101   1.00 72.80  ? 47  G   A C5    1 
ATOM   977  C  C6    . G   A 1 46 ? 6.946   -12.376 0.873   1.00 72.85  ? 47  G   A C6    1 
ATOM   978  O  O6    . G   A 1 46 ? 5.887   -12.928 0.535   1.00 74.04  ? 47  G   A O6    1 
ATOM   979  N  N1    . G   A 1 46 ? 7.079   -11.895 2.173   1.00 70.63  ? 47  G   A N1    1 
ATOM   980  C  C2    . G   A 1 46 ? 8.195   -11.271 2.666   1.00 72.99  ? 47  G   A C2    1 
ATOM   981  N  N2    . G   A 1 46 ? 8.147   -10.875 3.946   1.00 74.03  ? 47  G   A N2    1 
ATOM   982  N  N3    . G   A 1 46 ? 9.290   -11.052 1.961   1.00 74.13  ? 47  G   A N3    1 
ATOM   983  C  C4    . G   A 1 46 ? 9.182   -11.513 0.699   1.00 75.17  ? 47  G   A C4    1 
ATOM   984  P  P     . G   A 1 47 ? 14.450  -14.384 0.670   1.00 82.20  ? 48  G   A P     1 
ATOM   985  O  OP1   . G   A 1 47 ? 15.871  -14.797 0.816   1.00 85.37  ? 48  G   A OP1   1 
ATOM   986  O  OP2   . G   A 1 47 ? 13.465  -15.305 0.064   1.00 75.06  ? 48  G   A OP2   1 
ATOM   987  O  "O5'" . G   A 1 47 ? 13.895  -14.025 2.118   1.00 76.77  ? 48  G   A "O5'" 1 
ATOM   988  C  "C5'" . G   A 1 47 ? 13.261  -15.025 2.890   1.00 77.79  ? 48  G   A "C5'" 1 
ATOM   989  C  "C4'" . G   A 1 47 ? 12.753  -14.487 4.198   1.00 76.43  ? 48  G   A "C4'" 1 
ATOM   990  O  "O4'" . G   A 1 47 ? 11.655  -13.569 3.958   1.00 82.82  ? 48  G   A "O4'" 1 
ATOM   991  C  "C3'" . G   A 1 47 ? 12.165  -15.540 5.116   1.00 75.72  ? 48  G   A "C3'" 1 
ATOM   992  O  "O3'" . G   A 1 47 ? 13.158  -16.218 5.853   1.00 85.84  ? 48  G   A "O3'" 1 
ATOM   993  C  "C2'" . G   A 1 47 ? 11.188  -14.748 5.971   1.00 79.81  ? 48  G   A "C2'" 1 
ATOM   994  O  "O2'" . G   A 1 47 ? 11.860  -14.056 7.020   1.00 73.90  ? 48  G   A "O2'" 1 
ATOM   995  C  "C1'" . G   A 1 47 ? 10.668  -13.727 4.957   1.00 81.58  ? 48  G   A "C1'" 1 
ATOM   996  N  N9    . G   A 1 47 ? 9.409   -14.151 4.306   1.00 73.81  ? 48  G   A N9    1 
ATOM   997  C  C8    . G   A 1 47 ? 9.227   -14.401 2.968   1.00 70.12  ? 48  G   A C8    1 
ATOM   998  N  N7    . G   A 1 47 ? 8.001   -14.730 2.669   1.00 71.86  ? 48  G   A N7    1 
ATOM   999  C  C5    . G   A 1 47 ? 7.325   -14.681 3.883   1.00 74.25  ? 48  G   A C5    1 
ATOM   1000 C  C6    . G   A 1 47 ? 5.956   -14.940 4.190   1.00 74.40  ? 48  G   A C6    1 
ATOM   1001 O  O6    . G   A 1 47 ? 5.038   -15.270 3.414   1.00 73.90  ? 48  G   A O6    1 
ATOM   1002 N  N1    . G   A 1 47 ? 5.701   -14.780 5.556   1.00 72.56  ? 48  G   A N1    1 
ATOM   1003 C  C2    . G   A 1 47 ? 6.639   -14.418 6.501   1.00 75.50  ? 48  G   A C2    1 
ATOM   1004 N  N2    . G   A 1 47 ? 6.204   -14.305 7.770   1.00 73.85  ? 48  G   A N2    1 
ATOM   1005 N  N3    . G   A 1 47 ? 7.914   -14.174 6.221   1.00 71.99  ? 48  G   A N3    1 
ATOM   1006 C  C4    . G   A 1 47 ? 8.183   -14.321 4.905   1.00 71.75  ? 48  G   A C4    1 
ATOM   1007 P  P     . A   A 1 48 ? 13.186  -17.823 5.860   1.00 84.45  ? 49  A   A P     1 
ATOM   1008 O  OP1   . A   A 1 48 ? 14.498  -18.186 6.447   1.00 85.51  ? 49  A   A OP1   1 
ATOM   1009 O  OP2   . A   A 1 48 ? 12.787  -18.350 4.525   1.00 73.07  ? 49  A   A OP2   1 
ATOM   1010 O  "O5'" . A   A 1 48 ? 12.023  -18.191 6.886   1.00 86.35  ? 49  A   A "O5'" 1 
ATOM   1011 C  "C5'" . A   A 1 48 ? 11.981  -17.568 8.164   1.00 83.44  ? 49  A   A "C5'" 1 
ATOM   1012 C  "C4'" . A   A 1 48 ? 10.611  -17.640 8.790   1.00 83.37  ? 49  A   A "C4'" 1 
ATOM   1013 O  "O4'" . A   A 1 48 ? 9.686   -16.790 8.069   1.00 86.62  ? 49  A   A "O4'" 1 
ATOM   1014 C  "C3'" . A   A 1 48 ? 9.924   -18.992 8.784   1.00 88.40  ? 49  A   A "C3'" 1 
ATOM   1015 O  "O3'" . A   A 1 48 ? 10.422  -19.870 9.775   1.00 94.78  ? 49  A   A "O3'" 1 
ATOM   1016 C  "C2'" . A   A 1 48 ? 8.463   -18.607 8.973   1.00 88.30  ? 49  A   A "C2'" 1 
ATOM   1017 O  "O2'" . A   A 1 48 ? 8.213   -18.224 10.320  1.00 91.19  ? 49  A   A "O2'" 1 
ATOM   1018 C  "C1'" . A   A 1 48 ? 8.386   -17.345 8.118   1.00 81.77  ? 49  A   A "C1'" 1 
ATOM   1019 N  N9    . A   A 1 48 ? 7.953   -17.627 6.739   1.00 78.45  ? 49  A   A N9    1 
ATOM   1020 C  C8    . A   A 1 48 ? 8.745   -17.800 5.630   1.00 77.35  ? 49  A   A C8    1 
ATOM   1021 N  N7    . A   A 1 48 ? 8.063   -18.029 4.531   1.00 76.64  ? 49  A   A N7    1 
ATOM   1022 C  C5    . A   A 1 48 ? 6.736   -18.007 4.946   1.00 76.14  ? 49  A   A C5    1 
ATOM   1023 C  C6    . A   A 1 48 ? 5.520   -18.184 4.256   1.00 75.54  ? 49  A   A C6    1 
ATOM   1024 N  N6    . A   A 1 48 ? 5.434   -18.423 2.946   1.00 73.99  ? 49  A   A N6    1 
ATOM   1025 N  N1    . A   A 1 48 ? 4.372   -18.100 4.965   1.00 76.98  ? 49  A   A N1    1 
ATOM   1026 C  C2    . A   A 1 48 ? 4.458   -17.852 6.284   1.00 80.55  ? 49  A   A C2    1 
ATOM   1027 N  N3    . A   A 1 48 ? 5.537   -17.665 7.049   1.00 79.55  ? 49  A   A N3    1 
ATOM   1028 C  C4    . A   A 1 48 ? 6.655   -17.757 6.306   1.00 79.28  ? 49  A   A C4    1 
ATOM   1029 P  P     . G   A 1 49 ? 10.472  -21.455 9.510   1.00 97.77  ? 50  G   A P     1 
ATOM   1030 O  OP1   . G   A 1 49 ? 11.232  -22.016 10.657  1.00 96.42  ? 50  G   A OP1   1 
ATOM   1031 O  OP2   . G   A 1 49 ? 10.938  -21.755 8.124   1.00 88.57  ? 50  G   A OP2   1 
ATOM   1032 O  "O5'" . G   A 1 49 ? 8.942   -21.890 9.615   1.00 92.31  ? 50  G   A "O5'" 1 
ATOM   1033 C  "C5'" . G   A 1 49 ? 8.242   -21.784 10.844  1.00 89.59  ? 50  G   A "C5'" 1 
ATOM   1034 C  "C4'" . G   A 1 49 ? 6.753   -21.950 10.660  1.00 94.25  ? 50  G   A "C4'" 1 
ATOM   1035 O  "O4'" . G   A 1 49 ? 6.247   -20.929 9.758   1.00 94.49  ? 50  G   A "O4'" 1 
ATOM   1036 C  "C3'" . G   A 1 49 ? 6.267   -23.247 10.030  1.00 98.78  ? 50  G   A "C3'" 1 
ATOM   1037 O  "O3'" . G   A 1 49 ? 6.266   -24.356 10.914  1.00 103.59 ? 50  G   A "O3'" 1 
ATOM   1038 C  "C2'" . G   A 1 49 ? 4.880   -22.850 9.548   1.00 97.96  ? 50  G   A "C2'" 1 
ATOM   1039 O  "O2'" . G   A 1 49 ? 3.992   -22.734 10.650  1.00 99.57  ? 50  G   A "O2'" 1 
ATOM   1040 C  "C1'" . G   A 1 49 ? 5.153   -21.445 9.025   1.00 91.39  ? 50  G   A "C1'" 1 
ATOM   1041 N  N9    . G   A 1 49 ? 5.508   -21.469 7.594   1.00 87.86  ? 50  G   A N9    1 
ATOM   1042 C  C8    . G   A 1 49 ? 6.756   -21.407 7.020   1.00 88.51  ? 50  G   A C8    1 
ATOM   1043 N  N7    . G   A 1 49 ? 6.716   -21.468 5.713   1.00 88.70  ? 50  G   A N7    1 
ATOM   1044 C  C5    . G   A 1 49 ? 5.363   -21.579 5.410   1.00 84.71  ? 50  G   A C5    1 
ATOM   1045 C  C6    . G   A 1 49 ? 4.696   -21.678 4.160   1.00 83.80  ? 50  G   A C6    1 
ATOM   1046 O  O6    . G   A 1 49 ? 5.179   -21.694 3.021   1.00 84.96  ? 50  G   A O6    1 
ATOM   1047 N  N1    . G   A 1 49 ? 3.319   -21.775 4.321   1.00 85.91  ? 50  G   A N1    1 
ATOM   1048 C  C2    . G   A 1 49 ? 2.663   -21.772 5.531   1.00 90.61  ? 50  G   A C2    1 
ATOM   1049 N  N2    . G   A 1 49 ? 1.323   -21.872 5.486   1.00 91.15  ? 50  G   A N2    1 
ATOM   1050 N  N3    . G   A 1 49 ? 3.274   -21.678 6.703   1.00 88.73  ? 50  G   A N3    1 
ATOM   1051 C  C4    . G   A 1 49 ? 4.611   -21.587 6.564   1.00 86.04  ? 50  G   A C4    1 
ATOM   1052 P  P     . C   A 1 50 ? 6.422   -25.856 10.340  1.00 110.43 ? 51  C   A P     1 
ATOM   1053 O  OP1   . C   A 1 50 ? 6.346   -26.750 11.523  1.00 106.27 ? 51  C   A OP1   1 
ATOM   1054 O  OP2   . C   A 1 50 ? 7.595   -25.943 9.432   1.00 103.42 ? 51  C   A OP2   1 
ATOM   1055 O  "O5'" . C   A 1 50 ? 5.122   -26.081 9.442   1.00 103.95 ? 51  C   A "O5'" 1 
ATOM   1056 C  "C5'" . C   A 1 50 ? 3.870   -26.368 10.044  1.00 101.34 ? 51  C   A "C5'" 1 
ATOM   1057 C  "C4'" . C   A 1 50 ? 2.731   -26.249 9.060   1.00 105.56 ? 51  C   A "C4'" 1 
ATOM   1058 O  "O4'" . C   A 1 50 ? 2.910   -25.077 8.225   1.00 102.57 ? 51  C   A "O4'" 1 
ATOM   1059 C  "C3'" . C   A 1 50 ? 2.571   -27.385 8.063   1.00 107.35 ? 51  C   A "C3'" 1 
ATOM   1060 O  "O3'" . C   A 1 50 ? 1.926   -28.515 8.623   1.00 111.48 ? 51  C   A "O3'" 1 
ATOM   1061 C  "C2'" . C   A 1 50 ? 1.778   -26.724 6.941   1.00 106.62 ? 51  C   A "C2'" 1 
ATOM   1062 O  "O2'" . C   A 1 50 ? 0.404   -26.610 7.282   1.00 108.78 ? 51  C   A "O2'" 1 
ATOM   1063 C  "C1'" . C   A 1 50 ? 2.375   -25.317 6.939   1.00 100.22 ? 51  C   A "C1'" 1 
ATOM   1064 N  N1    . C   A 1 50 ? 3.456   -25.169 5.941   1.00 96.95  ? 51  C   A N1    1 
ATOM   1065 C  C2    . C   A 1 50 ? 3.108   -25.095 4.585   1.00 93.82  ? 51  C   A C2    1 
ATOM   1066 O  O2    . C   A 1 50 ? 1.909   -25.162 4.252   1.00 90.83  ? 51  C   A O2    1 
ATOM   1067 N  N3    . C   A 1 50 ? 4.096   -24.956 3.670   1.00 91.42  ? 51  C   A N3    1 
ATOM   1068 C  C4    . C   A 1 50 ? 5.369   -24.884 4.067   1.00 92.18  ? 51  C   A C4    1 
ATOM   1069 N  N4    . C   A 1 50 ? 6.300   -24.739 3.122   1.00 92.43  ? 51  C   A N4    1 
ATOM   1070 C  C5    . C   A 1 50 ? 5.747   -24.953 5.444   1.00 93.91  ? 51  C   A C5    1 
ATOM   1071 C  C6    . C   A 1 50 ? 4.764   -25.093 6.341   1.00 95.15  ? 51  C   A C6    1 
ATOM   1072 P  P     . C   A 1 51 ? 2.332   -30.003 8.168   1.00 118.67 ? 52  C   A P     1 
ATOM   1073 O  OP1   . C   A 1 51 ? 1.506   -30.909 9.001   1.00 124.65 ? 52  C   A OP1   1 
ATOM   1074 O  OP2   . C   A 1 51 ? 3.813   -30.164 8.192   1.00 105.37 ? 52  C   A OP2   1 
ATOM   1075 O  "O5'" . C   A 1 51 ? 1.820   -30.093 6.661   1.00 111.27 ? 52  C   A "O5'" 1 
ATOM   1076 C  "C5'" . C   A 1 51 ? 1.341   -31.321 6.118   1.00 113.79 ? 52  C   A "C5'" 1 
ATOM   1077 C  "C4'" . C   A 1 51 ? 0.232   -31.080 5.125   1.00 115.03 ? 52  C   A "C4'" 1 
ATOM   1078 O  "O4'" . C   A 1 51 ? 0.486   -29.807 4.475   1.00 110.70 ? 52  C   A "O4'" 1 
ATOM   1079 C  "C3'" . C   A 1 51 ? 0.115   -32.125 4.015   1.00 107.95 ? 52  C   A "C3'" 1 
ATOM   1080 O  "O3'" . C   A 1 51 ? -1.247  -32.295 3.619   1.00 100.01 ? 52  C   A "O3'" 1 
ATOM   1081 C  "C2'" . C   A 1 51 ? 0.918   -31.512 2.871   1.00 107.30 ? 52  C   A "C2'" 1 
ATOM   1082 O  "O2'" . C   A 1 51 ? 0.468   -31.906 1.590   1.00 107.97 ? 52  C   A "O2'" 1 
ATOM   1083 C  "C1'" . C   A 1 51 ? 0.752   -29.995 3.096   1.00 110.84 ? 52  C   A "C1'" 1 
ATOM   1084 N  N1    . C   A 1 51 ? 1.991   -29.248 2.797   1.00 105.58 ? 52  C   A N1    1 
ATOM   1085 C  C2    . C   A 1 51 ? 2.259   -28.702 1.527   1.00 97.30  ? 52  C   A C2    1 
ATOM   1086 O  O2    . C   A 1 51 ? 1.427   -28.813 0.614   1.00 96.87  ? 52  C   A O2    1 
ATOM   1087 N  N3    . C   A 1 51 ? 3.433   -28.063 1.315   1.00 90.91  ? 52  C   A N3    1 
ATOM   1088 C  C4    . C   A 1 51 ? 4.326   -27.955 2.301   1.00 95.78  ? 52  C   A C4    1 
ATOM   1089 N  N4    . C   A 1 51 ? 5.473   -27.323 2.048   1.00 96.48  ? 52  C   A N4    1 
ATOM   1090 C  C5    . C   A 1 51 ? 4.088   -28.493 3.596   1.00 100.55 ? 52  C   A C5    1 
ATOM   1091 C  C6    . C   A 1 51 ? 2.925   -29.127 3.792   1.00 104.35 ? 52  C   A C6    1 
HETATM 1092 O  O3B   . GTP B 2 .  ? 9.329   -22.654 -7.148  1.00 128.74 ? 101 GTP A O3B   1 
HETATM 1093 P  PB    . GTP B 2 .  ? 7.926   -23.415 -6.915  1.00 131.99 ? 101 GTP A PB    1 
HETATM 1094 O  O1B   . GTP B 2 .  ? 7.207   -22.795 -5.732  1.00 114.79 ? 101 GTP A O1B   1 
HETATM 1095 O  O2B   . GTP B 2 .  ? 8.163   -24.907 -6.729  1.00 118.41 ? 101 GTP A O2B   1 
HETATM 1096 O  O3A   . GTP B 2 .  ? 7.082   -23.101 -8.258  1.00 126.30 ? 101 GTP A O3A   1 
HETATM 1097 P  PA    . GTP B 2 .  ? 7.254   -23.925 -9.641  1.00 133.19 ? 101 GTP A PA    1 
HETATM 1098 O  O1A   . GTP B 2 .  ? 7.352   -22.978 -10.819 1.00 130.94 ? 101 GTP A O1A   1 
HETATM 1099 O  O2A   . GTP B 2 .  ? 8.464   -24.843 -9.577  1.00 123.69 ? 101 GTP A O2A   1 
HETATM 1100 O  "O5'" . GTP B 2 .  ? 5.908   -24.812 -9.729  1.00 114.13 ? 101 GTP A "O5'" 1 
HETATM 1101 C  "C5'" . GTP B 2 .  ? 4.708   -24.437 -9.083  1.00 108.69 ? 101 GTP A "C5'" 1 
HETATM 1102 C  "C4'" . GTP B 2 .  ? 4.026   -25.694 -8.539  1.00 110.06 ? 101 GTP A "C4'" 1 
HETATM 1103 O  "O4'" . GTP B 2 .  ? 4.867   -26.346 -7.606  1.00 105.78 ? 101 GTP A "O4'" 1 
HETATM 1104 C  "C3'" . GTP B 2 .  ? 2.726   -25.398 -7.803  1.00 105.79 ? 101 GTP A "C3'" 1 
HETATM 1105 O  "O3'" . GTP B 2 .  ? 1.582   -25.612 -8.608  1.00 108.26 ? 101 GTP A "O3'" 1 
HETATM 1106 C  "C2'" . GTP B 2 .  ? 2.724   -26.309 -6.593  1.00 100.32 ? 101 GTP A "C2'" 1 
HETATM 1107 O  "O2'" . GTP B 2 .  ? 1.702   -27.279 -6.673  1.00 102.30 ? 101 GTP A "O2'" 1 
HETATM 1108 C  "C1'" . GTP B 2 .  ? 4.095   -26.965 -6.595  1.00 95.86  ? 101 GTP A "C1'" 1 
HETATM 1109 N  N9    . GTP B 2 .  ? 4.747   -26.807 -5.285  1.00 88.47  ? 101 GTP A N9    1 
HETATM 1110 C  C8    . GTP B 2 .  ? 6.029   -26.377 -5.057  1.00 89.15  ? 101 GTP A C8    1 
HETATM 1111 N  N7    . GTP B 2 .  ? 6.249   -26.394 -3.722  1.00 85.29  ? 101 GTP A N7    1 
HETATM 1112 C  C5    . GTP B 2 .  ? 5.131   -26.846 -3.101  1.00 85.20  ? 101 GTP A C5    1 
HETATM 1113 C  C6    . GTP B 2 .  ? 4.817   -27.065 -1.761  1.00 87.22  ? 101 GTP A C6    1 
HETATM 1114 O  O6    . GTP B 2 .  ? 5.658   -26.841 -0.885  1.00 87.17  ? 101 GTP A O6    1 
HETATM 1115 N  N1    . GTP B 2 .  ? 3.561   -27.543 -1.421  1.00 87.49  ? 101 GTP A N1    1 
HETATM 1116 C  C2    . GTP B 2 .  ? 2.628   -27.803 -2.414  1.00 90.38  ? 101 GTP A C2    1 
HETATM 1117 N  N2    . GTP B 2 .  ? 1.416   -28.262 -2.104  1.00 90.79  ? 101 GTP A N2    1 
HETATM 1118 N  N3    . GTP B 2 .  ? 2.954   -27.587 -3.738  1.00 88.16  ? 101 GTP A N3    1 
HETATM 1119 C  C4    . GTP B 2 .  ? 4.180   -27.114 -4.078  1.00 85.51  ? 101 GTP A C4    1 
HETATM 1120 P  PA    . NAD C 3 .  ? 8.388   -7.048  12.646  1.00 93.48  ? 102 NAD A PA    1 
HETATM 1121 O  O1A   . NAD C 3 .  ? 7.795   -7.812  13.810  1.00 97.59  ? 102 NAD A O1A   1 
HETATM 1122 O  O2A   . NAD C 3 .  ? 7.595   -5.971  11.936  1.00 85.84  ? 102 NAD A O2A   1 
HETATM 1123 O  O5B   . NAD C 3 .  ? 8.995   -8.063  11.558  1.00 86.44  ? 102 NAD A O5B   1 
HETATM 1124 C  C5B   . NAD C 3 .  ? 8.596   -9.414  11.508  1.00 85.20  ? 102 NAD A C5B   1 
HETATM 1125 C  C4B   . NAD C 3 .  ? 8.604   -9.793  10.037  1.00 84.12  ? 102 NAD A C4B   1 
HETATM 1126 O  O4B   . NAD C 3 .  ? 9.630   -9.178  9.248   1.00 76.23  ? 102 NAD A O4B   1 
HETATM 1127 C  C3B   . NAD C 3 .  ? 8.864   -11.267 9.840   1.00 76.69  ? 102 NAD A C3B   1 
HETATM 1128 O  O3B   . NAD C 3 .  ? 7.711   -11.989 10.238  1.00 84.16  ? 102 NAD A O3B   1 
HETATM 1129 C  C2B   . NAD C 3 .  ? 9.066   -11.300 8.348   1.00 78.21  ? 102 NAD A C2B   1 
HETATM 1130 O  O2B   . NAD C 3 .  ? 7.771   -11.355 7.734   1.00 76.45  ? 102 NAD A O2B   1 
HETATM 1131 C  C1B   . NAD C 3 .  ? 9.722   -9.957  8.043   1.00 76.84  ? 102 NAD A C1B   1 
HETATM 1132 N  N9A   . NAD C 3 .  ? 11.128  -10.192 7.619   1.00 78.15  ? 102 NAD A N9A   1 
HETATM 1133 C  C8A   . NAD C 3 .  ? 12.182  -10.373 8.436   1.00 74.47  ? 102 NAD A C8A   1 
HETATM 1134 N  N7A   . NAD C 3 .  ? 13.322  -10.565 7.724   1.00 71.87  ? 102 NAD A N7A   1 
HETATM 1135 C  C5A   . NAD C 3 .  ? 13.006  -10.514 6.418   1.00 71.08  ? 102 NAD A C5A   1 
HETATM 1136 C  C6A   . NAD C 3 .  ? 13.742  -10.636 5.140   1.00 73.63  ? 102 NAD A C6A   1 
HETATM 1137 N  N6A   . NAD C 3 .  ? 15.083  -10.865 5.125   1.00 72.77  ? 102 NAD A N6A   1 
HETATM 1138 N  N1A   . NAD C 3 .  ? 13.036  -10.520 3.994   1.00 72.39  ? 102 NAD A N1A   1 
HETATM 1139 C  C2A   . NAD C 3 .  ? 11.711  -10.296 4.002   1.00 75.13  ? 102 NAD A C2A   1 
HETATM 1140 N  N3A   . NAD C 3 .  ? 10.982  -10.174 5.129   1.00 77.57  ? 102 NAD A N3A   1 
HETATM 1141 C  C4A   . NAD C 3 .  ? 11.561  -10.276 6.351   1.00 76.07  ? 102 NAD A C4A   1 
HETATM 1142 O  O3    . NAD C 3 .  ? 9.828   -6.447  13.004  1.00 97.62  ? 102 NAD A O3    1 
HETATM 1143 P  PN    . NAD C 3 .  ? 10.130  -5.672  14.364  1.00 114.00 ? 102 NAD A PN    1 
HETATM 1144 O  O1N   . NAD C 3 .  ? 10.570  -4.291  13.927  1.00 101.32 ? 102 NAD A O1N   1 
HETATM 1145 O  O2N   . NAD C 3 .  ? 11.027  -6.581  15.175  1.00 114.10 ? 102 NAD A O2N   1 
HETATM 1146 O  O5D   . NAD C 3 .  ? 8.676   -5.546  15.065  1.00 116.16 ? 102 NAD A O5D   1 
HETATM 1147 C  C5D   . NAD C 3 .  ? 8.489   -5.821  16.460  1.00 119.53 ? 102 NAD A C5D   1 
HETATM 1148 C  C4D   . NAD C 3 .  ? 9.470   -4.984  17.279  1.00 125.84 ? 102 NAD A C4D   1 
HETATM 1149 O  O4D   . NAD C 3 .  ? 9.421   -3.605  16.906  1.00 125.70 ? 102 NAD A O4D   1 
HETATM 1150 C  C3D   . NAD C 3 .  ? 9.222   -5.043  18.778  1.00 130.93 ? 102 NAD A C3D   1 
HETATM 1151 O  O3D   . NAD C 3 .  ? 10.046  -6.056  19.371  1.00 128.03 ? 102 NAD A O3D   1 
HETATM 1152 C  C2D   . NAD C 3 .  ? 9.576   -3.649  19.281  1.00 132.47 ? 102 NAD A C2D   1 
HETATM 1153 O  O2D   . NAD C 3 .  ? 10.785  -3.689  20.050  1.00 130.17 ? 102 NAD A O2D   1 
HETATM 1154 C  C1D   . NAD C 3 .  ? 9.775   -2.792  18.030  1.00 130.98 ? 102 NAD A C1D   1 
HETATM 1155 N  N1N   . NAD C 3 .  ? 8.941   -1.580  18.030  1.00 132.82 ? 102 NAD A N1N   1 
HETATM 1156 C  C2N   . NAD C 3 .  ? 9.513   -0.368  18.116  1.00 127.46 ? 102 NAD A C2N   1 
HETATM 1157 C  C3N   . NAD C 3 .  ? 8.730   0.786   18.109  1.00 126.67 ? 102 NAD A C3N   1 
HETATM 1158 C  C7N   . NAD C 3 .  ? 9.375   2.144   18.212  1.00 123.25 ? 102 NAD A C7N   1 
HETATM 1159 O  O7N   . NAD C 3 .  ? 8.678   3.148   18.205  1.00 123.45 ? 102 NAD A O7N   1 
HETATM 1160 N  N7N   . NAD C 3 .  ? 10.704  2.218   18.307  1.00 125.62 ? 102 NAD A N7N   1 
HETATM 1161 C  C4N   . NAD C 3 .  ? 7.347   0.677   18.006  1.00 127.43 ? 102 NAD A C4N   1 
HETATM 1162 C  C5N   . NAD C 3 .  ? 6.778   -0.588  17.914  1.00 128.94 ? 102 NAD A C5N   1 
HETATM 1163 C  C6N   . NAD C 3 .  ? 7.607   -1.705  17.926  1.00 132.07 ? 102 NAD A C6N   1 
HETATM 1164 MG MG    . MG  D 4 .  ? 11.077  -1.145  9.201   1.00 73.42  ? 103 MG  A MG    1 
HETATM 1165 MG MG    . MG  E 4 .  ? 8.392   -4.000  12.336  1.00 75.86  ? 104 MG  A MG    1 
HETATM 1166 MG MG    . MG  F 4 .  ? 9.396   2.653   -0.487  1.00 71.47  ? 105 MG  A MG    1 
HETATM 1167 MG MG    . MG  G 4 .  ? 2.572   12.928  6.860   1.00 84.10  ? 106 MG  A MG    1 
HETATM 1168 MG MG    . MG  H 4 .  ? 8.737   13.449  9.227   1.00 85.00  ? 107 MG  A MG    1 
HETATM 1169 MG MG    . MG  I 4 .  ? 6.001   -13.997 -1.540  1.00 74.37  ? 108 MG  A MG    1 
HETATM 1170 MG MG    . MG  J 4 .  ? 2.762   -4.920  5.986   1.00 85.73  ? 109 MG  A MG    1 
HETATM 1171 MG MG    . MG  K 4 .  ? 14.765  -5.589  -0.746  1.00 87.56  ? 110 MG  A MG    1 
HETATM 1172 MG MG    . MG  L 4 .  ? -14.254 26.091  -4.668  1.00 86.33  ? 111 MG  A MG    1 
HETATM 1173 MG MG    . MG  M 4 .  ? 10.042  -26.176 -8.191  1.00 114.26 ? 112 MG  A MG    1 
HETATM 1174 MG MG    . MG  N 4 .  ? 0.178   12.791  -8.190  1.00 103.51 ? 113 MG  A MG    1 
HETATM 1175 O  O     . HOH O 5 .  ? 4.717   -14.829 0.672   1.00 62.70  ? 201 HOH A O     1 
HETATM 1176 O  O     . HOH O 5 .  ? 4.056   -3.645  7.399   1.00 76.06  ? 202 HOH A O     1 
HETATM 1177 O  O     . HOH O 5 .  ? 9.512   0.234   10.103  1.00 71.94  ? 203 HOH A O     1 
HETATM 1178 O  O     . HOH O 5 .  ? 19.196  6.328   6.452   1.00 70.49  ? 204 HOH A O     1 
HETATM 1179 O  O     . HOH O 5 .  ? 6.193   -4.053  11.380  1.00 70.36  ? 205 HOH A O     1 
HETATM 1180 O  O     . HOH O 5 .  ? 7.454   -1.898  11.698  1.00 73.32  ? 206 HOH A O     1 
HETATM 1181 O  O     . HOH O 5 .  ? 4.014   -12.902 -1.200  1.00 64.94  ? 207 HOH A O     1 
HETATM 1182 O  O     . HOH O 5 .  ? 11.366  13.367  9.690   1.00 83.81  ? 208 HOH A O     1 
HETATM 1183 O  O     . HOH O 5 .  ? 18.771  3.868   6.374   1.00 69.31  ? 209 HOH A O     1 
HETATM 1184 O  O     . HOH O 5 .  ? 2.975   11.398  5.190   1.00 73.68  ? 210 HOH A O     1 
HETATM 1185 O  O     . HOH O 5 .  ? 11.957  0.472   10.089  1.00 65.30  ? 211 HOH A O     1 
HETATM 1186 O  O     . HOH O 5 .  ? 7.048   -15.269 0.171   1.00 67.91  ? 212 HOH A O     1 
HETATM 1187 O  O     . HOH O 5 .  ? 10.861  -1.805  11.285  1.00 73.80  ? 213 HOH A O     1 
HETATM 1188 O  O     . HOH O 5 .  ? 1.593   -3.163  4.922   1.00 83.34  ? 214 HOH A O     1 
HETATM 1189 O  O     . HOH O 5 .  ? -13.841 23.950  -3.876  1.00 90.79  ? 215 HOH A O     1 
HETATM 1190 O  O     . HOH O 5 .  ? 4.795   11.734  7.329   1.00 75.49  ? 216 HOH A O     1 
HETATM 1191 O  O     . HOH O 5 .  ? 11.374  -4.713  0.740   1.00 68.72  ? 217 HOH A O     1 
HETATM 1192 O  O     . HOH O 5 .  ? 18.309  6.746   3.013   1.00 78.04  ? 218 HOH A O     1 
HETATM 1193 O  O     . HOH O 5 .  ? 1.612   -3.894  7.745   1.00 84.98  ? 219 HOH A O     1 
HETATM 1194 O  O     . HOH O 5 .  ? 14.275  -7.749  0.556   1.00 72.92  ? 220 HOH A O     1 
HETATM 1195 O  O     . HOH O 5 .  ? 6.694   -3.777  13.404  1.00 76.16  ? 221 HOH A O     1 
HETATM 1196 O  O     . HOH O 5 .  ? 2.723   -5.423  3.568   1.00 81.59  ? 222 HOH A O     1 
HETATM 1197 O  O     . HOH O 5 .  ? -0.003  12.001  7.139   1.00 75.74  ? 223 HOH A O     1 
HETATM 1198 O  O     . HOH O 5 .  ? -12.330 27.700  -4.712  1.00 84.68  ? 224 HOH A O     1 
HETATM 1199 O  O     . HOH O 5 .  ? 18.460  3.930   3.313   1.00 74.08  ? 225 HOH A O     1 
HETATM 1200 O  O     . HOH O 5 .  ? 0.782   -5.491  6.119   1.00 83.83  ? 226 HOH A O     1 
HETATM 1201 O  O     . HOH O 5 .  ? 16.400  -5.316  0.747   1.00 84.44  ? 227 HOH A O     1 
HETATM 1202 O  O     . HOH O 5 .  ? -16.612 26.139  -4.426  1.00 90.60  ? 228 HOH A O     1 
HETATM 1203 O  O     . HOH O 5 .  ? 2.184   13.917  4.552   1.00 79.61  ? 229 HOH A O     1 
HETATM 1204 O  O     . HOH O 5 .  ? 5.349   -13.615 -4.137  1.00 74.12  ? 230 HOH A O     1 
HETATM 1205 O  O     . HOH O 5 .  ? 6.794   13.023  9.287   1.00 84.59  ? 231 HOH A O     1 
HETATM 1206 O  O     . HOH O 5 .  ? 18.944  -5.601  4.017   1.00 78.10  ? 232 HOH A O     1 
HETATM 1207 O  O     . HOH O 5 .  ? 4.741   -15.596 -1.564  1.00 75.91  ? 233 HOH A O     1 
HETATM 1208 O  O     . HOH O 5 .  ? 4.298   12.827  5.357   1.00 73.24  ? 234 HOH A O     1 
HETATM 1209 O  O     . HOH O 5 .  ? 14.297  -7.361  -2.008  1.00 76.08  ? 235 HOH A O     1 
HETATM 1210 O  O     . HOH O 5 .  ? -15.350 24.512  -3.238  1.00 83.49  ? 236 HOH A O     1 
HETATM 1211 O  O     . HOH O 5 .  ? 19.288  -5.733  6.962   1.00 76.78  ? 237 HOH A O     1 
HETATM 1212 O  O     . HOH O 5 .  ? -20.552 25.050  -16.186 1.00 81.37  ? 238 HOH A O     1 
HETATM 1213 O  O     . HOH O 5 .  ? 6.783   13.100  8.037   1.00 85.14  ? 239 HOH A O     1 
HETATM 1214 O  O     . HOH O 5 .  ? 16.615  -6.900  -0.314  1.00 84.47  ? 240 HOH A O     1 
HETATM 1215 O  O     . HOH O 5 .  ? -18.968 25.834  -18.268 1.00 83.17  ? 241 HOH A O     1 
HETATM 1216 O  O     . HOH O 5 .  ? -15.846 27.092  -19.761 1.00 77.27  ? 242 HOH A O     1 
HETATM 1217 O  O     . HOH O 5 .  ? 8.579   13.864  6.764   1.00 92.16  ? 243 HOH A O     1 
# 
loop_
_pdbx_poly_seq_scheme.asym_id 
_pdbx_poly_seq_scheme.entity_id 
_pdbx_poly_seq_scheme.seq_id 
_pdbx_poly_seq_scheme.mon_id 
_pdbx_poly_seq_scheme.ndb_seq_num 
_pdbx_poly_seq_scheme.pdb_seq_num 
_pdbx_poly_seq_scheme.auth_seq_num 
_pdbx_poly_seq_scheme.pdb_mon_id 
_pdbx_poly_seq_scheme.auth_mon_id 
_pdbx_poly_seq_scheme.pdb_strand_id 
_pdbx_poly_seq_scheme.pdb_ins_code 
_pdbx_poly_seq_scheme.hetero 
A 1 1  G 1  2  2  G G A . n 
A 1 2  C 2  3  3  C C A . n 
A 1 3  U 3  4  4  U U A . n 
A 1 4  U 4  5  5  U U A . n 
A 1 5  C 5  6  6  C C A . n 
A 1 6  A 6  7  7  A A A . n 
A 1 7  A 7  8  8  A A A . n 
A 1 8  C 8  9  9  C C A . n 
A 1 9  A 9  10 10 A A A . n 
A 1 10 A 10 11 11 A A A . n 
A 1 11 C 11 12 12 C C A . n 
A 1 12 C 12 13 13 C C A . n 
A 1 13 C 13 14 14 C C A . n 
A 1 14 C 14 15 15 C C A . n 
A 1 15 G 15 16 16 G G A . n 
A 1 16 U 16 17 17 U U A . n 
A 1 17 A 17 18 18 A A A . n 
A 1 18 G 18 19 19 G G A . n 
A 1 19 G 19 20 20 G G A . n 
A 1 20 U 20 21 21 U U A . n 
A 1 21 G 21 22 22 G G A . n 
A 1 22 G 22 23 23 G G A . n 
A 1 23 G 23 24 24 G G A . n 
A 1 24 G 24 25 25 G G A . n 
A 1 25 A 25 26 26 A A A . n 
A 1 26 C 26 27 27 C C A . n 
A 1 27 G 27 28 28 G G A . n 
A 1 28 A 28 29 29 A A A . n 
A 1 29 A 29 30 30 A A A . n 
A 1 30 A 30 31 31 A A A . n 
A 1 31 G 31 32 32 G G A . n 
A 1 32 U 32 33 33 U U A . n 
A 1 33 C 33 34 34 C C A . n 
A 1 34 A 34 35 35 A A A . n 
A 1 35 G 35 36 36 G G A . n 
A 1 36 C 36 37 37 C C A . n 
A 1 37 G 37 38 38 G G A . n 
A 1 38 C 38 39 39 C C A . n 
A 1 39 A 39 40 40 A A A . n 
A 1 40 C 40 41 41 C C A . n 
A 1 41 C 41 42 42 C C A . n 
A 1 42 U 42 43 43 U U A . n 
A 1 43 A 43 44 44 A A A . n 
A 1 44 C 44 45 45 C C A . n 
A 1 45 U 45 46 46 U U A . n 
A 1 46 G 46 47 47 G G A . n 
A 1 47 G 47 48 48 G G A . n 
A 1 48 A 48 49 49 A A A . n 
A 1 49 G 49 50 50 G G A . n 
A 1 50 C 50 51 51 C C A . n 
A 1 51 C 51 52 52 C C A . n 
# 
loop_
_pdbx_nonpoly_scheme.asym_id 
_pdbx_nonpoly_scheme.entity_id 
_pdbx_nonpoly_scheme.mon_id 
_pdbx_nonpoly_scheme.ndb_seq_num 
_pdbx_nonpoly_scheme.pdb_seq_num 
_pdbx_nonpoly_scheme.auth_seq_num 
_pdbx_nonpoly_scheme.pdb_mon_id 
_pdbx_nonpoly_scheme.auth_mon_id 
_pdbx_nonpoly_scheme.pdb_strand_id 
_pdbx_nonpoly_scheme.pdb_ins_code 
B 2 GTP 1  101 1   GTP GTP A . 
C 3 NAD 1  102 1   NAD NAD A . 
D 4 MG  1  103 1   MG  MG  A . 
E 4 MG  1  104 3   MG  MG  A . 
F 4 MG  1  105 5   MG  MG  A . 
G 4 MG  1  106 14  MG  MG  A . 
H 4 MG  1  107 15  MG  MG  A . 
I 4 MG  1  108 16  MG  MG  A . 
J 4 MG  1  109 17  MG  MG  A . 
K 4 MG  1  110 18  MG  MG  A . 
L 4 MG  1  111 19  MG  MG  A . 
M 4 MG  1  112 20  MG  MG  A . 
N 4 MG  1  113 21  MG  MG  A . 
O 5 HOH 1  201 122 HOH HOH A . 
O 5 HOH 2  202 128 HOH HOH A . 
O 5 HOH 3  203 1   HOH HOH A . 
O 5 HOH 4  204 20  HOH HOH A . 
O 5 HOH 5  205 8   HOH HOH A . 
O 5 HOH 6  206 9   HOH HOH A . 
O 5 HOH 7  207 126 HOH HOH A . 
O 5 HOH 8  208 117 HOH HOH A . 
O 5 HOH 9  209 23  HOH HOH A . 
O 5 HOH 10 210 110 HOH HOH A . 
O 5 HOH 11 211 2   HOH HOH A . 
O 5 HOH 12 212 124 HOH HOH A . 
O 5 HOH 13 213 3   HOH HOH A . 
O 5 HOH 14 214 130 HOH HOH A . 
O 5 HOH 15 215 140 HOH HOH A . 
O 5 HOH 16 216 108 HOH HOH A . 
O 5 HOH 17 217 137 HOH HOH A . 
O 5 HOH 18 218 89  HOH HOH A . 
O 5 HOH 19 219 131 HOH HOH A . 
O 5 HOH 20 220 136 HOH HOH A . 
O 5 HOH 21 221 11  HOH HOH A . 
O 5 HOH 22 222 132 HOH HOH A . 
O 5 HOH 23 223 113 HOH HOH A . 
O 5 HOH 24 224 139 HOH HOH A . 
O 5 HOH 25 225 22  HOH HOH A . 
O 5 HOH 26 226 129 HOH HOH A . 
O 5 HOH 27 227 133 HOH HOH A . 
O 5 HOH 28 228 142 HOH HOH A . 
O 5 HOH 29 229 107 HOH HOH A . 
O 5 HOH 30 230 123 HOH HOH A . 
O 5 HOH 31 231 118 HOH HOH A . 
O 5 HOH 32 232 135 HOH HOH A . 
O 5 HOH 33 233 127 HOH HOH A . 
O 5 HOH 34 234 112 HOH HOH A . 
O 5 HOH 35 235 134 HOH HOH A . 
O 5 HOH 36 236 141 HOH HOH A . 
O 5 HOH 37 237 41  HOH HOH A . 
O 5 HOH 38 238 116 HOH HOH A . 
O 5 HOH 39 239 115 HOH HOH A . 
O 5 HOH 40 240 138 HOH HOH A . 
O 5 HOH 41 241 119 HOH HOH A . 
O 5 HOH 42 242 106 HOH HOH A . 
O 5 HOH 43 243 121 HOH HOH A . 
# 
_pdbx_struct_assembly.id                   1 
_pdbx_struct_assembly.details              author_defined_assembly 
_pdbx_struct_assembly.method_details       ? 
_pdbx_struct_assembly.oligomeric_details   monomeric 
_pdbx_struct_assembly.oligomeric_count     1 
# 
_pdbx_struct_assembly_gen.assembly_id       1 
_pdbx_struct_assembly_gen.oper_expression   1 
_pdbx_struct_assembly_gen.asym_id_list      A,B,C,D,E,F,G,H,I,J,K,L,M,N,O 
# 
_pdbx_struct_oper_list.id                   1 
_pdbx_struct_oper_list.type                 'identity operation' 
_pdbx_struct_oper_list.name                 1_555 
_pdbx_struct_oper_list.symmetry_operation   x,y,z 
_pdbx_struct_oper_list.matrix[1][1]         1.0000000000 
_pdbx_struct_oper_list.matrix[1][2]         0.0000000000 
_pdbx_struct_oper_list.matrix[1][3]         0.0000000000 
_pdbx_struct_oper_list.vector[1]            0.0000000000 
_pdbx_struct_oper_list.matrix[2][1]         0.0000000000 
_pdbx_struct_oper_list.matrix[2][2]         1.0000000000 
_pdbx_struct_oper_list.matrix[2][3]         0.0000000000 
_pdbx_struct_oper_list.vector[2]            0.0000000000 
_pdbx_struct_oper_list.matrix[3][1]         0.0000000000 
_pdbx_struct_oper_list.matrix[3][2]         0.0000000000 
_pdbx_struct_oper_list.matrix[3][3]         1.0000000000 
_pdbx_struct_oper_list.vector[3]            0.0000000000 
# 
loop_
_pdbx_struct_conn_angle.id 
_pdbx_struct_conn_angle.ptnr1_label_atom_id 
_pdbx_struct_conn_angle.ptnr1_label_alt_id 
_pdbx_struct_conn_angle.ptnr1_label_asym_id 
_pdbx_struct_conn_angle.ptnr1_label_comp_id 
_pdbx_struct_conn_angle.ptnr1_label_seq_id 
_pdbx_struct_conn_angle.ptnr1_auth_atom_id 
_pdbx_struct_conn_angle.ptnr1_auth_asym_id 
_pdbx_struct_conn_angle.ptnr1_auth_comp_id 
_pdbx_struct_conn_angle.ptnr1_auth_seq_id 
_pdbx_struct_conn_angle.ptnr1_PDB_ins_code 
_pdbx_struct_conn_angle.ptnr1_symmetry 
_pdbx_struct_conn_angle.ptnr2_label_atom_id 
_pdbx_struct_conn_angle.ptnr2_label_alt_id 
_pdbx_struct_conn_angle.ptnr2_label_asym_id 
_pdbx_struct_conn_angle.ptnr2_label_comp_id 
_pdbx_struct_conn_angle.ptnr2_label_seq_id 
_pdbx_struct_conn_angle.ptnr2_auth_atom_id 
_pdbx_struct_conn_angle.ptnr2_auth_asym_id 
_pdbx_struct_conn_angle.ptnr2_auth_comp_id 
_pdbx_struct_conn_angle.ptnr2_auth_seq_id 
_pdbx_struct_conn_angle.ptnr2_PDB_ins_code 
_pdbx_struct_conn_angle.ptnr2_symmetry 
_pdbx_struct_conn_angle.ptnr3_label_atom_id 
_pdbx_struct_conn_angle.ptnr3_label_alt_id 
_pdbx_struct_conn_angle.ptnr3_label_asym_id 
_pdbx_struct_conn_angle.ptnr3_label_comp_id 
_pdbx_struct_conn_angle.ptnr3_label_seq_id 
_pdbx_struct_conn_angle.ptnr3_auth_atom_id 
_pdbx_struct_conn_angle.ptnr3_auth_asym_id 
_pdbx_struct_conn_angle.ptnr3_auth_comp_id 
_pdbx_struct_conn_angle.ptnr3_auth_seq_id 
_pdbx_struct_conn_angle.ptnr3_PDB_ins_code 
_pdbx_struct_conn_angle.ptnr3_symmetry 
_pdbx_struct_conn_angle.value 
_pdbx_struct_conn_angle.value_esd 
1   OP2 ? A A   6  ? A A   7   ? 1_555 MG ? J MG . ? A MG 109 ? 1_555 O   ? O HOH .  ? A HOH 202 ? 1_555 78.5  ? 
2   OP2 ? A A   6  ? A A   7   ? 1_555 MG ? J MG . ? A MG 109 ? 1_555 O   ? O HOH .  ? A HOH 214 ? 1_555 142.3 ? 
3   O   ? O HOH .  ? A HOH 202 ? 1_555 MG ? J MG . ? A MG 109 ? 1_555 O   ? O HOH .  ? A HOH 214 ? 1_555 98.2  ? 
4   OP2 ? A A   6  ? A A   7   ? 1_555 MG ? J MG . ? A MG 109 ? 1_555 O   ? O HOH .  ? A HOH 219 ? 1_555 68.0  ? 
5   O   ? O HOH .  ? A HOH 202 ? 1_555 MG ? J MG . ? A MG 109 ? 1_555 O   ? O HOH .  ? A HOH 219 ? 1_555 64.7  ? 
6   O   ? O HOH .  ? A HOH 214 ? 1_555 MG ? J MG . ? A MG 109 ? 1_555 O   ? O HOH .  ? A HOH 219 ? 1_555 76.7  ? 
7   OP2 ? A A   6  ? A A   7   ? 1_555 MG ? J MG . ? A MG 109 ? 1_555 O   ? O HOH .  ? A HOH 222 ? 1_555 134.1 ? 
8   O   ? O HOH .  ? A HOH 202 ? 1_555 MG ? J MG . ? A MG 109 ? 1_555 O   ? O HOH .  ? A HOH 222 ? 1_555 136.3 ? 
9   O   ? O HOH .  ? A HOH 214 ? 1_555 MG ? J MG . ? A MG 109 ? 1_555 O   ? O HOH .  ? A HOH 222 ? 1_555 72.7  ? 
10  O   ? O HOH .  ? A HOH 219 ? 1_555 MG ? J MG . ? A MG 109 ? 1_555 O   ? O HOH .  ? A HOH 222 ? 1_555 144.9 ? 
11  OP2 ? A A   6  ? A A   7   ? 1_555 MG ? J MG . ? A MG 109 ? 1_555 O   ? O HOH .  ? A HOH 226 ? 1_555 78.2  ? 
12  O   ? O HOH .  ? A HOH 202 ? 1_555 MG ? J MG . ? A MG 109 ? 1_555 O   ? O HOH .  ? A HOH 226 ? 1_555 130.8 ? 
13  O   ? O HOH .  ? A HOH 214 ? 1_555 MG ? J MG . ? A MG 109 ? 1_555 O   ? O HOH .  ? A HOH 226 ? 1_555 76.1  ? 
14  O   ? O HOH .  ? A HOH 219 ? 1_555 MG ? J MG . ? A MG 109 ? 1_555 O   ? O HOH .  ? A HOH 226 ? 1_555 66.5  ? 
15  O   ? O HOH .  ? A HOH 222 ? 1_555 MG ? J MG . ? A MG 109 ? 1_555 O   ? O HOH .  ? A HOH 226 ? 1_555 89.5  ? 
16  OP2 ? A A   7  ? A A   8   ? 1_555 MG ? D MG . ? A MG 103 ? 1_555 OP2 ? A C   8  ? A C   9   ? 1_555 98.3  ? 
17  OP2 ? A A   7  ? A A   8   ? 1_555 MG ? D MG . ? A MG 103 ? 1_555 O   ? O HOH .  ? A HOH 203 ? 1_555 101.6 ? 
18  OP2 ? A C   8  ? A C   9   ? 1_555 MG ? D MG . ? A MG 103 ? 1_555 O   ? O HOH .  ? A HOH 203 ? 1_555 146.1 ? 
19  OP2 ? A A   7  ? A A   8   ? 1_555 MG ? D MG . ? A MG 103 ? 1_555 O   ? O HOH .  ? A HOH 211 ? 1_555 162.6 ? 
20  OP2 ? A C   8  ? A C   9   ? 1_555 MG ? D MG . ? A MG 103 ? 1_555 O   ? O HOH .  ? A HOH 211 ? 1_555 84.1  ? 
21  O   ? O HOH .  ? A HOH 203 ? 1_555 MG ? D MG . ? A MG 103 ? 1_555 O   ? O HOH .  ? A HOH 211 ? 1_555 69.1  ? 
22  OP2 ? A A   7  ? A A   8   ? 1_555 MG ? D MG . ? A MG 103 ? 1_555 O   ? O HOH .  ? A HOH 213 ? 1_555 80.9  ? 
23  OP2 ? A C   8  ? A C   9   ? 1_555 MG ? D MG . ? A MG 103 ? 1_555 O   ? O HOH .  ? A HOH 213 ? 1_555 81.6  ? 
24  O   ? O HOH .  ? A HOH 203 ? 1_555 MG ? D MG . ? A MG 103 ? 1_555 O   ? O HOH .  ? A HOH 213 ? 1_555 74.8  ? 
25  O   ? O HOH .  ? A HOH 211 ? 1_555 MG ? D MG . ? A MG 103 ? 1_555 O   ? O HOH .  ? A HOH 213 ? 1_555 82.4  ? 
26  OP1 ? A A   7  ? A A   8   ? 1_555 MG ? E MG . ? A MG 104 ? 1_555 O2A ? C NAD .  ? A NAD 102 ? 1_555 75.4  ? 
27  OP1 ? A A   7  ? A A   8   ? 1_555 MG ? E MG . ? A MG 104 ? 1_555 O3  ? C NAD .  ? A NAD 102 ? 1_555 99.3  ? 
28  O2A ? C NAD .  ? A NAD 102 ? 1_555 MG ? E MG . ? A MG 104 ? 1_555 O3  ? C NAD .  ? A NAD 102 ? 1_555 57.2  ? 
29  OP1 ? A A   7  ? A A   8   ? 1_555 MG ? E MG . ? A MG 104 ? 1_555 O1N ? C NAD .  ? A NAD 102 ? 1_555 124.9 ? 
30  O2A ? C NAD .  ? A NAD 102 ? 1_555 MG ? E MG . ? A MG 104 ? 1_555 O1N ? C NAD .  ? A NAD 102 ? 1_555 107.9 ? 
31  O3  ? C NAD .  ? A NAD 102 ? 1_555 MG ? E MG . ? A MG 104 ? 1_555 O1N ? C NAD .  ? A NAD 102 ? 1_555 51.7  ? 
32  OP1 ? A A   7  ? A A   8   ? 1_555 MG ? E MG . ? A MG 104 ? 1_555 O   ? O HOH .  ? A HOH 205 ? 1_555 66.8  ? 
33  O2A ? C NAD .  ? A NAD 102 ? 1_555 MG ? E MG . ? A MG 104 ? 1_555 O   ? O HOH .  ? A HOH 205 ? 1_555 64.4  ? 
34  O3  ? C NAD .  ? A NAD 102 ? 1_555 MG ? E MG . ? A MG 104 ? 1_555 O   ? O HOH .  ? A HOH 205 ? 1_555 121.6 ? 
35  O1N ? C NAD .  ? A NAD 102 ? 1_555 MG ? E MG . ? A MG 104 ? 1_555 O   ? O HOH .  ? A HOH 205 ? 1_555 165.3 ? 
36  OP1 ? A A   7  ? A A   8   ? 1_555 MG ? E MG . ? A MG 104 ? 1_555 O   ? O HOH .  ? A HOH 206 ? 1_555 78.6  ? 
37  O2A ? C NAD .  ? A NAD 102 ? 1_555 MG ? E MG . ? A MG 104 ? 1_555 O   ? O HOH .  ? A HOH 206 ? 1_555 127.4 ? 
38  O3  ? C NAD .  ? A NAD 102 ? 1_555 MG ? E MG . ? A MG 104 ? 1_555 O   ? O HOH .  ? A HOH 206 ? 1_555 173.4 ? 
39  O1N ? C NAD .  ? A NAD 102 ? 1_555 MG ? E MG . ? A MG 104 ? 1_555 O   ? O HOH .  ? A HOH 206 ? 1_555 124.5 ? 
40  O   ? O HOH .  ? A HOH 205 ? 1_555 MG ? E MG . ? A MG 104 ? 1_555 O   ? O HOH .  ? A HOH 206 ? 1_555 63.5  ? 
41  OP1 ? A A   7  ? A A   8   ? 1_555 MG ? E MG . ? A MG 104 ? 1_555 O   ? O HOH .  ? A HOH 221 ? 1_555 122.8 ? 
42  O2A ? C NAD .  ? A NAD 102 ? 1_555 MG ? E MG . ? A MG 104 ? 1_555 O   ? O HOH .  ? A HOH 221 ? 1_555 83.6  ? 
43  O3  ? C NAD .  ? A NAD 102 ? 1_555 MG ? E MG . ? A MG 104 ? 1_555 O   ? O HOH .  ? A HOH 221 ? 1_555 112.7 ? 
44  O1N ? C NAD .  ? A NAD 102 ? 1_555 MG ? E MG . ? A MG 104 ? 1_555 O   ? O HOH .  ? A HOH 221 ? 1_555 112.1 ? 
45  O   ? O HOH .  ? A HOH 205 ? 1_555 MG ? E MG . ? A MG 104 ? 1_555 O   ? O HOH .  ? A HOH 221 ? 1_555 56.1  ? 
46  O   ? O HOH .  ? A HOH 206 ? 1_555 MG ? E MG . ? A MG 104 ? 1_555 O   ? O HOH .  ? A HOH 221 ? 1_555 73.4  ? 
47  OP2 ? A A   10 ? A A   11  ? 1_555 MG ? F MG . ? A MG 105 ? 2_455 OP1 ? A U   16 ? A U   17  ? 1_555 49.5  ? 
48  OP2 ? A A   10 ? A A   11  ? 1_555 MG ? F MG . ? A MG 105 ? 2_455 O   ? O HOH .  ? A HOH 204 ? 2_455 48.4  ? 
49  OP1 ? A U   16 ? A U   17  ? 1_555 MG ? F MG . ? A MG 105 ? 2_455 O   ? O HOH .  ? A HOH 204 ? 2_455 11.2  ? 
50  OP2 ? A A   10 ? A A   11  ? 1_555 MG ? F MG . ? A MG 105 ? 2_455 O   ? O HOH .  ? A HOH 209 ? 2_455 57.9  ? 
51  OP1 ? A U   16 ? A U   17  ? 1_555 MG ? F MG . ? A MG 105 ? 2_455 O   ? O HOH .  ? A HOH 209 ? 2_455 10.4  ? 
52  O   ? O HOH .  ? A HOH 204 ? 2_455 MG ? F MG . ? A MG 105 ? 2_455 O   ? O HOH .  ? A HOH 209 ? 2_455 11.1  ? 
53  OP2 ? A A   10 ? A A   11  ? 1_555 MG ? F MG . ? A MG 105 ? 2_455 O   ? O HOH .  ? A HOH 218 ? 2_455 35.7  ? 
54  OP1 ? A U   16 ? A U   17  ? 1_555 MG ? F MG . ? A MG 105 ? 2_455 O   ? O HOH .  ? A HOH 218 ? 2_455 14.1  ? 
55  O   ? O HOH .  ? A HOH 204 ? 2_455 MG ? F MG . ? A MG 105 ? 2_455 O   ? O HOH .  ? A HOH 218 ? 2_455 14.4  ? 
56  O   ? O HOH .  ? A HOH 209 ? 2_455 MG ? F MG . ? A MG 105 ? 2_455 O   ? O HOH .  ? A HOH 218 ? 2_455 22.3  ? 
57  OP2 ? A A   10 ? A A   11  ? 1_555 MG ? F MG . ? A MG 105 ? 2_455 O   ? O HOH .  ? A HOH 225 ? 2_455 49.9  ? 
58  OP1 ? A U   16 ? A U   17  ? 1_555 MG ? F MG . ? A MG 105 ? 2_455 O   ? O HOH .  ? A HOH 225 ? 2_455 4.4   ? 
59  O   ? O HOH .  ? A HOH 204 ? 2_455 MG ? F MG . ? A MG 105 ? 2_455 O   ? O HOH .  ? A HOH 225 ? 2_455 15.6  ? 
60  O   ? O HOH .  ? A HOH 209 ? 2_455 MG ? F MG . ? A MG 105 ? 2_455 O   ? O HOH .  ? A HOH 225 ? 2_455 13.4  ? 
61  O   ? O HOH .  ? A HOH 218 ? 2_455 MG ? F MG . ? A MG 105 ? 2_455 O   ? O HOH .  ? A HOH 225 ? 2_455 15.8  ? 
62  O6  ? A G   46 ? A G   47  ? 1_555 MG ? I MG . ? A MG 108 ? 1_555 O   ? O HOH .  ? A HOH 201 ? 1_555 52.3  ? 
63  O6  ? A G   46 ? A G   47  ? 1_555 MG ? I MG . ? A MG 108 ? 1_555 O   ? O HOH .  ? A HOH 207 ? 1_555 66.9  ? 
64  O   ? O HOH .  ? A HOH 201 ? 1_555 MG ? I MG . ? A MG 108 ? 1_555 O   ? O HOH .  ? A HOH 207 ? 1_555 67.2  ? 
65  O6  ? A G   46 ? A G   47  ? 1_555 MG ? I MG . ? A MG 108 ? 1_555 O   ? O HOH .  ? A HOH 212 ? 1_555 68.1  ? 
66  O   ? O HOH .  ? A HOH 201 ? 1_555 MG ? I MG . ? A MG 108 ? 1_555 O   ? O HOH .  ? A HOH 212 ? 1_555 56.8  ? 
67  O   ? O HOH .  ? A HOH 207 ? 1_555 MG ? I MG . ? A MG 108 ? 1_555 O   ? O HOH .  ? A HOH 212 ? 1_555 122.0 ? 
68  O6  ? A G   46 ? A G   47  ? 1_555 MG ? I MG . ? A MG 108 ? 1_555 O   ? O HOH .  ? A HOH 230 ? 1_555 140.9 ? 
69  O   ? O HOH .  ? A HOH 201 ? 1_555 MG ? I MG . ? A MG 108 ? 1_555 O   ? O HOH .  ? A HOH 230 ? 1_555 135.9 ? 
70  O   ? O HOH .  ? A HOH 207 ? 1_555 MG ? I MG . ? A MG 108 ? 1_555 O   ? O HOH .  ? A HOH 230 ? 1_555 82.3  ? 
71  O   ? O HOH .  ? A HOH 212 ? 1_555 MG ? I MG . ? A MG 108 ? 1_555 O   ? O HOH .  ? A HOH 230 ? 1_555 150.9 ? 
72  O6  ? A G   46 ? A G   47  ? 1_555 MG ? I MG . ? A MG 108 ? 1_555 O   ? O HOH .  ? A HOH 233 ? 1_555 109.8 ? 
73  O   ? O HOH .  ? A HOH 201 ? 1_555 MG ? I MG . ? A MG 108 ? 1_555 O   ? O HOH .  ? A HOH 233 ? 1_555 58.1  ? 
74  O   ? O HOH .  ? A HOH 207 ? 1_555 MG ? I MG . ? A MG 108 ? 1_555 O   ? O HOH .  ? A HOH 233 ? 1_555 80.8  ? 
75  O   ? O HOH .  ? A HOH 212 ? 1_555 MG ? I MG . ? A MG 108 ? 1_555 O   ? O HOH .  ? A HOH 233 ? 1_555 82.0  ? 
76  O   ? O HOH .  ? A HOH 230 ? 1_555 MG ? I MG . ? A MG 108 ? 1_555 O   ? O HOH .  ? A HOH 233 ? 1_555 87.2  ? 
77  O2B ? B GTP .  ? A GTP 101 ? 1_555 MG ? M MG . ? A MG 112 ? 1_555 O2A ? B GTP .  ? A GTP 101 ? 1_555 66.9  ? 
78  O   ? O HOH .  ? A HOH 210 ? 1_555 MG ? G MG . ? A MG 106 ? 1_555 O   ? O HOH .  ? A HOH 216 ? 1_555 70.8  ? 
79  O   ? O HOH .  ? A HOH 210 ? 1_555 MG ? G MG . ? A MG 106 ? 1_555 O   ? O HOH .  ? A HOH 223 ? 1_555 90.8  ? 
80  O   ? O HOH .  ? A HOH 216 ? 1_555 MG ? G MG . ? A MG 106 ? 1_555 O   ? O HOH .  ? A HOH 223 ? 1_555 129.4 ? 
81  O   ? O HOH .  ? A HOH 210 ? 1_555 MG ? G MG . ? A MG 106 ? 1_555 O   ? O HOH .  ? A HOH 229 ? 1_555 68.1  ? 
82  O   ? O HOH .  ? A HOH 216 ? 1_555 MG ? G MG . ? A MG 106 ? 1_555 O   ? O HOH .  ? A HOH 229 ? 1_555 118.6 ? 
83  O   ? O HOH .  ? A HOH 223 ? 1_555 MG ? G MG . ? A MG 106 ? 1_555 O   ? O HOH .  ? A HOH 229 ? 1_555 94.6  ? 
84  O   ? O HOH .  ? A HOH 210 ? 1_555 MG ? G MG . ? A MG 106 ? 1_555 O   ? O HOH .  ? A HOH 234 ? 1_555 50.4  ? 
85  O   ? O HOH .  ? A HOH 216 ? 1_555 MG ? G MG . ? A MG 106 ? 1_555 O   ? O HOH .  ? A HOH 234 ? 1_555 56.4  ? 
86  O   ? O HOH .  ? A HOH 223 ? 1_555 MG ? G MG . ? A MG 106 ? 1_555 O   ? O HOH .  ? A HOH 234 ? 1_555 139.2 ? 
87  O   ? O HOH .  ? A HOH 229 ? 1_555 MG ? G MG . ? A MG 106 ? 1_555 O   ? O HOH .  ? A HOH 234 ? 1_555 62.4  ? 
88  O   ? O HOH .  ? A HOH 210 ? 1_555 MG ? G MG . ? A MG 106 ? 1_555 O   ? O HOH .  ? A HOH 242 ? 8_444 102.8 ? 
89  O   ? O HOH .  ? A HOH 216 ? 1_555 MG ? G MG . ? A MG 106 ? 1_555 O   ? O HOH .  ? A HOH 242 ? 8_444 67.5  ? 
90  O   ? O HOH .  ? A HOH 223 ? 1_555 MG ? G MG . ? A MG 106 ? 1_555 O   ? O HOH .  ? A HOH 242 ? 8_444 161.8 ? 
91  O   ? O HOH .  ? A HOH 229 ? 1_555 MG ? G MG . ? A MG 106 ? 1_555 O   ? O HOH .  ? A HOH 242 ? 8_444 79.5  ? 
92  O   ? O HOH .  ? A HOH 234 ? 1_555 MG ? G MG . ? A MG 106 ? 1_555 O   ? O HOH .  ? A HOH 242 ? 8_444 52.4  ? 
93  O   ? O HOH .  ? A HOH 208 ? 1_555 MG ? H MG . ? A MG 107 ? 1_555 O   ? O HOH .  ? A HOH 231 ? 1_555 161.7 ? 
94  O   ? O HOH .  ? A HOH 208 ? 1_555 MG ? H MG . ? A MG 107 ? 1_555 O   ? O HOH .  ? A HOH 238 ? 8_444 83.0  ? 
95  O   ? O HOH .  ? A HOH 231 ? 1_555 MG ? H MG . ? A MG 107 ? 1_555 O   ? O HOH .  ? A HOH 238 ? 8_444 97.9  ? 
96  O   ? O HOH .  ? A HOH 208 ? 1_555 MG ? H MG . ? A MG 107 ? 1_555 O   ? O HOH .  ? A HOH 239 ? 1_555 156.3 ? 
97  O   ? O HOH .  ? A HOH 231 ? 1_555 MG ? H MG . ? A MG 107 ? 1_555 O   ? O HOH .  ? A HOH 239 ? 1_555 32.7  ? 
98  O   ? O HOH .  ? A HOH 238 ? 8_444 MG ? H MG . ? A MG 107 ? 1_555 O   ? O HOH .  ? A HOH 239 ? 1_555 119.6 ? 
99  O   ? O HOH .  ? A HOH 208 ? 1_555 MG ? H MG . ? A MG 107 ? 1_555 O   ? O HOH .  ? A HOH 241 ? 8_444 136.6 ? 
100 O   ? O HOH .  ? A HOH 231 ? 1_555 MG ? H MG . ? A MG 107 ? 1_555 O   ? O HOH .  ? A HOH 241 ? 8_444 60.1  ? 
101 O   ? O HOH .  ? A HOH 238 ? 8_444 MG ? H MG . ? A MG 107 ? 1_555 O   ? O HOH .  ? A HOH 241 ? 8_444 74.6  ? 
102 O   ? O HOH .  ? A HOH 239 ? 1_555 MG ? H MG . ? A MG 107 ? 1_555 O   ? O HOH .  ? A HOH 241 ? 8_444 53.5  ? 
103 O   ? O HOH .  ? A HOH 208 ? 1_555 MG ? H MG . ? A MG 107 ? 1_555 O   ? O HOH .  ? A HOH 243 ? 1_555 103.8 ? 
104 O   ? O HOH .  ? A HOH 231 ? 1_555 MG ? H MG . ? A MG 107 ? 1_555 O   ? O HOH .  ? A HOH 243 ? 1_555 90.2  ? 
105 O   ? O HOH .  ? A HOH 238 ? 8_444 MG ? H MG . ? A MG 107 ? 1_555 O   ? O HOH .  ? A HOH 243 ? 1_555 128.0 ? 
106 O   ? O HOH .  ? A HOH 239 ? 1_555 MG ? H MG . ? A MG 107 ? 1_555 O   ? O HOH .  ? A HOH 243 ? 1_555 57.7  ? 
107 O   ? O HOH .  ? A HOH 241 ? 8_444 MG ? H MG . ? A MG 107 ? 1_555 O   ? O HOH .  ? A HOH 243 ? 1_555 65.6  ? 
108 O   ? O HOH .  ? A HOH 220 ? 1_555 MG ? K MG . ? A MG 110 ? 1_555 O   ? O HOH .  ? A HOH 227 ? 1_555 84.5  ? 
109 O   ? O HOH .  ? A HOH 220 ? 1_555 MG ? K MG . ? A MG 110 ? 1_555 O   ? O HOH .  ? A HOH 232 ? 2_455 123.1 ? 
110 O   ? O HOH .  ? A HOH 227 ? 1_555 MG ? K MG . ? A MG 110 ? 1_555 O   ? O HOH .  ? A HOH 232 ? 2_455 90.7  ? 
111 O   ? O HOH .  ? A HOH 220 ? 1_555 MG ? K MG . ? A MG 110 ? 1_555 O   ? O HOH .  ? A HOH 235 ? 1_555 65.0  ? 
112 O   ? O HOH .  ? A HOH 227 ? 1_555 MG ? K MG . ? A MG 110 ? 1_555 O   ? O HOH .  ? A HOH 235 ? 1_555 129.1 ? 
113 O   ? O HOH .  ? A HOH 232 ? 2_455 MG ? K MG . ? A MG 110 ? 1_555 O   ? O HOH .  ? A HOH 235 ? 1_555 75.6  ? 
114 O   ? O HOH .  ? A HOH 220 ? 1_555 MG ? K MG . ? A MG 110 ? 1_555 O   ? O HOH .  ? A HOH 240 ? 1_555 65.2  ? 
115 O   ? O HOH .  ? A HOH 227 ? 1_555 MG ? K MG . ? A MG 110 ? 1_555 O   ? O HOH .  ? A HOH 240 ? 1_555 50.0  ? 
116 O   ? O HOH .  ? A HOH 232 ? 2_455 MG ? K MG . ? A MG 110 ? 1_555 O   ? O HOH .  ? A HOH 240 ? 1_555 68.8  ? 
117 O   ? O HOH .  ? A HOH 235 ? 1_555 MG ? K MG . ? A MG 110 ? 1_555 O   ? O HOH .  ? A HOH 240 ? 1_555 79.8  ? 
118 O   ? O HOH .  ? A HOH 215 ? 1_555 MG ? L MG . ? A MG 111 ? 1_555 O   ? O HOH .  ? A HOH 224 ? 1_555 117.5 ? 
119 O   ? O HOH .  ? A HOH 215 ? 1_555 MG ? L MG . ? A MG 111 ? 1_555 O   ? O HOH .  ? A HOH 228 ? 1_555 99.3  ? 
120 O   ? O HOH .  ? A HOH 224 ? 1_555 MG ? L MG . ? A MG 111 ? 1_555 O   ? O HOH .  ? A HOH 228 ? 1_555 138.7 ? 
121 O   ? O HOH .  ? A HOH 215 ? 1_555 MG ? L MG . ? A MG 111 ? 1_555 O   ? O HOH .  ? A HOH 236 ? 1_555 43.1  ? 
122 O   ? O HOH .  ? A HOH 224 ? 1_555 MG ? L MG . ? A MG 111 ? 1_555 O   ? O HOH .  ? A HOH 236 ? 1_555 141.6 ? 
123 O   ? O HOH .  ? A HOH 228 ? 1_555 MG ? L MG . ? A MG 111 ? 1_555 O   ? O HOH .  ? A HOH 236 ? 1_555 59.8  ? 
# 
loop_
_pdbx_audit_revision_history.ordinal 
_pdbx_audit_revision_history.data_content_type 
_pdbx_audit_revision_history.major_revision 
_pdbx_audit_revision_history.minor_revision 
_pdbx_audit_revision_history.revision_date 
1 'Structure model' 1 0 2020-11-25 
2 'Structure model' 1 1 2020-12-02 
3 'Structure model' 1 2 2020-12-23 
4 'Structure model' 1 3 2023-11-29 
# 
_pdbx_audit_revision_details.ordinal             1 
_pdbx_audit_revision_details.revision_ordinal    1 
_pdbx_audit_revision_details.data_content_type   'Structure model' 
_pdbx_audit_revision_details.provider            repository 
_pdbx_audit_revision_details.type                'Initial release' 
_pdbx_audit_revision_details.description         ? 
_pdbx_audit_revision_details.details             ? 
# 
loop_
_pdbx_audit_revision_group.ordinal 
_pdbx_audit_revision_group.revision_ordinal 
_pdbx_audit_revision_group.data_content_type 
_pdbx_audit_revision_group.group 
1 2 'Structure model' 'Database references'    
2 3 'Structure model' 'Database references'    
3 4 'Structure model' 'Data collection'        
4 4 'Structure model' 'Database references'    
5 4 'Structure model' 'Refinement description' 
# 
loop_
_pdbx_audit_revision_category.ordinal 
_pdbx_audit_revision_category.revision_ordinal 
_pdbx_audit_revision_category.data_content_type 
_pdbx_audit_revision_category.category 
1 2 'Structure model' citation                      
2 2 'Structure model' citation_author               
3 3 'Structure model' citation                      
4 4 'Structure model' chem_comp_atom                
5 4 'Structure model' chem_comp_bond                
6 4 'Structure model' database_2                    
7 4 'Structure model' pdbx_initial_refinement_model 
# 
loop_
_pdbx_audit_revision_item.ordinal 
_pdbx_audit_revision_item.revision_ordinal 
_pdbx_audit_revision_item.data_content_type 
_pdbx_audit_revision_item.item 
1 2 'Structure model' '_citation.pdbx_database_id_PubMed'   
2 2 'Structure model' '_citation_author.identifier_ORCID'   
3 3 'Structure model' '_citation.journal_volume'            
4 3 'Structure model' '_citation.page_first'                
5 3 'Structure model' '_citation.page_last'                 
6 4 'Structure model' '_database_2.pdbx_DOI'                
7 4 'Structure model' '_database_2.pdbx_database_accession' 
# 
loop_
_software.citation_id 
_software.classification 
_software.compiler_name 
_software.compiler_version 
_software.contact_author 
_software.contact_author_email 
_software.date 
_software.description 
_software.dependencies 
_software.hardware 
_software.language 
_software.location 
_software.mods 
_software.name 
_software.os 
_software.os_version 
_software.type 
_software.version 
_software.pdbx_ordinal 
? 'data scaling'    ? ? ? ? ? ? ? ? ? ? ? HKL-3000    ? ? ? .         1 
? refinement        ? ? ? ? ? ? ? ? ? ? ? PHENIX      ? ? ? 1.14_3260 2 
? 'data extraction' ? ? ? ? ? ? ? ? ? ? ? PDB_EXTRACT ? ? ? 3.25      3 
? 'data reduction'  ? ? ? ? ? ? ? ? ? ? ? HKL-3000    ? ? ? .         4 
? phasing           ? ? ? ? ? ? ? ? ? ? ? PHASER      ? ? ? .         5 
# 
_pdbx_entry_details.entry_id                 7D7W 
_pdbx_entry_details.has_ligand_of_interest   Y 
_pdbx_entry_details.compound_details         ? 
_pdbx_entry_details.source_details           ? 
_pdbx_entry_details.nonpolymer_details       ? 
_pdbx_entry_details.sequence_details         ? 
# 
loop_
_pdbx_validate_close_contact.id 
_pdbx_validate_close_contact.PDB_model_num 
_pdbx_validate_close_contact.auth_atom_id_1 
_pdbx_validate_close_contact.auth_asym_id_1 
_pdbx_validate_close_contact.auth_comp_id_1 
_pdbx_validate_close_contact.auth_seq_id_1 
_pdbx_validate_close_contact.PDB_ins_code_1 
_pdbx_validate_close_contact.label_alt_id_1 
_pdbx_validate_close_contact.auth_atom_id_2 
_pdbx_validate_close_contact.auth_asym_id_2 
_pdbx_validate_close_contact.auth_comp_id_2 
_pdbx_validate_close_contact.auth_seq_id_2 
_pdbx_validate_close_contact.PDB_ins_code_2 
_pdbx_validate_close_contact.label_alt_id_2 
_pdbx_validate_close_contact.dist 
1 1 O A HOH 231 ? ? O A HOH 239 ? ? 1.25 
2 1 O A HOH 215 ? ? O A HOH 236 ? ? 1.73 
3 1 O A HOH 227 ? ? O A HOH 240 ? ? 1.92 
4 1 O A HOH 210 ? ? O A HOH 234 ? ? 1.96 
5 1 O A HOH 205 ? ? O A HOH 221 ? ? 2.10 
# 
loop_
_pdbx_validate_symm_contact.id 
_pdbx_validate_symm_contact.PDB_model_num 
_pdbx_validate_symm_contact.auth_atom_id_1 
_pdbx_validate_symm_contact.auth_asym_id_1 
_pdbx_validate_symm_contact.auth_comp_id_1 
_pdbx_validate_symm_contact.auth_seq_id_1 
_pdbx_validate_symm_contact.PDB_ins_code_1 
_pdbx_validate_symm_contact.label_alt_id_1 
_pdbx_validate_symm_contact.site_symmetry_1 
_pdbx_validate_symm_contact.auth_atom_id_2 
_pdbx_validate_symm_contact.auth_asym_id_2 
_pdbx_validate_symm_contact.auth_comp_id_2 
_pdbx_validate_symm_contact.auth_seq_id_2 
_pdbx_validate_symm_contact.PDB_ins_code_2 
_pdbx_validate_symm_contact.label_alt_id_2 
_pdbx_validate_symm_contact.site_symmetry_2 
_pdbx_validate_symm_contact.dist 
1 1 O A HOH 234 ? ? 1_555 O A HOH 242 ? ? 8_444 1.96 
2 1 O A HOH 239 ? ? 1_555 O A HOH 241 ? ? 8_444 2.02 
3 1 O A HOH 231 ? ? 1_555 O A HOH 241 ? ? 8_444 2.08 
# 
loop_
_pdbx_unobs_or_zero_occ_atoms.id 
_pdbx_unobs_or_zero_occ_atoms.PDB_model_num 
_pdbx_unobs_or_zero_occ_atoms.polymer_flag 
_pdbx_unobs_or_zero_occ_atoms.occupancy_flag 
_pdbx_unobs_or_zero_occ_atoms.auth_asym_id 
_pdbx_unobs_or_zero_occ_atoms.auth_comp_id 
_pdbx_unobs_or_zero_occ_atoms.auth_seq_id 
_pdbx_unobs_or_zero_occ_atoms.PDB_ins_code 
_pdbx_unobs_or_zero_occ_atoms.auth_atom_id 
_pdbx_unobs_or_zero_occ_atoms.label_alt_id 
_pdbx_unobs_or_zero_occ_atoms.label_asym_id 
_pdbx_unobs_or_zero_occ_atoms.label_comp_id 
_pdbx_unobs_or_zero_occ_atoms.label_seq_id 
_pdbx_unobs_or_zero_occ_atoms.label_atom_id 
1 1 N 1 A GTP 101 ? PG  ? B GTP 1 PG  
2 1 N 1 A GTP 101 ? O1G ? B GTP 1 O1G 
3 1 N 1 A GTP 101 ? O2G ? B GTP 1 O2G 
4 1 N 1 A GTP 101 ? O3G ? B GTP 1 O3G 
# 
loop_
_chem_comp_atom.comp_id 
_chem_comp_atom.atom_id 
_chem_comp_atom.type_symbol 
_chem_comp_atom.pdbx_aromatic_flag 
_chem_comp_atom.pdbx_stereo_config 
_chem_comp_atom.pdbx_ordinal 
A   OP3    O  N N 1   
A   P      P  N N 2   
A   OP1    O  N N 3   
A   OP2    O  N N 4   
A   "O5'"  O  N N 5   
A   "C5'"  C  N N 6   
A   "C4'"  C  N R 7   
A   "O4'"  O  N N 8   
A   "C3'"  C  N S 9   
A   "O3'"  O  N N 10  
A   "C2'"  C  N R 11  
A   "O2'"  O  N N 12  
A   "C1'"  C  N R 13  
A   N9     N  Y N 14  
A   C8     C  Y N 15  
A   N7     N  Y N 16  
A   C5     C  Y N 17  
A   C6     C  Y N 18  
A   N6     N  N N 19  
A   N1     N  Y N 20  
A   C2     C  Y N 21  
A   N3     N  Y N 22  
A   C4     C  Y N 23  
A   HOP3   H  N N 24  
A   HOP2   H  N N 25  
A   "H5'"  H  N N 26  
A   "H5''" H  N N 27  
A   "H4'"  H  N N 28  
A   "H3'"  H  N N 29  
A   "HO3'" H  N N 30  
A   "H2'"  H  N N 31  
A   "HO2'" H  N N 32  
A   "H1'"  H  N N 33  
A   H8     H  N N 34  
A   H61    H  N N 35  
A   H62    H  N N 36  
A   H2     H  N N 37  
C   OP3    O  N N 38  
C   P      P  N N 39  
C   OP1    O  N N 40  
C   OP2    O  N N 41  
C   "O5'"  O  N N 42  
C   "C5'"  C  N N 43  
C   "C4'"  C  N R 44  
C   "O4'"  O  N N 45  
C   "C3'"  C  N S 46  
C   "O3'"  O  N N 47  
C   "C2'"  C  N R 48  
C   "O2'"  O  N N 49  
C   "C1'"  C  N R 50  
C   N1     N  N N 51  
C   C2     C  N N 52  
C   O2     O  N N 53  
C   N3     N  N N 54  
C   C4     C  N N 55  
C   N4     N  N N 56  
C   C5     C  N N 57  
C   C6     C  N N 58  
C   HOP3   H  N N 59  
C   HOP2   H  N N 60  
C   "H5'"  H  N N 61  
C   "H5''" H  N N 62  
C   "H4'"  H  N N 63  
C   "H3'"  H  N N 64  
C   "HO3'" H  N N 65  
C   "H2'"  H  N N 66  
C   "HO2'" H  N N 67  
C   "H1'"  H  N N 68  
C   H41    H  N N 69  
C   H42    H  N N 70  
C   H5     H  N N 71  
C   H6     H  N N 72  
G   OP3    O  N N 73  
G   P      P  N N 74  
G   OP1    O  N N 75  
G   OP2    O  N N 76  
G   "O5'"  O  N N 77  
G   "C5'"  C  N N 78  
G   "C4'"  C  N R 79  
G   "O4'"  O  N N 80  
G   "C3'"  C  N S 81  
G   "O3'"  O  N N 82  
G   "C2'"  C  N R 83  
G   "O2'"  O  N N 84  
G   "C1'"  C  N R 85  
G   N9     N  Y N 86  
G   C8     C  Y N 87  
G   N7     N  Y N 88  
G   C5     C  Y N 89  
G   C6     C  N N 90  
G   O6     O  N N 91  
G   N1     N  N N 92  
G   C2     C  N N 93  
G   N2     N  N N 94  
G   N3     N  N N 95  
G   C4     C  Y N 96  
G   HOP3   H  N N 97  
G   HOP2   H  N N 98  
G   "H5'"  H  N N 99  
G   "H5''" H  N N 100 
G   "H4'"  H  N N 101 
G   "H3'"  H  N N 102 
G   "HO3'" H  N N 103 
G   "H2'"  H  N N 104 
G   "HO2'" H  N N 105 
G   "H1'"  H  N N 106 
G   H8     H  N N 107 
G   H1     H  N N 108 
G   H21    H  N N 109 
G   H22    H  N N 110 
GTP PG     P  N N 111 
GTP O1G    O  N N 112 
GTP O2G    O  N N 113 
GTP O3G    O  N N 114 
GTP O3B    O  N N 115 
GTP PB     P  N N 116 
GTP O1B    O  N N 117 
GTP O2B    O  N N 118 
GTP O3A    O  N N 119 
GTP PA     P  N N 120 
GTP O1A    O  N N 121 
GTP O2A    O  N N 122 
GTP "O5'"  O  N N 123 
GTP "C5'"  C  N N 124 
GTP "C4'"  C  N R 125 
GTP "O4'"  O  N N 126 
GTP "C3'"  C  N S 127 
GTP "O3'"  O  N N 128 
GTP "C2'"  C  N R 129 
GTP "O2'"  O  N N 130 
GTP "C1'"  C  N R 131 
GTP N9     N  Y N 132 
GTP C8     C  Y N 133 
GTP N7     N  Y N 134 
GTP C5     C  Y N 135 
GTP C6     C  N N 136 
GTP O6     O  N N 137 
GTP N1     N  N N 138 
GTP C2     C  N N 139 
GTP N2     N  N N 140 
GTP N3     N  N N 141 
GTP C4     C  Y N 142 
GTP HOG2   H  N N 143 
GTP HOG3   H  N N 144 
GTP HOB2   H  N N 145 
GTP HOA2   H  N N 146 
GTP "H5'"  H  N N 147 
GTP "H5''" H  N N 148 
GTP "H4'"  H  N N 149 
GTP "H3'"  H  N N 150 
GTP "HO3'" H  N N 151 
GTP "H2'"  H  N N 152 
GTP "HO2'" H  N N 153 
GTP "H1'"  H  N N 154 
GTP H8     H  N N 155 
GTP HN1    H  N N 156 
GTP HN21   H  N N 157 
GTP HN22   H  N N 158 
HOH O      O  N N 159 
HOH H1     H  N N 160 
HOH H2     H  N N 161 
MG  MG     MG N N 162 
NAD PA     P  N S 163 
NAD O1A    O  N N 164 
NAD O2A    O  N N 165 
NAD O5B    O  N N 166 
NAD C5B    C  N N 167 
NAD C4B    C  N R 168 
NAD O4B    O  N N 169 
NAD C3B    C  N S 170 
NAD O3B    O  N N 171 
NAD C2B    C  N R 172 
NAD O2B    O  N N 173 
NAD C1B    C  N R 174 
NAD N9A    N  Y N 175 
NAD C8A    C  Y N 176 
NAD N7A    N  Y N 177 
NAD C5A    C  Y N 178 
NAD C6A    C  Y N 179 
NAD N6A    N  N N 180 
NAD N1A    N  Y N 181 
NAD C2A    C  Y N 182 
NAD N3A    N  Y N 183 
NAD C4A    C  Y N 184 
NAD O3     O  N N 185 
NAD PN     P  N N 186 
NAD O1N    O  N N 187 
NAD O2N    O  N N 188 
NAD O5D    O  N N 189 
NAD C5D    C  N N 190 
NAD C4D    C  N R 191 
NAD O4D    O  N N 192 
NAD C3D    C  N S 193 
NAD O3D    O  N N 194 
NAD C2D    C  N R 195 
NAD O2D    O  N N 196 
NAD C1D    C  N R 197 
NAD N1N    N  Y N 198 
NAD C2N    C  Y N 199 
NAD C3N    C  Y N 200 
NAD C7N    C  N N 201 
NAD O7N    O  N N 202 
NAD N7N    N  N N 203 
NAD C4N    C  Y N 204 
NAD C5N    C  Y N 205 
NAD C6N    C  Y N 206 
NAD HOA2   H  N N 207 
NAD H51A   H  N N 208 
NAD H52A   H  N N 209 
NAD H4B    H  N N 210 
NAD H3B    H  N N 211 
NAD HO3A   H  N N 212 
NAD H2B    H  N N 213 
NAD HO2A   H  N N 214 
NAD H1B    H  N N 215 
NAD H8A    H  N N 216 
NAD H61A   H  N N 217 
NAD H62A   H  N N 218 
NAD H2A    H  N N 219 
NAD H51N   H  N N 220 
NAD H52N   H  N N 221 
NAD H4D    H  N N 222 
NAD H3D    H  N N 223 
NAD HO3N   H  N N 224 
NAD H2D    H  N N 225 
NAD HO2N   H  N N 226 
NAD H1D    H  N N 227 
NAD H2N    H  N N 228 
NAD H71N   H  N N 229 
NAD H72N   H  N N 230 
NAD H4N    H  N N 231 
NAD H5N    H  N N 232 
NAD H6N    H  N N 233 
U   OP3    O  N N 234 
U   P      P  N N 235 
U   OP1    O  N N 236 
U   OP2    O  N N 237 
U   "O5'"  O  N N 238 
U   "C5'"  C  N N 239 
U   "C4'"  C  N R 240 
U   "O4'"  O  N N 241 
U   "C3'"  C  N S 242 
U   "O3'"  O  N N 243 
U   "C2'"  C  N R 244 
U   "O2'"  O  N N 245 
U   "C1'"  C  N R 246 
U   N1     N  N N 247 
U   C2     C  N N 248 
U   O2     O  N N 249 
U   N3     N  N N 250 
U   C4     C  N N 251 
U   O4     O  N N 252 
U   C5     C  N N 253 
U   C6     C  N N 254 
U   HOP3   H  N N 255 
U   HOP2   H  N N 256 
U   "H5'"  H  N N 257 
U   "H5''" H  N N 258 
U   "H4'"  H  N N 259 
U   "H3'"  H  N N 260 
U   "HO3'" H  N N 261 
U   "H2'"  H  N N 262 
U   "HO2'" H  N N 263 
U   "H1'"  H  N N 264 
U   H3     H  N N 265 
U   H5     H  N N 266 
U   H6     H  N N 267 
# 
loop_
_chem_comp_bond.comp_id 
_chem_comp_bond.atom_id_1 
_chem_comp_bond.atom_id_2 
_chem_comp_bond.value_order 
_chem_comp_bond.pdbx_aromatic_flag 
_chem_comp_bond.pdbx_stereo_config 
_chem_comp_bond.pdbx_ordinal 
A   OP3   P      sing N N 1   
A   OP3   HOP3   sing N N 2   
A   P     OP1    doub N N 3   
A   P     OP2    sing N N 4   
A   P     "O5'"  sing N N 5   
A   OP2   HOP2   sing N N 6   
A   "O5'" "C5'"  sing N N 7   
A   "C5'" "C4'"  sing N N 8   
A   "C5'" "H5'"  sing N N 9   
A   "C5'" "H5''" sing N N 10  
A   "C4'" "O4'"  sing N N 11  
A   "C4'" "C3'"  sing N N 12  
A   "C4'" "H4'"  sing N N 13  
A   "O4'" "C1'"  sing N N 14  
A   "C3'" "O3'"  sing N N 15  
A   "C3'" "C2'"  sing N N 16  
A   "C3'" "H3'"  sing N N 17  
A   "O3'" "HO3'" sing N N 18  
A   "C2'" "O2'"  sing N N 19  
A   "C2'" "C1'"  sing N N 20  
A   "C2'" "H2'"  sing N N 21  
A   "O2'" "HO2'" sing N N 22  
A   "C1'" N9     sing N N 23  
A   "C1'" "H1'"  sing N N 24  
A   N9    C8     sing Y N 25  
A   N9    C4     sing Y N 26  
A   C8    N7     doub Y N 27  
A   C8    H8     sing N N 28  
A   N7    C5     sing Y N 29  
A   C5    C6     sing Y N 30  
A   C5    C4     doub Y N 31  
A   C6    N6     sing N N 32  
A   C6    N1     doub Y N 33  
A   N6    H61    sing N N 34  
A   N6    H62    sing N N 35  
A   N1    C2     sing Y N 36  
A   C2    N3     doub Y N 37  
A   C2    H2     sing N N 38  
A   N3    C4     sing Y N 39  
C   OP3   P      sing N N 40  
C   OP3   HOP3   sing N N 41  
C   P     OP1    doub N N 42  
C   P     OP2    sing N N 43  
C   P     "O5'"  sing N N 44  
C   OP2   HOP2   sing N N 45  
C   "O5'" "C5'"  sing N N 46  
C   "C5'" "C4'"  sing N N 47  
C   "C5'" "H5'"  sing N N 48  
C   "C5'" "H5''" sing N N 49  
C   "C4'" "O4'"  sing N N 50  
C   "C4'" "C3'"  sing N N 51  
C   "C4'" "H4'"  sing N N 52  
C   "O4'" "C1'"  sing N N 53  
C   "C3'" "O3'"  sing N N 54  
C   "C3'" "C2'"  sing N N 55  
C   "C3'" "H3'"  sing N N 56  
C   "O3'" "HO3'" sing N N 57  
C   "C2'" "O2'"  sing N N 58  
C   "C2'" "C1'"  sing N N 59  
C   "C2'" "H2'"  sing N N 60  
C   "O2'" "HO2'" sing N N 61  
C   "C1'" N1     sing N N 62  
C   "C1'" "H1'"  sing N N 63  
C   N1    C2     sing N N 64  
C   N1    C6     sing N N 65  
C   C2    O2     doub N N 66  
C   C2    N3     sing N N 67  
C   N3    C4     doub N N 68  
C   C4    N4     sing N N 69  
C   C4    C5     sing N N 70  
C   N4    H41    sing N N 71  
C   N4    H42    sing N N 72  
C   C5    C6     doub N N 73  
C   C5    H5     sing N N 74  
C   C6    H6     sing N N 75  
G   OP3   P      sing N N 76  
G   OP3   HOP3   sing N N 77  
G   P     OP1    doub N N 78  
G   P     OP2    sing N N 79  
G   P     "O5'"  sing N N 80  
G   OP2   HOP2   sing N N 81  
G   "O5'" "C5'"  sing N N 82  
G   "C5'" "C4'"  sing N N 83  
G   "C5'" "H5'"  sing N N 84  
G   "C5'" "H5''" sing N N 85  
G   "C4'" "O4'"  sing N N 86  
G   "C4'" "C3'"  sing N N 87  
G   "C4'" "H4'"  sing N N 88  
G   "O4'" "C1'"  sing N N 89  
G   "C3'" "O3'"  sing N N 90  
G   "C3'" "C2'"  sing N N 91  
G   "C3'" "H3'"  sing N N 92  
G   "O3'" "HO3'" sing N N 93  
G   "C2'" "O2'"  sing N N 94  
G   "C2'" "C1'"  sing N N 95  
G   "C2'" "H2'"  sing N N 96  
G   "O2'" "HO2'" sing N N 97  
G   "C1'" N9     sing N N 98  
G   "C1'" "H1'"  sing N N 99  
G   N9    C8     sing Y N 100 
G   N9    C4     sing Y N 101 
G   C8    N7     doub Y N 102 
G   C8    H8     sing N N 103 
G   N7    C5     sing Y N 104 
G   C5    C6     sing N N 105 
G   C5    C4     doub Y N 106 
G   C6    O6     doub N N 107 
G   C6    N1     sing N N 108 
G   N1    C2     sing N N 109 
G   N1    H1     sing N N 110 
G   C2    N2     sing N N 111 
G   C2    N3     doub N N 112 
G   N2    H21    sing N N 113 
G   N2    H22    sing N N 114 
G   N3    C4     sing N N 115 
GTP PG    O1G    doub N N 116 
GTP PG    O2G    sing N N 117 
GTP PG    O3G    sing N N 118 
GTP PG    O3B    sing N N 119 
GTP O2G   HOG2   sing N N 120 
GTP O3G   HOG3   sing N N 121 
GTP O3B   PB     sing N N 122 
GTP PB    O1B    doub N N 123 
GTP PB    O2B    sing N N 124 
GTP PB    O3A    sing N N 125 
GTP O2B   HOB2   sing N N 126 
GTP O3A   PA     sing N N 127 
GTP PA    O1A    doub N N 128 
GTP PA    O2A    sing N N 129 
GTP PA    "O5'"  sing N N 130 
GTP O2A   HOA2   sing N N 131 
GTP "O5'" "C5'"  sing N N 132 
GTP "C5'" "C4'"  sing N N 133 
GTP "C5'" "H5'"  sing N N 134 
GTP "C5'" "H5''" sing N N 135 
GTP "C4'" "O4'"  sing N N 136 
GTP "C4'" "C3'"  sing N N 137 
GTP "C4'" "H4'"  sing N N 138 
GTP "O4'" "C1'"  sing N N 139 
GTP "C3'" "O3'"  sing N N 140 
GTP "C3'" "C2'"  sing N N 141 
GTP "C3'" "H3'"  sing N N 142 
GTP "O3'" "HO3'" sing N N 143 
GTP "C2'" "O2'"  sing N N 144 
GTP "C2'" "C1'"  sing N N 145 
GTP "C2'" "H2'"  sing N N 146 
GTP "O2'" "HO2'" sing N N 147 
GTP "C1'" N9     sing N N 148 
GTP "C1'" "H1'"  sing N N 149 
GTP N9    C8     sing Y N 150 
GTP N9    C4     sing Y N 151 
GTP C8    N7     doub Y N 152 
GTP C8    H8     sing N N 153 
GTP N7    C5     sing Y N 154 
GTP C5    C6     sing N N 155 
GTP C5    C4     doub Y N 156 
GTP C6    O6     doub N N 157 
GTP C6    N1     sing N N 158 
GTP N1    C2     sing N N 159 
GTP N1    HN1    sing N N 160 
GTP C2    N2     sing N N 161 
GTP C2    N3     doub N N 162 
GTP N2    HN21   sing N N 163 
GTP N2    HN22   sing N N 164 
GTP N3    C4     sing N N 165 
HOH O     H1     sing N N 166 
HOH O     H2     sing N N 167 
NAD PA    O1A    doub N N 168 
NAD PA    O2A    sing N N 169 
NAD PA    O5B    sing N N 170 
NAD PA    O3     sing N N 171 
NAD O2A   HOA2   sing N N 172 
NAD O5B   C5B    sing N N 173 
NAD C5B   C4B    sing N N 174 
NAD C5B   H51A   sing N N 175 
NAD C5B   H52A   sing N N 176 
NAD C4B   O4B    sing N N 177 
NAD C4B   C3B    sing N N 178 
NAD C4B   H4B    sing N N 179 
NAD O4B   C1B    sing N N 180 
NAD C3B   O3B    sing N N 181 
NAD C3B   C2B    sing N N 182 
NAD C3B   H3B    sing N N 183 
NAD O3B   HO3A   sing N N 184 
NAD C2B   O2B    sing N N 185 
NAD C2B   C1B    sing N N 186 
NAD C2B   H2B    sing N N 187 
NAD O2B   HO2A   sing N N 188 
NAD C1B   N9A    sing N N 189 
NAD C1B   H1B    sing N N 190 
NAD N9A   C8A    sing Y N 191 
NAD N9A   C4A    sing Y N 192 
NAD C8A   N7A    doub Y N 193 
NAD C8A   H8A    sing N N 194 
NAD N7A   C5A    sing Y N 195 
NAD C5A   C6A    sing Y N 196 
NAD C5A   C4A    doub Y N 197 
NAD C6A   N6A    sing N N 198 
NAD C6A   N1A    doub Y N 199 
NAD N6A   H61A   sing N N 200 
NAD N6A   H62A   sing N N 201 
NAD N1A   C2A    sing Y N 202 
NAD C2A   N3A    doub Y N 203 
NAD C2A   H2A    sing N N 204 
NAD N3A   C4A    sing Y N 205 
NAD O3    PN     sing N N 206 
NAD PN    O1N    doub N N 207 
NAD PN    O2N    sing N N 208 
NAD PN    O5D    sing N N 209 
NAD O5D   C5D    sing N N 210 
NAD C5D   C4D    sing N N 211 
NAD C5D   H51N   sing N N 212 
NAD C5D   H52N   sing N N 213 
NAD C4D   O4D    sing N N 214 
NAD C4D   C3D    sing N N 215 
NAD C4D   H4D    sing N N 216 
NAD O4D   C1D    sing N N 217 
NAD C3D   O3D    sing N N 218 
NAD C3D   C2D    sing N N 219 
NAD C3D   H3D    sing N N 220 
NAD O3D   HO3N   sing N N 221 
NAD C2D   O2D    sing N N 222 
NAD C2D   C1D    sing N N 223 
NAD C2D   H2D    sing N N 224 
NAD O2D   HO2N   sing N N 225 
NAD C1D   N1N    sing N N 226 
NAD C1D   H1D    sing N N 227 
NAD N1N   C2N    sing Y N 228 
NAD N1N   C6N    doub Y N 229 
NAD C2N   C3N    doub Y N 230 
NAD C2N   H2N    sing N N 231 
NAD C3N   C7N    sing N N 232 
NAD C3N   C4N    sing Y N 233 
NAD C7N   O7N    doub N N 234 
NAD C7N   N7N    sing N N 235 
NAD N7N   H71N   sing N N 236 
NAD N7N   H72N   sing N N 237 
NAD C4N   C5N    doub Y N 238 
NAD C4N   H4N    sing N N 239 
NAD C5N   C6N    sing Y N 240 
NAD C5N   H5N    sing N N 241 
NAD C6N   H6N    sing N N 242 
U   OP3   P      sing N N 243 
U   OP3   HOP3   sing N N 244 
U   P     OP1    doub N N 245 
U   P     OP2    sing N N 246 
U   P     "O5'"  sing N N 247 
U   OP2   HOP2   sing N N 248 
U   "O5'" "C5'"  sing N N 249 
U   "C5'" "C4'"  sing N N 250 
U   "C5'" "H5'"  sing N N 251 
U   "C5'" "H5''" sing N N 252 
U   "C4'" "O4'"  sing N N 253 
U   "C4'" "C3'"  sing N N 254 
U   "C4'" "H4'"  sing N N 255 
U   "O4'" "C1'"  sing N N 256 
U   "C3'" "O3'"  sing N N 257 
U   "C3'" "C2'"  sing N N 258 
U   "C3'" "H3'"  sing N N 259 
U   "O3'" "HO3'" sing N N 260 
U   "C2'" "O2'"  sing N N 261 
U   "C2'" "C1'"  sing N N 262 
U   "C2'" "H2'"  sing N N 263 
U   "O2'" "HO2'" sing N N 264 
U   "C1'" N1     sing N N 265 
U   "C1'" "H1'"  sing N N 266 
U   N1    C2     sing N N 267 
U   N1    C6     sing N N 268 
U   C2    O2     doub N N 269 
U   C2    N3     sing N N 270 
U   N3    C4     sing N N 271 
U   N3    H3     sing N N 272 
U   C4    O4     doub N N 273 
U   C4    C5     sing N N 274 
U   C5    C6     doub N N 275 
U   C5    H5     sing N N 276 
U   C6    H6     sing N N 277 
# 
loop_
_ndb_struct_conf_na.entry_id 
_ndb_struct_conf_na.feature 
7D7W 'double helix'         
7D7W 'a-form double helix'  
7D7W tetraloop              
7D7W 'bulge loop'           
7D7W 'mismatched base pair' 
7D7W 'internal loop'        
# 
loop_
_ndb_struct_na_base_pair.model_number 
_ndb_struct_na_base_pair.i_label_asym_id 
_ndb_struct_na_base_pair.i_label_comp_id 
_ndb_struct_na_base_pair.i_label_seq_id 
_ndb_struct_na_base_pair.i_symmetry 
_ndb_struct_na_base_pair.j_label_asym_id 
_ndb_struct_na_base_pair.j_label_comp_id 
_ndb_struct_na_base_pair.j_label_seq_id 
_ndb_struct_na_base_pair.j_symmetry 
_ndb_struct_na_base_pair.shear 
_ndb_struct_na_base_pair.stretch 
_ndb_struct_na_base_pair.stagger 
_ndb_struct_na_base_pair.buckle 
_ndb_struct_na_base_pair.propeller 
_ndb_struct_na_base_pair.opening 
_ndb_struct_na_base_pair.pair_number 
_ndb_struct_na_base_pair.pair_name 
_ndb_struct_na_base_pair.i_auth_asym_id 
_ndb_struct_na_base_pair.i_auth_seq_id 
_ndb_struct_na_base_pair.i_PDB_ins_code 
_ndb_struct_na_base_pair.j_auth_asym_id 
_ndb_struct_na_base_pair.j_auth_seq_id 
_ndb_struct_na_base_pair.j_PDB_ins_code 
_ndb_struct_na_base_pair.hbond_type_28 
_ndb_struct_na_base_pair.hbond_type_12 
1 A G 1  1_555 A C 50 1_555 -0.714 -0.360 0.403  0.168   -14.171 4.428   1  A_G2:C51_A  A 2  ? A 51 ? 19 1  
1 A C 2  1_555 A G 49 1_555 -0.350 -0.308 0.344  -0.841  -13.911 -2.392  2  A_C3:G50_A  A 3  ? A 50 ? 19 1  
1 A U 3  1_555 A A 48 1_555 -0.426 -0.119 0.245  -5.429  -16.828 0.948   3  A_U4:A49_A  A 4  ? A 49 ? 20 1  
1 A U 4  1_555 A G 47 1_555 2.133  -0.474 0.253  4.740   -12.401 -1.206  4  A_U5:G48_A  A 5  ? A 48 ? 28 1  
1 A C 5  1_555 A G 46 1_555 0.008  -0.088 0.048  10.209  -21.872 -0.559  5  A_C6:G47_A  A 6  ? A 47 ? 19 1  
1 A A 6  1_555 A U 45 1_555 0.028  -0.084 0.225  3.587   -10.323 -3.601  6  A_A7:U46_A  A 7  ? A 46 ? 20 1  
1 A G 15 1_555 A C 44 1_555 0.041  -0.185 -0.115 -16.875 -20.012 0.768   7  A_G16:C45_A A 16 ? A 45 ? 19 1  
1 A U 16 1_555 A A 43 1_555 -0.362 -0.214 0.243  -13.548 -12.525 -0.731  8  A_U17:A44_A A 17 ? A 44 ? 20 1  
1 A A 17 1_555 A U 42 1_555 0.211  0.007  0.096  -2.089  -8.880  3.363   9  A_A18:U43_A A 18 ? A 43 ? 20 1  
1 A G 18 1_555 A C 41 1_555 -0.279 -0.298 -0.002 -1.696  -11.812 4.102   10 A_G19:C42_A A 19 ? A 42 ? 19 1  
1 A G 19 1_555 A C 40 1_555 -0.691 -0.261 0.075  -10.485 -18.358 0.250   11 A_G20:C41_A A 20 ? A 41 ? 19 1  
1 A U 20 1_555 A A 39 1_555 0.509  -0.262 0.085  -0.433  -18.726 5.418   12 A_U21:A40_A A 21 ? A 40 ? 20 1  
1 A G 21 1_555 A C 38 1_555 -0.118 -0.156 0.179  3.143   -1.654  -0.187  13 A_G22:C39_A A 22 ? A 39 ? 19 1  
1 A G 22 1_555 A C 36 1_555 -0.335 0.144  0.284  4.629   -2.187  1.817   14 A_G23:C37_A A 23 ? A 37 ? 19 1  
1 A G 23 1_555 A A 34 1_555 -0.454 1.869  -0.197 -0.896  -11.537 -17.664 15 A_G24:A35_A A 24 ? A 35 ? 8  1  
1 A G 24 1_555 A C 33 1_555 -0.437 -0.186 0.424  3.474   -16.221 -2.357  16 A_G25:C34_A A 25 ? A 34 ? 19 1  
1 A A 25 1_555 A U 32 1_555 0.170  -0.114 0.086  7.387   -22.273 2.243   17 A_A26:U33_A A 26 ? A 33 ? 20 1  
1 A C 26 1_555 A G 31 1_555 0.366  -0.110 -0.094 6.860   -11.811 4.107   18 A_C27:G32_A A 27 ? A 32 ? 19 1  
1 A G 27 1_555 A A 30 1_555 7.013  -5.054 0.408  19.714  -2.788  -17.104 19 A_G28:A31_A A 28 ? A 31 ? 11 10 
1 A C 12 1_555 A G 37 1_555 0.226  -0.182 -0.082 10.046  -5.207  -0.164  20 A_C13:G38_A A 13 ? A 38 ? 19 1  
1 A C 13 1_555 A G 35 1_555 0.395  -0.105 -0.110 -0.105  -5.421  1.061   21 A_C14:G36_A A 14 ? A 36 ? 19 1  
# 
loop_
_ndb_struct_na_base_pair_step.model_number 
_ndb_struct_na_base_pair_step.i_label_asym_id_1 
_ndb_struct_na_base_pair_step.i_label_comp_id_1 
_ndb_struct_na_base_pair_step.i_label_seq_id_1 
_ndb_struct_na_base_pair_step.i_symmetry_1 
_ndb_struct_na_base_pair_step.j_label_asym_id_1 
_ndb_struct_na_base_pair_step.j_label_comp_id_1 
_ndb_struct_na_base_pair_step.j_label_seq_id_1 
_ndb_struct_na_base_pair_step.j_symmetry_1 
_ndb_struct_na_base_pair_step.i_label_asym_id_2 
_ndb_struct_na_base_pair_step.i_label_comp_id_2 
_ndb_struct_na_base_pair_step.i_label_seq_id_2 
_ndb_struct_na_base_pair_step.i_symmetry_2 
_ndb_struct_na_base_pair_step.j_label_asym_id_2 
_ndb_struct_na_base_pair_step.j_label_comp_id_2 
_ndb_struct_na_base_pair_step.j_label_seq_id_2 
_ndb_struct_na_base_pair_step.j_symmetry_2 
_ndb_struct_na_base_pair_step.shift 
_ndb_struct_na_base_pair_step.slide 
_ndb_struct_na_base_pair_step.rise 
_ndb_struct_na_base_pair_step.tilt 
_ndb_struct_na_base_pair_step.roll 
_ndb_struct_na_base_pair_step.twist 
_ndb_struct_na_base_pair_step.x_displacement 
_ndb_struct_na_base_pair_step.y_displacement 
_ndb_struct_na_base_pair_step.helical_rise 
_ndb_struct_na_base_pair_step.inclination 
_ndb_struct_na_base_pair_step.tip 
_ndb_struct_na_base_pair_step.helical_twist 
_ndb_struct_na_base_pair_step.step_number 
_ndb_struct_na_base_pair_step.step_name 
_ndb_struct_na_base_pair_step.i_auth_asym_id_1 
_ndb_struct_na_base_pair_step.i_auth_seq_id_1 
_ndb_struct_na_base_pair_step.i_PDB_ins_code_1 
_ndb_struct_na_base_pair_step.j_auth_asym_id_1 
_ndb_struct_na_base_pair_step.j_auth_seq_id_1 
_ndb_struct_na_base_pair_step.j_PDB_ins_code_1 
_ndb_struct_na_base_pair_step.i_auth_asym_id_2 
_ndb_struct_na_base_pair_step.i_auth_seq_id_2 
_ndb_struct_na_base_pair_step.i_PDB_ins_code_2 
_ndb_struct_na_base_pair_step.j_auth_asym_id_2 
_ndb_struct_na_base_pair_step.j_auth_seq_id_2 
_ndb_struct_na_base_pair_step.j_PDB_ins_code_2 
1 A G 1  1_555 A C 50 1_555 A C 2  1_555 A G 49 1_555 -0.741 -1.722 3.175 -2.286 3.006  33.685 -3.416  0.921  3.057 5.167  3.929  
33.890 1  AA_G2C3:G50C51_AA   A 2  ? A 51 ? A 3  ? A 50 ? 
1 A C 2  1_555 A G 49 1_555 A U 3  1_555 A A 48 1_555 -0.036 -1.481 3.376 -0.777 5.488  32.031 -3.602  -0.071 3.086 9.854  1.394  
32.495 2  AA_C3U4:A49G50_AA   A 3  ? A 50 ? A 4  ? A 49 ? 
1 A U 3  1_555 A A 48 1_555 A U 4  1_555 A G 47 1_555 -0.035 -0.938 3.021 -0.272 1.209  42.567 -1.403  0.023  2.995 1.665  0.374  
42.584 3  AA_U4U5:G48A49_AA   A 4  ? A 49 ? A 5  ? A 48 ? 
1 A U 4  1_555 A G 47 1_555 A C 5  1_555 A G 46 1_555 0.114  -2.605 2.761 2.806  8.683  18.913 -9.639  0.491  1.439 24.650 -7.966 
20.981 4  AA_U5C6:G47G48_AA   A 5  ? A 48 ? A 6  ? A 47 ? 
1 A C 5  1_555 A G 46 1_555 A A 6  1_555 A U 45 1_555 -0.889 -1.194 3.246 -2.182 15.695 37.539 -3.348  1.053  2.610 23.167 3.220  
40.636 5  AA_C6A7:U46G47_AA   A 6  ? A 47 ? A 7  ? A 46 ? 
1 A A 6  1_555 A U 45 1_555 A G 15 1_555 A C 44 1_555 0.516  -2.459 3.695 5.798  11.462 34.579 -5.496  -0.007 2.814 18.511 -9.364 
36.819 6  AA_A7G16:C45U46_AA  A 7  ? A 46 ? A 16 ? A 45 ? 
1 A G 15 1_555 A C 44 1_555 A U 16 1_555 A A 43 1_555 -0.724 -1.852 3.153 -3.065 0.966  30.743 -3.656  0.784  3.150 1.815  5.762  
30.906 7  AA_G16U17:A44C45_AA A 16 ? A 45 ? A 17 ? A 44 ? 
1 A U 16 1_555 A A 43 1_555 A A 17 1_555 A U 42 1_555 0.323  -1.255 2.969 1.976  6.713  33.180 -3.096  -0.277 2.686 11.595 -3.413 
33.889 8  AA_U17A18:U43A44_AA A 17 ? A 44 ? A 18 ? A 43 ? 
1 A A 17 1_555 A U 42 1_555 A G 18 1_555 A C 41 1_555 0.563  -1.635 3.251 1.249  5.385  25.955 -4.911  -0.915 2.882 11.818 -2.741 
26.527 9  AA_A18G19:C42U43_AA A 18 ? A 43 ? A 19 ? A 42 ? 
1 A G 18 1_555 A C 41 1_555 A G 19 1_555 A C 40 1_555 0.428  -2.121 3.348 2.325  6.722  29.962 -5.256  -0.371 2.841 12.776 -4.418 
30.776 10 AA_G19G20:C41C42_AA A 19 ? A 42 ? A 20 ? A 41 ? 
1 A G 19 1_555 A C 40 1_555 A U 20 1_555 A A 39 1_555 -0.206 -1.411 3.112 -0.407 3.526  33.342 -2.986  0.295  2.953 6.124  0.708  
33.525 11 AA_G20U21:A40C41_AA A 20 ? A 41 ? A 21 ? A 40 ? 
1 A U 20 1_555 A A 39 1_555 A G 21 1_555 A C 38 1_555 -0.099 -1.450 3.057 -1.210 8.805  28.754 -4.367  -0.025 2.514 17.218 2.367  
30.068 12 AA_U21G22:C39A40_AA A 21 ? A 40 ? A 22 ? A 39 ? 
1 A G 21 1_555 A C 38 1_555 A G 22 1_555 A C 36 1_555 2.347  -1.431 3.094 1.558  5.584  42.449 -2.478  -3.069 2.972 7.669  -2.140 
42.825 13 AA_G22G23:C37C39_AA A 22 ? A 39 ? A 23 ? A 37 ? 
1 A G 22 1_555 A C 36 1_555 A G 23 1_555 A A 34 1_555 -0.543 -4.284 3.283 1.336  3.714  25.683 -10.457 1.541  2.616 8.293  -2.983 
25.980 14 AA_G23G24:A35C37_AA A 23 ? A 37 ? A 24 ? A 35 ? 
1 A G 23 1_555 A A 34 1_555 A G 24 1_555 A C 33 1_555 0.537  -1.279 3.091 -9.139 6.403  33.586 -2.949  -2.087 2.583 10.719 15.300 
35.340 15 AA_G24G25:C34A35_AA A 24 ? A 35 ? A 25 ? A 34 ? 
1 A G 24 1_555 A C 33 1_555 A A 25 1_555 A U 32 1_555 0.144  -0.879 3.238 1.512  0.869  39.216 -1.411  -0.037 3.222 1.294  -2.252 
39.253 16 AA_G25A26:U33C34_AA A 25 ? A 34 ? A 26 ? A 33 ? 
1 A A 25 1_555 A U 32 1_555 A C 26 1_555 A G 31 1_555 0.508  -1.273 3.340 1.352  3.754  33.995 -2.757  -0.650 3.202 6.393  -2.302 
34.222 17 AA_A26C27:G32U33_AA A 26 ? A 33 ? A 27 ? A 32 ? 
1 A C 26 1_555 A G 31 1_555 A G 27 1_555 A A 30 1_555 -2.506 -0.890 3.087 -2.364 7.639  48.672 -1.604  2.838  3.034 9.197  2.846  
49.285 18 AA_C27G28:A31G32_AA A 27 ? A 32 ? A 28 ? A 31 ? 
1 A C 12 1_555 A G 37 1_555 A C 13 1_555 A G 35 1_555 2.095  -1.569 3.412 2.308  5.010  51.963 -2.126  -2.221 3.342 5.700  -2.625 
52.235 19 AA_C13C14:G36G38_AA A 13 ? A 38 ? A 14 ? A 36 ? 
# 
_pdbx_audit_support.funding_organization   'National Natural Science Foundation of China (NSFC)' 
_pdbx_audit_support.country                China 
_pdbx_audit_support.grant_number           ? 
_pdbx_audit_support.ordinal                1 
# 
loop_
_pdbx_entity_instance_feature.ordinal 
_pdbx_entity_instance_feature.comp_id 
_pdbx_entity_instance_feature.asym_id 
_pdbx_entity_instance_feature.seq_num 
_pdbx_entity_instance_feature.auth_comp_id 
_pdbx_entity_instance_feature.auth_asym_id 
_pdbx_entity_instance_feature.auth_seq_num 
_pdbx_entity_instance_feature.feature_type 
_pdbx_entity_instance_feature.details 
1 MG  ? ? MG  ? ? 'SUBJECT OF INVESTIGATION' ? 
2 NAD ? ? NAD ? ? 'SUBJECT OF INVESTIGATION' ? 
# 
loop_
_pdbx_entity_nonpoly.entity_id 
_pdbx_entity_nonpoly.name 
_pdbx_entity_nonpoly.comp_id 
2 "GUANOSINE-5'-TRIPHOSPHATE"       GTP 
3 NICOTINAMIDE-ADENINE-DINUCLEOTIDE NAD 
4 'MAGNESIUM ION'                   MG  
5 water                             HOH 
# 
_pdbx_initial_refinement_model.id               1 
_pdbx_initial_refinement_model.entity_id_list   ? 
_pdbx_initial_refinement_model.type             'experimental model' 
_pdbx_initial_refinement_model.source_name      PDB 
_pdbx_initial_refinement_model.accession_code   7D7V 
_pdbx_initial_refinement_model.details          ? 
# 
_pdbx_struct_assembly_auth_evidence.id                     1 
_pdbx_struct_assembly_auth_evidence.assembly_id            1 
_pdbx_struct_assembly_auth_evidence.experimental_support   'isothermal titration calorimetry' 
_pdbx_struct_assembly_auth_evidence.details                ? 
# 
